data_5YB9
# 
_entry.id   5YB9 
# 
_audit_conform.dict_name       mmcif_pdbx.dic 
_audit_conform.dict_version    5.380 
_audit_conform.dict_location   http://mmcif.pdb.org/dictionaries/ascii/mmcif_pdbx.dic 
# 
loop_
_database_2.database_id 
_database_2.database_code 
_database_2.pdbx_database_accession 
_database_2.pdbx_DOI 
PDB   5YB9         pdb_00005yb9 10.2210/pdb5yb9/pdb 
WWPDB D_1300003712 ?            ?                   
# 
_pdbx_database_status.status_code                     REL 
_pdbx_database_status.status_code_sf                  REL 
_pdbx_database_status.status_code_mr                  ? 
_pdbx_database_status.entry_id                        5YB9 
_pdbx_database_status.recvd_initial_deposition_date   2017-09-04 
_pdbx_database_status.SG_entry                        N 
_pdbx_database_status.deposit_site                    PDBJ 
_pdbx_database_status.process_site                    PDBJ 
_pdbx_database_status.status_code_cs                  ? 
_pdbx_database_status.methods_development_category    ? 
_pdbx_database_status.pdb_format_compatible           Y 
_pdbx_database_status.status_code_nmr_data            ? 
# 
loop_
_audit_author.name 
_audit_author.pdbx_ordinal 
_audit_author.identifier_ORCID 
'Cho, C.C.'  1 ? 
'Lin, M.H.'  2 ? 
'Chou, C.C.' 3 ? 
'Martin, T.' 4 ? 
'Chen, C.'   5 ? 
'Hsu, C.H.'  6 ? 
# 
_citation.abstract                  ? 
_citation.abstract_id_CAS           ? 
_citation.book_id_ISBN              ? 
_citation.book_publisher            ? 
_citation.book_publisher_city       ? 
_citation.book_title                ? 
_citation.coordinate_linkage        ? 
_citation.country                   UK 
_citation.database_id_Medline       ? 
_citation.details                   ? 
_citation.id                        primary 
_citation.journal_abbrev            'Sci Rep' 
_citation.journal_id_ASTM           ? 
_citation.journal_id_CSD            ? 
_citation.journal_id_ISSN           2045-2322 
_citation.journal_full              ? 
_citation.journal_issue             ? 
_citation.journal_volume            8 
_citation.language                  ? 
_citation.page_first                5410 
_citation.page_last                 5410 
_citation.title                     
'Structural basis of interaction between dimeric cyclophilin 1 and Myb1 transcription factor in Trichomonas vaginalis' 
_citation.year                      2018 
_citation.database_id_CSD           ? 
_citation.pdbx_database_id_DOI      10.1038/s41598-018-23821-5 
_citation.pdbx_database_id_PubMed   29615721 
_citation.unpublished_flag          ? 
# 
loop_
_citation_author.citation_id 
_citation_author.name 
_citation_author.ordinal 
_citation_author.identifier_ORCID 
primary 'Martin, T.'  1  0000-0002-5450-4357 
primary 'Lou, Y.C.'   2  ?                   
primary 'Chou, C.C.'  3  ?                   
primary 'Wei, S.Y.'   4  ?                   
primary 'Sadotra, S.' 5  ?                   
primary 'Cho, C.C.'   6  ?                   
primary 'Lin, M.H.'   7  ?                   
primary 'Tai, J.H.'   8  ?                   
primary 'Hsu, C.H.'   9  ?                   
primary 'Chen, C.'    10 ?                   
# 
_cell.angle_alpha                  90.00 
_cell.angle_alpha_esd              ? 
_cell.angle_beta                   90.00 
_cell.angle_beta_esd               ? 
_cell.angle_gamma                  120.00 
_cell.angle_gamma_esd              ? 
_cell.entry_id                     5YB9 
_cell.details                      ? 
_cell.formula_units_Z              ? 
_cell.length_a                     38.505 
_cell.length_a_esd                 ? 
_cell.length_b                     38.505 
_cell.length_b_esd                 ? 
_cell.length_c                     365.697 
_cell.length_c_esd                 ? 
_cell.volume                       ? 
_cell.volume_esd                   ? 
_cell.Z_PDB                        12 
_cell.reciprocal_angle_alpha       ? 
_cell.reciprocal_angle_beta        ? 
_cell.reciprocal_angle_gamma       ? 
_cell.reciprocal_angle_alpha_esd   ? 
_cell.reciprocal_angle_beta_esd    ? 
_cell.reciprocal_angle_gamma_esd   ? 
_cell.reciprocal_length_a          ? 
_cell.reciprocal_length_b          ? 
_cell.reciprocal_length_c          ? 
_cell.reciprocal_length_a_esd      ? 
_cell.reciprocal_length_b_esd      ? 
_cell.reciprocal_length_c_esd      ? 
_cell.pdbx_unique_axis             ? 
# 
_symmetry.entry_id                         5YB9 
_symmetry.cell_setting                     ? 
_symmetry.Int_Tables_number                178 
_symmetry.space_group_name_Hall            ? 
_symmetry.space_group_name_H-M             'P 61 2 2' 
_symmetry.pdbx_full_space_group_name_H-M   ? 
# 
loop_
_entity.id 
_entity.type 
_entity.src_method 
_entity.pdbx_description 
_entity.formula_weight 
_entity.pdbx_number_of_molecules 
_entity.pdbx_ec 
_entity.pdbx_mutation 
_entity.pdbx_fragment 
_entity.details 
1 polymer man 'Peptidyl-prolyl cis-trans isomerase' 19358.309 1  5.2.1.8 ? ? 'Cyclophilin A' 
2 water   nat water                                 18.015    47 ?       ? ? ?               
# 
_entity_name_com.entity_id   1 
_entity_name_com.name        PPIase 
# 
_entity_poly.entity_id                      1 
_entity_poly.type                           'polypeptide(L)' 
_entity_poly.nstd_linkage                   no 
_entity_poly.nstd_monomer                   no 
_entity_poly.pdbx_seq_one_letter_code       
;GSMLKRPKTFFDISIRGDKVGKIVFELFNDIVPKTAENFRALCTGEKGIGKSGMPLSYKGTMFHRIIPQFMIQGGDFTRF
NGTGGESIYGMKFDDENFKVKHDKPGLLSMANAGPNTNGSQFFITTVETPWLDGHHCVFGQVIEGMDIVKQIESCGTESG
RPRAMCMVTDCGEMK
;
_entity_poly.pdbx_seq_one_letter_code_can   
;GSMLKRPKTFFDISIRGDKVGKIVFELFNDIVPKTAENFRALCTGEKGIGKSGMPLSYKGTMFHRIIPQFMIQGGDFTRF
NGTGGESIYGMKFDDENFKVKHDKPGLLSMANAGPNTNGSQFFITTVETPWLDGHHCVFGQVIEGMDIVKQIESCGTESG
RPRAMCMVTDCGEMK
;
_entity_poly.pdbx_strand_id                 A 
_entity_poly.pdbx_target_identifier         ? 
# 
loop_
_entity_poly_seq.entity_id 
_entity_poly_seq.num 
_entity_poly_seq.mon_id 
_entity_poly_seq.hetero 
1 1   GLY n 
1 2   SER n 
1 3   MET n 
1 4   LEU n 
1 5   LYS n 
1 6   ARG n 
1 7   PRO n 
1 8   LYS n 
1 9   THR n 
1 10  PHE n 
1 11  PHE n 
1 12  ASP n 
1 13  ILE n 
1 14  SER n 
1 15  ILE n 
1 16  ARG n 
1 17  GLY n 
1 18  ASP n 
1 19  LYS n 
1 20  VAL n 
1 21  GLY n 
1 22  LYS n 
1 23  ILE n 
1 24  VAL n 
1 25  PHE n 
1 26  GLU n 
1 27  LEU n 
1 28  PHE n 
1 29  ASN n 
1 30  ASP n 
1 31  ILE n 
1 32  VAL n 
1 33  PRO n 
1 34  LYS n 
1 35  THR n 
1 36  ALA n 
1 37  GLU n 
1 38  ASN n 
1 39  PHE n 
1 40  ARG n 
1 41  ALA n 
1 42  LEU n 
1 43  CYS n 
1 44  THR n 
1 45  GLY n 
1 46  GLU n 
1 47  LYS n 
1 48  GLY n 
1 49  ILE n 
1 50  GLY n 
1 51  LYS n 
1 52  SER n 
1 53  GLY n 
1 54  MET n 
1 55  PRO n 
1 56  LEU n 
1 57  SER n 
1 58  TYR n 
1 59  LYS n 
1 60  GLY n 
1 61  THR n 
1 62  MET n 
1 63  PHE n 
1 64  HIS n 
1 65  ARG n 
1 66  ILE n 
1 67  ILE n 
1 68  PRO n 
1 69  GLN n 
1 70  PHE n 
1 71  MET n 
1 72  ILE n 
1 73  GLN n 
1 74  GLY n 
1 75  GLY n 
1 76  ASP n 
1 77  PHE n 
1 78  THR n 
1 79  ARG n 
1 80  PHE n 
1 81  ASN n 
1 82  GLY n 
1 83  THR n 
1 84  GLY n 
1 85  GLY n 
1 86  GLU n 
1 87  SER n 
1 88  ILE n 
1 89  TYR n 
1 90  GLY n 
1 91  MET n 
1 92  LYS n 
1 93  PHE n 
1 94  ASP n 
1 95  ASP n 
1 96  GLU n 
1 97  ASN n 
1 98  PHE n 
1 99  LYS n 
1 100 VAL n 
1 101 LYS n 
1 102 HIS n 
1 103 ASP n 
1 104 LYS n 
1 105 PRO n 
1 106 GLY n 
1 107 LEU n 
1 108 LEU n 
1 109 SER n 
1 110 MET n 
1 111 ALA n 
1 112 ASN n 
1 113 ALA n 
1 114 GLY n 
1 115 PRO n 
1 116 ASN n 
1 117 THR n 
1 118 ASN n 
1 119 GLY n 
1 120 SER n 
1 121 GLN n 
1 122 PHE n 
1 123 PHE n 
1 124 ILE n 
1 125 THR n 
1 126 THR n 
1 127 VAL n 
1 128 GLU n 
1 129 THR n 
1 130 PRO n 
1 131 TRP n 
1 132 LEU n 
1 133 ASP n 
1 134 GLY n 
1 135 HIS n 
1 136 HIS n 
1 137 CYS n 
1 138 VAL n 
1 139 PHE n 
1 140 GLY n 
1 141 GLN n 
1 142 VAL n 
1 143 ILE n 
1 144 GLU n 
1 145 GLY n 
1 146 MET n 
1 147 ASP n 
1 148 ILE n 
1 149 VAL n 
1 150 LYS n 
1 151 GLN n 
1 152 ILE n 
1 153 GLU n 
1 154 SER n 
1 155 CYS n 
1 156 GLY n 
1 157 THR n 
1 158 GLU n 
1 159 SER n 
1 160 GLY n 
1 161 ARG n 
1 162 PRO n 
1 163 ARG n 
1 164 ALA n 
1 165 MET n 
1 166 CYS n 
1 167 MET n 
1 168 VAL n 
1 169 THR n 
1 170 ASP n 
1 171 CYS n 
1 172 GLY n 
1 173 GLU n 
1 174 MET n 
1 175 LYS n 
# 
_entity_src_gen.entity_id                          1 
_entity_src_gen.pdbx_src_id                        1 
_entity_src_gen.pdbx_alt_source_flag               sample 
_entity_src_gen.pdbx_seq_type                      'Biological sequence' 
_entity_src_gen.pdbx_beg_seq_num                   1 
_entity_src_gen.pdbx_end_seq_num                   175 
_entity_src_gen.gene_src_common_name               ? 
_entity_src_gen.gene_src_genus                     ? 
_entity_src_gen.pdbx_gene_src_gene                 TVAG_004440 
_entity_src_gen.gene_src_species                   ? 
_entity_src_gen.gene_src_strain                    ? 
_entity_src_gen.gene_src_tissue                    ? 
_entity_src_gen.gene_src_tissue_fraction           ? 
_entity_src_gen.gene_src_details                   ? 
_entity_src_gen.pdbx_gene_src_fragment             ? 
_entity_src_gen.pdbx_gene_src_scientific_name      'Trichomonas vaginalis' 
_entity_src_gen.pdbx_gene_src_ncbi_taxonomy_id     5722 
_entity_src_gen.pdbx_gene_src_variant              ? 
_entity_src_gen.pdbx_gene_src_cell_line            ? 
_entity_src_gen.pdbx_gene_src_atcc                 ? 
_entity_src_gen.pdbx_gene_src_organ                ? 
_entity_src_gen.pdbx_gene_src_organelle            ? 
_entity_src_gen.pdbx_gene_src_cell                 ? 
_entity_src_gen.pdbx_gene_src_cellular_location    ? 
_entity_src_gen.host_org_common_name               ? 
_entity_src_gen.pdbx_host_org_scientific_name      'Escherichia coli BL21(DE3)' 
_entity_src_gen.pdbx_host_org_ncbi_taxonomy_id     469008 
_entity_src_gen.host_org_genus                     ? 
_entity_src_gen.pdbx_host_org_gene                 ? 
_entity_src_gen.pdbx_host_org_organ                ? 
_entity_src_gen.host_org_species                   ? 
_entity_src_gen.pdbx_host_org_tissue               ? 
_entity_src_gen.pdbx_host_org_tissue_fraction      ? 
_entity_src_gen.pdbx_host_org_strain               'BL21(DE3)' 
_entity_src_gen.pdbx_host_org_variant              ? 
_entity_src_gen.pdbx_host_org_cell_line            ? 
_entity_src_gen.pdbx_host_org_atcc                 ? 
_entity_src_gen.pdbx_host_org_culture_collection   ? 
_entity_src_gen.pdbx_host_org_cell                 ? 
_entity_src_gen.pdbx_host_org_organelle            ? 
_entity_src_gen.pdbx_host_org_cellular_location    ? 
_entity_src_gen.pdbx_host_org_vector_type          Plasmid 
_entity_src_gen.pdbx_host_org_vector               ? 
_entity_src_gen.host_org_details                   ? 
_entity_src_gen.expression_system_id               ? 
_entity_src_gen.plasmid_name                       pET-28a 
_entity_src_gen.plasmid_details                    ? 
_entity_src_gen.pdbx_description                   ? 
# 
_struct_ref.id                         1 
_struct_ref.db_name                    UNP 
_struct_ref.db_code                    A2DT06_TRIVA 
_struct_ref.pdbx_db_accession          A2DT06 
_struct_ref.pdbx_db_isoform            ? 
_struct_ref.entity_id                  1 
_struct_ref.pdbx_seq_one_letter_code   
;MLKRPKTFFDISIRGDKVGKIVFELFNDIVPKTAENFRALCTGEKGIGKSGMPLSYKGTMFHRIIPQFMIQGGDFTRFNG
TGGESIYGMKFDDENFKVKHDKPGLLSMANAGPNTNGSQFFITTVETPWLDGHHCVFGQVIEGMDIVKQIESCGTESGRP
RAMCMVTDCGEMK
;
_struct_ref.pdbx_align_begin           1 
# 
_struct_ref_seq.align_id                      1 
_struct_ref_seq.ref_id                        1 
_struct_ref_seq.pdbx_PDB_id_code              5YB9 
_struct_ref_seq.pdbx_strand_id                A 
_struct_ref_seq.seq_align_beg                 3 
_struct_ref_seq.pdbx_seq_align_beg_ins_code   ? 
_struct_ref_seq.seq_align_end                 175 
_struct_ref_seq.pdbx_seq_align_end_ins_code   ? 
_struct_ref_seq.pdbx_db_accession             A2DT06 
_struct_ref_seq.db_align_beg                  1 
_struct_ref_seq.pdbx_db_align_beg_ins_code    ? 
_struct_ref_seq.db_align_end                  173 
_struct_ref_seq.pdbx_db_align_end_ins_code    ? 
_struct_ref_seq.pdbx_auth_seq_align_beg       1 
_struct_ref_seq.pdbx_auth_seq_align_end       173 
# 
loop_
_struct_ref_seq_dif.align_id 
_struct_ref_seq_dif.pdbx_pdb_id_code 
_struct_ref_seq_dif.mon_id 
_struct_ref_seq_dif.pdbx_pdb_strand_id 
_struct_ref_seq_dif.seq_num 
_struct_ref_seq_dif.pdbx_pdb_ins_code 
_struct_ref_seq_dif.pdbx_seq_db_name 
_struct_ref_seq_dif.pdbx_seq_db_accession_code 
_struct_ref_seq_dif.db_mon_id 
_struct_ref_seq_dif.pdbx_seq_db_seq_num 
_struct_ref_seq_dif.details 
_struct_ref_seq_dif.pdbx_auth_seq_num 
_struct_ref_seq_dif.pdbx_ordinal 
1 5YB9 GLY A 1 ? UNP A2DT06 ? ? 'expression tag' -1 1 
1 5YB9 SER A 2 ? UNP A2DT06 ? ? 'expression tag' 0  2 
# 
loop_
_chem_comp.id 
_chem_comp.type 
_chem_comp.mon_nstd_flag 
_chem_comp.name 
_chem_comp.pdbx_synonyms 
_chem_comp.formula 
_chem_comp.formula_weight 
ALA 'L-peptide linking' y ALANINE         ? 'C3 H7 N O2'     89.093  
ARG 'L-peptide linking' y ARGININE        ? 'C6 H15 N4 O2 1' 175.209 
ASN 'L-peptide linking' y ASPARAGINE      ? 'C4 H8 N2 O3'    132.118 
ASP 'L-peptide linking' y 'ASPARTIC ACID' ? 'C4 H7 N O4'     133.103 
CYS 'L-peptide linking' y CYSTEINE        ? 'C3 H7 N O2 S'   121.158 
GLN 'L-peptide linking' y GLUTAMINE       ? 'C5 H10 N2 O3'   146.144 
GLU 'L-peptide linking' y 'GLUTAMIC ACID' ? 'C5 H9 N O4'     147.129 
GLY 'peptide linking'   y GLYCINE         ? 'C2 H5 N O2'     75.067  
HIS 'L-peptide linking' y HISTIDINE       ? 'C6 H10 N3 O2 1' 156.162 
HOH non-polymer         . WATER           ? 'H2 O'           18.015  
ILE 'L-peptide linking' y ISOLEUCINE      ? 'C6 H13 N O2'    131.173 
LEU 'L-peptide linking' y LEUCINE         ? 'C6 H13 N O2'    131.173 
LYS 'L-peptide linking' y LYSINE          ? 'C6 H15 N2 O2 1' 147.195 
MET 'L-peptide linking' y METHIONINE      ? 'C5 H11 N O2 S'  149.211 
PHE 'L-peptide linking' y PHENYLALANINE   ? 'C9 H11 N O2'    165.189 
PRO 'L-peptide linking' y PROLINE         ? 'C5 H9 N O2'     115.130 
SER 'L-peptide linking' y SERINE          ? 'C3 H7 N O3'     105.093 
THR 'L-peptide linking' y THREONINE       ? 'C4 H9 N O3'     119.119 
TRP 'L-peptide linking' y TRYPTOPHAN      ? 'C11 H12 N2 O2'  204.225 
TYR 'L-peptide linking' y TYROSINE        ? 'C9 H11 N O3'    181.189 
VAL 'L-peptide linking' y VALINE          ? 'C5 H11 N O2'    117.146 
# 
_exptl.absorpt_coefficient_mu     ? 
_exptl.absorpt_correction_T_max   ? 
_exptl.absorpt_correction_T_min   ? 
_exptl.absorpt_correction_type    ? 
_exptl.absorpt_process_details    ? 
_exptl.entry_id                   5YB9 
_exptl.crystals_number            1 
_exptl.details                    ? 
_exptl.method                     'X-RAY DIFFRACTION' 
_exptl.method_details             ? 
# 
_exptl_crystal.colour                      ? 
_exptl_crystal.density_diffrn              ? 
_exptl_crystal.density_Matthews            2.02 
_exptl_crystal.density_method              ? 
_exptl_crystal.density_percent_sol         39.15 
_exptl_crystal.description                 ? 
_exptl_crystal.F_000                       ? 
_exptl_crystal.id                          1 
_exptl_crystal.preparation                 ? 
_exptl_crystal.size_max                    ? 
_exptl_crystal.size_mid                    ? 
_exptl_crystal.size_min                    ? 
_exptl_crystal.size_rad                    ? 
_exptl_crystal.colour_lustre               ? 
_exptl_crystal.colour_modifier             ? 
_exptl_crystal.colour_primary              ? 
_exptl_crystal.density_meas                ? 
_exptl_crystal.density_meas_esd            ? 
_exptl_crystal.density_meas_gt             ? 
_exptl_crystal.density_meas_lt             ? 
_exptl_crystal.density_meas_temp           ? 
_exptl_crystal.density_meas_temp_esd       ? 
_exptl_crystal.density_meas_temp_gt        ? 
_exptl_crystal.density_meas_temp_lt        ? 
_exptl_crystal.pdbx_crystal_image_url      ? 
_exptl_crystal.pdbx_crystal_image_format   ? 
_exptl_crystal.pdbx_mosaicity              ? 
_exptl_crystal.pdbx_mosaicity_esd          ? 
# 
_exptl_crystal_grow.apparatus       ? 
_exptl_crystal_grow.atmosphere      ? 
_exptl_crystal_grow.crystal_id      1 
_exptl_crystal_grow.details         ? 
_exptl_crystal_grow.method          'VAPOR DIFFUSION, SITTING DROP' 
_exptl_crystal_grow.method_ref      ? 
_exptl_crystal_grow.pH              7.0 
_exptl_crystal_grow.pressure        ? 
_exptl_crystal_grow.pressure_esd    ? 
_exptl_crystal_grow.seeding         ? 
_exptl_crystal_grow.seeding_ref     ? 
_exptl_crystal_grow.temp            283 
_exptl_crystal_grow.temp_details    ? 
_exptl_crystal_grow.temp_esd        ? 
_exptl_crystal_grow.time            ? 
_exptl_crystal_grow.pdbx_details    '100 mM HEPES pH 7.0, 30% (v/v) Jeffamine M-600' 
_exptl_crystal_grow.pdbx_pH_range   ? 
# 
_diffrn.ambient_environment    ? 
_diffrn.ambient_temp           100 
_diffrn.ambient_temp_details   ? 
_diffrn.ambient_temp_esd       ? 
_diffrn.crystal_id             1 
_diffrn.crystal_support        ? 
_diffrn.crystal_treatment      ? 
_diffrn.details                ? 
_diffrn.id                     1 
_diffrn.ambient_pressure       ? 
_diffrn.ambient_pressure_esd   ? 
_diffrn.ambient_pressure_gt    ? 
_diffrn.ambient_pressure_lt    ? 
_diffrn.ambient_temp_gt        ? 
_diffrn.ambient_temp_lt        ? 
# 
_diffrn_detector.details                      ? 
_diffrn_detector.detector                     CCD 
_diffrn_detector.diffrn_id                    1 
_diffrn_detector.type                         'RAYONIX MX300-HS' 
_diffrn_detector.area_resol_mean              ? 
_diffrn_detector.dtime                        ? 
_diffrn_detector.pdbx_frames_total            ? 
_diffrn_detector.pdbx_collection_time_total   ? 
_diffrn_detector.pdbx_collection_date         2016-11-18 
# 
_diffrn_radiation.collimation                      ? 
_diffrn_radiation.diffrn_id                        1 
_diffrn_radiation.filter_edge                      ? 
_diffrn_radiation.inhomogeneity                    ? 
_diffrn_radiation.monochromator                    ? 
_diffrn_radiation.polarisn_norm                    ? 
_diffrn_radiation.polarisn_ratio                   ? 
_diffrn_radiation.probe                            ? 
_diffrn_radiation.type                             ? 
_diffrn_radiation.xray_symbol                      ? 
_diffrn_radiation.wavelength_id                    1 
_diffrn_radiation.pdbx_monochromatic_or_laue_m_l   M 
_diffrn_radiation.pdbx_wavelength_list             ? 
_diffrn_radiation.pdbx_wavelength                  ? 
_diffrn_radiation.pdbx_diffrn_protocol             'SINGLE WAVELENGTH' 
_diffrn_radiation.pdbx_analyzer                    ? 
_diffrn_radiation.pdbx_scattering_type             x-ray 
# 
_diffrn_radiation_wavelength.id           1 
_diffrn_radiation_wavelength.wavelength   0.9998 
_diffrn_radiation_wavelength.wt           1.0 
# 
_diffrn_source.current                     ? 
_diffrn_source.details                     ? 
_diffrn_source.diffrn_id                   1 
_diffrn_source.power                       ? 
_diffrn_source.size                        ? 
_diffrn_source.source                      SYNCHROTRON 
_diffrn_source.target                      ? 
_diffrn_source.type                        'NSRRC BEAMLINE TPS 05A' 
_diffrn_source.voltage                     ? 
_diffrn_source.take-off_angle              ? 
_diffrn_source.pdbx_wavelength_list        0.9998 
_diffrn_source.pdbx_wavelength             ? 
_diffrn_source.pdbx_synchrotron_beamline   'TPS 05A' 
_diffrn_source.pdbx_synchrotron_site       NSRRC 
# 
_reflns.B_iso_Wilson_estimate            ? 
_reflns.entry_id                         5YB9 
_reflns.data_reduction_details           ? 
_reflns.data_reduction_method            ? 
_reflns.d_resolution_high                2.27 
_reflns.d_resolution_low                 29.254 
_reflns.details                          ? 
_reflns.limit_h_max                      ? 
_reflns.limit_h_min                      ? 
_reflns.limit_k_max                      ? 
_reflns.limit_k_min                      ? 
_reflns.limit_l_max                      ? 
_reflns.limit_l_min                      ? 
_reflns.number_all                       ? 
_reflns.number_obs                       8106 
_reflns.observed_criterion               ? 
_reflns.observed_criterion_F_max         ? 
_reflns.observed_criterion_F_min         ? 
_reflns.observed_criterion_I_max         ? 
_reflns.observed_criterion_I_min         ? 
_reflns.observed_criterion_sigma_F       ? 
_reflns.observed_criterion_sigma_I       ? 
_reflns.percent_possible_obs             90.0 
_reflns.R_free_details                   ? 
_reflns.Rmerge_F_all                     ? 
_reflns.Rmerge_F_obs                     ? 
_reflns.Friedel_coverage                 ? 
_reflns.number_gt                        ? 
_reflns.threshold_expression             ? 
_reflns.pdbx_redundancy                  3.7 
_reflns.pdbx_Rmerge_I_obs                ? 
_reflns.pdbx_Rmerge_I_all                ? 
_reflns.pdbx_Rsym_value                  ? 
_reflns.pdbx_netI_over_av_sigmaI         ? 
_reflns.pdbx_netI_over_sigmaI            6.18 
_reflns.pdbx_res_netI_over_av_sigmaI_2   ? 
_reflns.pdbx_res_netI_over_sigmaI_2      ? 
_reflns.pdbx_chi_squared                 ? 
_reflns.pdbx_scaling_rejects             ? 
_reflns.pdbx_d_res_high_opt              ? 
_reflns.pdbx_d_res_low_opt               ? 
_reflns.pdbx_d_res_opt_method            ? 
_reflns.phase_calculation_details        ? 
_reflns.pdbx_Rrim_I_all                  ? 
_reflns.pdbx_Rpim_I_all                  ? 
_reflns.pdbx_d_opt                       ? 
_reflns.pdbx_number_measured_all         ? 
_reflns.pdbx_diffrn_id                   1 
_reflns.pdbx_ordinal                     1 
_reflns.pdbx_CC_half                     ? 
_reflns.pdbx_R_split                     ? 
# 
_reflns_shell.d_res_high                  2.30 
_reflns_shell.d_res_low                   2.38 
_reflns_shell.meanI_over_sigI_all         ? 
_reflns_shell.meanI_over_sigI_obs         2.107 
_reflns_shell.number_measured_all         ? 
_reflns_shell.number_measured_obs         ? 
_reflns_shell.number_possible             ? 
_reflns_shell.number_unique_all           ? 
_reflns_shell.number_unique_obs           ? 
_reflns_shell.percent_possible_all        95.1 
_reflns_shell.percent_possible_obs        ? 
_reflns_shell.Rmerge_F_all                ? 
_reflns_shell.Rmerge_F_obs                ? 
_reflns_shell.Rmerge_I_all                ? 
_reflns_shell.Rmerge_I_obs                0.415 
_reflns_shell.meanI_over_sigI_gt          ? 
_reflns_shell.meanI_over_uI_all           ? 
_reflns_shell.meanI_over_uI_gt            ? 
_reflns_shell.number_measured_gt          ? 
_reflns_shell.number_unique_gt            ? 
_reflns_shell.percent_possible_gt         ? 
_reflns_shell.Rmerge_F_gt                 ? 
_reflns_shell.Rmerge_I_gt                 ? 
_reflns_shell.pdbx_redundancy             2.5 
_reflns_shell.pdbx_Rsym_value             0.415 
_reflns_shell.pdbx_chi_squared            ? 
_reflns_shell.pdbx_netI_over_sigmaI_all   ? 
_reflns_shell.pdbx_netI_over_sigmaI_obs   ? 
_reflns_shell.pdbx_Rrim_I_all             ? 
_reflns_shell.pdbx_Rpim_I_all             ? 
_reflns_shell.pdbx_rejects                ? 
_reflns_shell.pdbx_ordinal                1 
_reflns_shell.pdbx_diffrn_id              1 
_reflns_shell.pdbx_CC_half                ? 
_reflns_shell.pdbx_R_split                ? 
# 
_refine.aniso_B[1][1]                            ? 
_refine.aniso_B[1][2]                            ? 
_refine.aniso_B[1][3]                            ? 
_refine.aniso_B[2][2]                            ? 
_refine.aniso_B[2][3]                            ? 
_refine.aniso_B[3][3]                            ? 
_refine.B_iso_max                                ? 
_refine.B_iso_mean                               ? 
_refine.B_iso_min                                ? 
_refine.correlation_coeff_Fo_to_Fc               ? 
_refine.correlation_coeff_Fo_to_Fc_free          ? 
_refine.details                                  ? 
_refine.diff_density_max                         ? 
_refine.diff_density_max_esd                     ? 
_refine.diff_density_min                         ? 
_refine.diff_density_min_esd                     ? 
_refine.diff_density_rms                         ? 
_refine.diff_density_rms_esd                     ? 
_refine.entry_id                                 5YB9 
_refine.pdbx_refine_id                           'X-RAY DIFFRACTION' 
_refine.ls_abs_structure_details                 ? 
_refine.ls_abs_structure_Flack                   ? 
_refine.ls_abs_structure_Flack_esd               ? 
_refine.ls_abs_structure_Rogers                  ? 
_refine.ls_abs_structure_Rogers_esd              ? 
_refine.ls_d_res_high                            2.276 
_refine.ls_d_res_low                             29.254 
_refine.ls_extinction_coef                       ? 
_refine.ls_extinction_coef_esd                   ? 
_refine.ls_extinction_expression                 ? 
_refine.ls_extinction_method                     ? 
_refine.ls_goodness_of_fit_all                   ? 
_refine.ls_goodness_of_fit_all_esd               ? 
_refine.ls_goodness_of_fit_obs                   ? 
_refine.ls_goodness_of_fit_obs_esd               ? 
_refine.ls_hydrogen_treatment                    ? 
_refine.ls_matrix_type                           ? 
_refine.ls_number_constraints                    ? 
_refine.ls_number_parameters                     ? 
_refine.ls_number_reflns_all                     ? 
_refine.ls_number_reflns_obs                     7511 
_refine.ls_number_reflns_R_free                  752 
_refine.ls_number_reflns_R_work                  ? 
_refine.ls_number_restraints                     ? 
_refine.ls_percent_reflns_obs                    89.79 
_refine.ls_percent_reflns_R_free                 10.01 
_refine.ls_R_factor_all                          ? 
_refine.ls_R_factor_obs                          0.2189 
_refine.ls_R_factor_R_free                       0.2864 
_refine.ls_R_factor_R_free_error                 ? 
_refine.ls_R_factor_R_free_error_details         ? 
_refine.ls_R_factor_R_work                       0.2120 
_refine.ls_R_Fsqd_factor_obs                     ? 
_refine.ls_R_I_factor_obs                        ? 
_refine.ls_redundancy_reflns_all                 ? 
_refine.ls_redundancy_reflns_obs                 ? 
_refine.ls_restrained_S_all                      ? 
_refine.ls_restrained_S_obs                      ? 
_refine.ls_shift_over_esd_max                    ? 
_refine.ls_shift_over_esd_mean                   ? 
_refine.ls_structure_factor_coef                 ? 
_refine.ls_weighting_details                     ? 
_refine.ls_weighting_scheme                      ? 
_refine.ls_wR_factor_all                         ? 
_refine.ls_wR_factor_obs                         ? 
_refine.ls_wR_factor_R_free                      ? 
_refine.ls_wR_factor_R_work                      ? 
_refine.occupancy_max                            ? 
_refine.occupancy_min                            ? 
_refine.solvent_model_details                    ? 
_refine.solvent_model_param_bsol                 ? 
_refine.solvent_model_param_ksol                 ? 
_refine.ls_R_factor_gt                           ? 
_refine.ls_goodness_of_fit_gt                    ? 
_refine.ls_goodness_of_fit_ref                   ? 
_refine.ls_shift_over_su_max                     ? 
_refine.ls_shift_over_su_max_lt                  ? 
_refine.ls_shift_over_su_mean                    ? 
_refine.ls_shift_over_su_mean_lt                 ? 
_refine.pdbx_ls_sigma_I                          ? 
_refine.pdbx_ls_sigma_F                          1.35 
_refine.pdbx_ls_sigma_Fsqd                       ? 
_refine.pdbx_data_cutoff_high_absF               ? 
_refine.pdbx_data_cutoff_high_rms_absF           ? 
_refine.pdbx_data_cutoff_low_absF                ? 
_refine.pdbx_isotropic_thermal_model             ? 
_refine.pdbx_ls_cross_valid_method               'FREE R-VALUE' 
_refine.pdbx_method_to_determine_struct          'MOLECULAR REPLACEMENT' 
_refine.pdbx_starting_model                      1DYW 
_refine.pdbx_stereochemistry_target_values       ? 
_refine.pdbx_R_Free_selection_details            ? 
_refine.pdbx_stereochem_target_val_spec_case     ? 
_refine.pdbx_overall_ESU_R                       ? 
_refine.pdbx_overall_ESU_R_Free                  ? 
_refine.pdbx_solvent_vdw_probe_radii             1.11 
_refine.pdbx_solvent_ion_probe_radii             ? 
_refine.pdbx_solvent_shrinkage_radii             0.90 
_refine.pdbx_real_space_R                        ? 
_refine.pdbx_density_correlation                 ? 
_refine.pdbx_pd_number_of_powder_patterns        ? 
_refine.pdbx_pd_number_of_points                 ? 
_refine.pdbx_pd_meas_number_of_points            ? 
_refine.pdbx_pd_proc_ls_prof_R_factor            ? 
_refine.pdbx_pd_proc_ls_prof_wR_factor           ? 
_refine.pdbx_pd_Marquardt_correlation_coeff      ? 
_refine.pdbx_pd_Fsqrd_R_factor                   ? 
_refine.pdbx_pd_ls_matrix_band_width             ? 
_refine.pdbx_overall_phase_error                 25.05 
_refine.pdbx_overall_SU_R_free_Cruickshank_DPI   ? 
_refine.pdbx_overall_SU_R_free_Blow_DPI          ? 
_refine.pdbx_overall_SU_R_Blow_DPI               ? 
_refine.pdbx_TLS_residual_ADP_flag               ? 
_refine.pdbx_diffrn_id                           1 
_refine.overall_SU_B                             ? 
_refine.overall_SU_ML                            0.28 
_refine.overall_SU_R_Cruickshank_DPI             ? 
_refine.overall_SU_R_free                        ? 
_refine.overall_FOM_free_R_set                   ? 
_refine.overall_FOM_work_R_set                   ? 
_refine.pdbx_average_fsc_overall                 ? 
_refine.pdbx_average_fsc_work                    ? 
_refine.pdbx_average_fsc_free                    ? 
# 
_refine_hist.pdbx_refine_id                   'X-RAY DIFFRACTION' 
_refine_hist.cycle_id                         LAST 
_refine_hist.pdbx_number_atoms_protein        1331 
_refine_hist.pdbx_number_atoms_nucleic_acid   0 
_refine_hist.pdbx_number_atoms_ligand         0 
_refine_hist.number_atoms_solvent             47 
_refine_hist.number_atoms_total               1378 
_refine_hist.d_res_high                       2.276 
_refine_hist.d_res_low                        29.254 
# 
loop_
_refine_ls_restr.pdbx_refine_id 
_refine_ls_restr.criterion 
_refine_ls_restr.dev_ideal 
_refine_ls_restr.dev_ideal_target 
_refine_ls_restr.number 
_refine_ls_restr.rejects 
_refine_ls_restr.type 
_refine_ls_restr.weight 
_refine_ls_restr.pdbx_restraint_function 
'X-RAY DIFFRACTION' ? 0.008 ? 1360 ? f_bond_d           ? ? 
'X-RAY DIFFRACTION' ? 0.908 ? 1823 ? f_angle_d          ? ? 
'X-RAY DIFFRACTION' ? 9.519 ? 809  ? f_dihedral_angle_d ? ? 
'X-RAY DIFFRACTION' ? 0.057 ? 191  ? f_chiral_restr     ? ? 
'X-RAY DIFFRACTION' ? 0.007 ? 239  ? f_plane_restr      ? ? 
# 
loop_
_refine_ls_shell.pdbx_refine_id 
_refine_ls_shell.d_res_high 
_refine_ls_shell.d_res_low 
_refine_ls_shell.number_reflns_all 
_refine_ls_shell.number_reflns_obs 
_refine_ls_shell.number_reflns_R_free 
_refine_ls_shell.number_reflns_R_work 
_refine_ls_shell.percent_reflns_obs 
_refine_ls_shell.percent_reflns_R_free 
_refine_ls_shell.R_factor_all 
_refine_ls_shell.R_factor_obs 
_refine_ls_shell.R_factor_R_free 
_refine_ls_shell.R_factor_R_free_error 
_refine_ls_shell.R_factor_R_work 
_refine_ls_shell.redundancy_reflns_all 
_refine_ls_shell.redundancy_reflns_obs 
_refine_ls_shell.wR_factor_all 
_refine_ls_shell.wR_factor_obs 
_refine_ls_shell.wR_factor_R_free 
_refine_ls_shell.wR_factor_R_work 
_refine_ls_shell.pdbx_total_number_of_bins_used 
_refine_ls_shell.pdbx_phase_error 
_refine_ls_shell.pdbx_fsc_work 
_refine_ls_shell.pdbx_fsc_free 
'X-RAY DIFFRACTION' 2.2765 2.4522  . . 105 949  67.00 . . . 0.3358 . 0.2107 . . . . . . . . . . 
'X-RAY DIFFRACTION' 2.4522 2.6988  . . 143 1281 89.00 . . . 0.2943 . 0.2288 . . . . . . . . . . 
'X-RAY DIFFRACTION' 2.6988 3.0889  . . 159 1435 97.00 . . . 0.2880 . 0.2134 . . . . . . . . . . 
'X-RAY DIFFRACTION' 3.0889 3.8903  . . 166 1495 98.00 . . . 0.2679 . 0.1946 . . . . . . . . . . 
'X-RAY DIFFRACTION' 3.8903 29.2565 . . 179 1599 96.00 . . . 0.2880 . 0.2187 . . . . . . . . . . 
# 
_struct.entry_id                     5YB9 
_struct.title                        'Crystal structure of a dimeric cyclophilin A from T.vaginalis' 
_struct.pdbx_model_details           ? 
_struct.pdbx_formula_weight          ? 
_struct.pdbx_formula_weight_method   ? 
_struct.pdbx_model_type_details      ? 
_struct.pdbx_CASP_flag               N 
# 
_struct_keywords.entry_id        5YB9 
_struct_keywords.text            'Cyclophilin A, Isomerase, Divergent loop cyclophilin, Dimeric cyclophilin' 
_struct_keywords.pdbx_keywords   ISOMERASE 
# 
loop_
_struct_asym.id 
_struct_asym.pdbx_blank_PDB_chainid_flag 
_struct_asym.pdbx_modified 
_struct_asym.entity_id 
_struct_asym.details 
A N N 1 ? 
B N N 2 ? 
# 
loop_
_struct_conf.conf_type_id 
_struct_conf.id 
_struct_conf.pdbx_PDB_helix_id 
_struct_conf.beg_label_comp_id 
_struct_conf.beg_label_asym_id 
_struct_conf.beg_label_seq_id 
_struct_conf.pdbx_beg_PDB_ins_code 
_struct_conf.end_label_comp_id 
_struct_conf.end_label_asym_id 
_struct_conf.end_label_seq_id 
_struct_conf.pdbx_end_PDB_ins_code 
_struct_conf.beg_auth_comp_id 
_struct_conf.beg_auth_asym_id 
_struct_conf.beg_auth_seq_id 
_struct_conf.end_auth_comp_id 
_struct_conf.end_auth_asym_id 
_struct_conf.end_auth_seq_id 
_struct_conf.pdbx_PDB_helix_class 
_struct_conf.details 
_struct_conf.pdbx_PDB_helix_length 
HELX_P HELX_P1 AA1 VAL A 32  ? GLY A 45  ? VAL A 30  GLY A 43  1 ? 14 
HELX_P HELX_P2 AA2 THR A 129 ? ASP A 133 ? THR A 127 ASP A 131 5 ? 5  
HELX_P HELX_P3 AA3 GLY A 145 ? SER A 154 ? GLY A 143 SER A 152 1 ? 10 
# 
_struct_conf_type.id          HELX_P 
_struct_conf_type.criteria    ? 
_struct_conf_type.reference   ? 
# 
_struct_sheet.id               AA1 
_struct_sheet.type             ? 
_struct_sheet.number_strands   9 
_struct_sheet.details          ? 
# 
loop_
_struct_sheet_order.sheet_id 
_struct_sheet_order.range_id_1 
_struct_sheet_order.range_id_2 
_struct_sheet_order.offset 
_struct_sheet_order.sense 
AA1 1 2 ? anti-parallel 
AA1 2 3 ? anti-parallel 
AA1 3 4 ? anti-parallel 
AA1 4 5 ? anti-parallel 
AA1 5 6 ? anti-parallel 
AA1 6 7 ? anti-parallel 
AA1 7 8 ? anti-parallel 
AA1 8 9 ? anti-parallel 
# 
loop_
_struct_sheet_range.sheet_id 
_struct_sheet_range.id 
_struct_sheet_range.beg_label_comp_id 
_struct_sheet_range.beg_label_asym_id 
_struct_sheet_range.beg_label_seq_id 
_struct_sheet_range.pdbx_beg_PDB_ins_code 
_struct_sheet_range.end_label_comp_id 
_struct_sheet_range.end_label_asym_id 
_struct_sheet_range.end_label_seq_id 
_struct_sheet_range.pdbx_end_PDB_ins_code 
_struct_sheet_range.beg_auth_comp_id 
_struct_sheet_range.beg_auth_asym_id 
_struct_sheet_range.beg_auth_seq_id 
_struct_sheet_range.end_auth_comp_id 
_struct_sheet_range.end_auth_asym_id 
_struct_sheet_range.end_auth_seq_id 
AA1 1 THR A 61  ? MET A 62  ? THR A 59  MET A 60  
AA1 2 CYS A 166 ? GLU A 173 ? CYS A 164 GLU A 171 
AA1 3 LYS A 8   ? ILE A 15  ? LYS A 6   ILE A 13  
AA1 4 ASP A 18  ? LEU A 27  ? ASP A 16  LEU A 25  
AA1 5 VAL A 138 ? GLU A 144 ? VAL A 136 GLU A 142 
AA1 6 LEU A 107 ? MET A 110 ? LEU A 105 MET A 108 
AA1 7 PHE A 122 ? THR A 125 ? PHE A 120 THR A 123 
AA1 8 MET A 71  ? GLY A 74  ? MET A 69  GLY A 72  
AA1 9 ARG A 65  ? ILE A 67  ? ARG A 63  ILE A 65  
# 
loop_
_pdbx_struct_sheet_hbond.sheet_id 
_pdbx_struct_sheet_hbond.range_id_1 
_pdbx_struct_sheet_hbond.range_id_2 
_pdbx_struct_sheet_hbond.range_1_label_atom_id 
_pdbx_struct_sheet_hbond.range_1_label_comp_id 
_pdbx_struct_sheet_hbond.range_1_label_asym_id 
_pdbx_struct_sheet_hbond.range_1_label_seq_id 
_pdbx_struct_sheet_hbond.range_1_PDB_ins_code 
_pdbx_struct_sheet_hbond.range_1_auth_atom_id 
_pdbx_struct_sheet_hbond.range_1_auth_comp_id 
_pdbx_struct_sheet_hbond.range_1_auth_asym_id 
_pdbx_struct_sheet_hbond.range_1_auth_seq_id 
_pdbx_struct_sheet_hbond.range_2_label_atom_id 
_pdbx_struct_sheet_hbond.range_2_label_comp_id 
_pdbx_struct_sheet_hbond.range_2_label_asym_id 
_pdbx_struct_sheet_hbond.range_2_label_seq_id 
_pdbx_struct_sheet_hbond.range_2_PDB_ins_code 
_pdbx_struct_sheet_hbond.range_2_auth_atom_id 
_pdbx_struct_sheet_hbond.range_2_auth_comp_id 
_pdbx_struct_sheet_hbond.range_2_auth_asym_id 
_pdbx_struct_sheet_hbond.range_2_auth_seq_id 
AA1 1 2 N THR A 61  ? N THR A 59  O VAL A 168 ? O VAL A 166 
AA1 2 3 O ASP A 170 ? O ASP A 168 N ASP A 12  ? N ASP A 10  
AA1 3 4 N THR A 9   ? N THR A 7   O PHE A 25  ? O PHE A 23  
AA1 4 5 N GLU A 26  ? N GLU A 24  O GLN A 141 ? O GLN A 139 
AA1 5 6 O GLY A 140 ? O GLY A 138 N LEU A 108 ? N LEU A 106 
AA1 6 7 N SER A 109 ? N SER A 107 O PHE A 123 ? O PHE A 121 
AA1 7 8 O ILE A 124 ? O ILE A 122 N ILE A 72  ? N ILE A 70  
AA1 8 9 O GLN A 73  ? O GLN A 71  N ARG A 65  ? N ARG A 63  
# 
_atom_sites.entry_id                    5YB9 
_atom_sites.fract_transf_matrix[1][1]   0.02010584 
_atom_sites.fract_transf_matrix[1][2]   0.00537109 
_atom_sites.fract_transf_matrix[1][3]   0.02159212 
_atom_sites.fract_transf_matrix[2][1]   0.02737591 
_atom_sites.fract_transf_matrix[2][2]   -0.01212918 
_atom_sites.fract_transf_matrix[2][3]   -0.00165007 
_atom_sites.fract_transf_matrix[3][1]   0.00088858 
_atom_sites.fract_transf_matrix[3][2]   0.00219230 
_atom_sites.fract_transf_matrix[3][3]   -0.00137276 
_atom_sites.fract_transf_vector[1]      -0.011890 
_atom_sites.fract_transf_vector[2]      -0.495000 
_atom_sites.fract_transf_vector[3]      0.040394 
# 
loop_
_atom_type.symbol 
C 
N 
O 
S 
# 
loop_
_atom_site.group_PDB 
_atom_site.id 
_atom_site.type_symbol 
_atom_site.label_atom_id 
_atom_site.label_alt_id 
_atom_site.label_comp_id 
_atom_site.label_asym_id 
_atom_site.label_entity_id 
_atom_site.label_seq_id 
_atom_site.pdbx_PDB_ins_code 
_atom_site.Cartn_x 
_atom_site.Cartn_y 
_atom_site.Cartn_z 
_atom_site.occupancy 
_atom_site.B_iso_or_equiv 
_atom_site.pdbx_formal_charge 
_atom_site.auth_seq_id 
_atom_site.auth_comp_id 
_atom_site.auth_asym_id 
_atom_site.auth_atom_id 
_atom_site.pdbx_PDB_model_num 
ATOM   1    N N   . MET A 1 3   ? 8.450   -21.889 12.408  1.00 46.73 ? 1   MET A N   1 
ATOM   2    C CA  . MET A 1 3   ? 7.582   -20.900 13.049  1.00 55.06 ? 1   MET A CA  1 
ATOM   3    C C   . MET A 1 3   ? 7.987   -19.472 12.632  1.00 48.32 ? 1   MET A C   1 
ATOM   4    O O   . MET A 1 3   ? 9.139   -19.050 12.802  1.00 51.52 ? 1   MET A O   1 
ATOM   5    C CB  . MET A 1 3   ? 7.602   -21.078 14.587  1.00 53.16 ? 1   MET A CB  1 
ATOM   6    C CG  . MET A 1 3   ? 8.803   -20.503 15.370  1.00 50.46 ? 1   MET A CG  1 
ATOM   7    S SD  . MET A 1 3   ? 10.429  -21.198 14.962  1.00 69.89 ? 1   MET A SD  1 
ATOM   8    C CE  . MET A 1 3   ? 11.335  -20.849 16.471  1.00 45.54 ? 1   MET A CE  1 
ATOM   9    N N   . LEU A 1 4   ? 7.035   -18.735 12.065  1.00 40.34 ? 2   LEU A N   1 
ATOM   10   C CA  . LEU A 1 4   ? 7.314   -17.454 11.433  1.00 37.03 ? 2   LEU A CA  1 
ATOM   11   C C   . LEU A 1 4   ? 6.598   -16.314 12.152  1.00 38.46 ? 2   LEU A C   1 
ATOM   12   O O   . LEU A 1 4   ? 5.463   -16.471 12.616  1.00 45.03 ? 2   LEU A O   1 
ATOM   13   C CB  . LEU A 1 4   ? 6.900   -17.490 9.965   1.00 33.13 ? 2   LEU A CB  1 
ATOM   14   C CG  . LEU A 1 4   ? 8.060   -17.561 8.982   1.00 32.84 ? 2   LEU A CG  1 
ATOM   15   C CD1 . LEU A 1 4   ? 8.987   -18.702 9.346   1.00 32.81 ? 2   LEU A CD1 1 
ATOM   16   C CD2 . LEU A 1 4   ? 7.536   -17.729 7.584   1.00 26.44 ? 2   LEU A CD2 1 
ATOM   17   N N   . LYS A 1 5   ? 7.264   -15.170 12.244  1.00 29.75 ? 3   LYS A N   1 
ATOM   18   C CA  . LYS A 1 5   ? 6.686   -13.964 12.814  1.00 28.00 ? 3   LYS A CA  1 
ATOM   19   C C   . LYS A 1 5   ? 6.085   -13.079 11.716  1.00 28.51 ? 3   LYS A C   1 
ATOM   20   O O   . LYS A 1 5   ? 6.376   -13.229 10.526  1.00 27.36 ? 3   LYS A O   1 
ATOM   21   C CB  . LYS A 1 5   ? 7.754   -13.199 13.593  1.00 29.46 ? 3   LYS A CB  1 
ATOM   22   C CG  . LYS A 1 5   ? 8.587   -14.085 14.524  1.00 37.25 ? 3   LYS A CG  1 
ATOM   23   C CD  . LYS A 1 5   ? 10.088  -13.764 14.401  1.00 45.83 ? 3   LYS A CD  1 
ATOM   24   C CE  . LYS A 1 5   ? 10.636  -14.155 13.012  1.00 49.01 ? 3   LYS A CE  1 
ATOM   25   N NZ  . LYS A 1 5   ? 11.870  -13.403 12.601  1.00 49.27 ? 3   LYS A NZ  1 
ATOM   26   N N   . ARG A 1 6   ? 5.226   -12.160 12.120  1.00 26.52 ? 4   ARG A N   1 
ATOM   27   C CA  . ARG A 1 6   ? 4.696   -11.195 11.154  1.00 24.11 ? 4   ARG A CA  1 
ATOM   28   C C   . ARG A 1 6   ? 5.795   -10.222 10.756  1.00 25.79 ? 4   ARG A C   1 
ATOM   29   O O   . ARG A 1 6   ? 6.411   -9.611  11.627  1.00 27.37 ? 4   ARG A O   1 
ATOM   30   C CB  . ARG A 1 6   ? 3.523   -10.420 11.732  1.00 22.90 ? 4   ARG A CB  1 
ATOM   31   C CG  . ARG A 1 6   ? 2.324   -11.283 11.988  1.00 23.70 ? 4   ARG A CG  1 
ATOM   32   C CD  . ARG A 1 6   ? 1.115   -10.458 12.347  1.00 22.77 ? 4   ARG A CD  1 
ATOM   33   N NE  . ARG A 1 6   ? -0.091  -11.263 12.264  1.00 23.83 ? 4   ARG A NE  1 
ATOM   34   C CZ  . ARG A 1 6   ? -1.251  -10.934 12.814  1.00 25.46 ? 4   ARG A CZ  1 
ATOM   35   N NH1 . ARG A 1 6   ? -1.369  -9.809  13.501  1.00 25.84 ? 4   ARG A NH1 1 
ATOM   36   N NH2 . ARG A 1 6   ? -2.296  -11.737 12.675  1.00 28.71 ? 4   ARG A NH2 1 
ATOM   37   N N   . PRO A 1 7   ? 6.070   -10.049 9.467   1.00 27.12 ? 5   PRO A N   1 
ATOM   38   C CA  . PRO A 1 7   ? 7.084   -9.076  9.058   1.00 25.72 ? 5   PRO A CA  1 
ATOM   39   C C   . PRO A 1 7   ? 6.641   -7.652  9.333   1.00 27.80 ? 5   PRO A C   1 
ATOM   40   O O   . PRO A 1 7   ? 5.452   -7.319  9.291   1.00 27.92 ? 5   PRO A O   1 
ATOM   41   C CB  . PRO A 1 7   ? 7.225   -9.315  7.556   1.00 26.24 ? 5   PRO A CB  1 
ATOM   42   C CG  . PRO A 1 7   ? 5.960   -9.983  7.158   1.00 26.54 ? 5   PRO A CG  1 
ATOM   43   C CD  . PRO A 1 7   ? 5.519   -10.794 8.325   1.00 23.66 ? 5   PRO A CD  1 
ATOM   44   N N   . LYS A 1 8   ? 7.617   -6.803  9.621   1.00 26.00 ? 6   LYS A N   1 
ATOM   45   C CA  . LYS A 1 8   ? 7.375   -5.383  9.795   1.00 32.04 ? 6   LYS A CA  1 
ATOM   46   C C   . LYS A 1 8   ? 8.037   -4.642  8.642   1.00 34.78 ? 6   LYS A C   1 
ATOM   47   O O   . LYS A 1 8   ? 9.152   -4.983  8.239   1.00 35.37 ? 6   LYS A O   1 
ATOM   48   C CB  . LYS A 1 8   ? 7.911   -4.892  11.145  1.00 29.17 ? 6   LYS A CB  1 
ATOM   49   C CG  . LYS A 1 8   ? 6.889   -4.981  12.250  1.00 37.31 ? 6   LYS A CG  1 
ATOM   50   C CD  . LYS A 1 8   ? 7.493   -4.853  13.656  1.00 42.69 ? 6   LYS A CD  1 
ATOM   51   C CE  . LYS A 1 8   ? 6.515   -5.416  14.704  1.00 47.27 ? 6   LYS A CE  1 
ATOM   52   N NZ  . LYS A 1 8   ? 7.059   -5.442  16.098  1.00 49.13 ? 6   LYS A NZ  1 
ATOM   53   N N   . THR A 1 9   ? 7.329   -3.664  8.079   1.00 31.44 ? 7   THR A N   1 
ATOM   54   C CA  . THR A 1 9   ? 7.909   -2.748  7.108   1.00 25.42 ? 7   THR A CA  1 
ATOM   55   C C   . THR A 1 9   ? 7.548   -1.325  7.491   1.00 26.66 ? 7   THR A C   1 
ATOM   56   O O   . THR A 1 9   ? 6.738   -1.080  8.387   1.00 30.60 ? 7   THR A O   1 
ATOM   57   C CB  . THR A 1 9   ? 7.444   -3.022  5.662   1.00 29.60 ? 7   THR A CB  1 
ATOM   58   O OG1 . THR A 1 9   ? 6.024   -2.843  5.551   1.00 26.41 ? 7   THR A OG1 1 
ATOM   59   C CG2 . THR A 1 9   ? 7.862   -4.419  5.172   1.00 28.46 ? 7   THR A CG2 1 
ATOM   60   N N   . PHE A 1 10  ? 8.160   -0.381  6.790   1.00 26.92 ? 8   PHE A N   1 
ATOM   61   C CA  . PHE A 1 10  ? 7.969   1.021   7.091   1.00 27.40 ? 8   PHE A CA  1 
ATOM   62   C C   . PHE A 1 10  ? 8.043   1.824   5.799   1.00 24.91 ? 8   PHE A C   1 
ATOM   63   O O   . PHE A 1 10  ? 8.746   1.456   4.859   1.00 22.30 ? 8   PHE A O   1 
ATOM   64   C CB  . PHE A 1 10  ? 9.014   1.517   8.117   1.00 27.13 ? 8   PHE A CB  1 
ATOM   65   C CG  . PHE A 1 10  ? 10.408  1.626   7.554   1.00 27.19 ? 8   PHE A CG  1 
ATOM   66   C CD1 . PHE A 1 10  ? 11.259  0.534   7.561   1.00 29.87 ? 8   PHE A CD1 1 
ATOM   67   C CD2 . PHE A 1 10  ? 10.863  2.814   6.999   1.00 26.45 ? 8   PHE A CD2 1 
ATOM   68   C CE1 . PHE A 1 10  ? 12.547  0.626   7.025   1.00 27.12 ? 8   PHE A CE1 1 
ATOM   69   C CE2 . PHE A 1 10  ? 12.140  2.906   6.458   1.00 30.94 ? 8   PHE A CE2 1 
ATOM   70   C CZ  . PHE A 1 10  ? 12.980  1.810   6.476   1.00 24.74 ? 8   PHE A CZ  1 
ATOM   71   N N   . PHE A 1 11  ? 7.303   2.921   5.764   1.00 26.89 ? 9   PHE A N   1 
ATOM   72   C CA  . PHE A 1 11  ? 7.486   3.977   4.781   1.00 26.68 ? 9   PHE A CA  1 
ATOM   73   C C   . PHE A 1 11  ? 7.981   5.219   5.503   1.00 28.07 ? 9   PHE A C   1 
ATOM   74   O O   . PHE A 1 11  ? 7.465   5.560   6.571   1.00 26.91 ? 9   PHE A O   1 
ATOM   75   C CB  . PHE A 1 11  ? 6.180   4.337   4.071   1.00 25.46 ? 9   PHE A CB  1 
ATOM   76   C CG  . PHE A 1 11  ? 5.652   3.279   3.152   1.00 22.34 ? 9   PHE A CG  1 
ATOM   77   C CD1 . PHE A 1 11  ? 6.459   2.279   2.674   1.00 22.82 ? 9   PHE A CD1 1 
ATOM   78   C CD2 . PHE A 1 11  ? 4.329   3.310   2.742   1.00 26.61 ? 9   PHE A CD2 1 
ATOM   79   C CE1 . PHE A 1 11  ? 5.972   1.332   1.812   1.00 22.06 ? 9   PHE A CE1 1 
ATOM   80   C CE2 . PHE A 1 11  ? 3.830   2.350   1.878   1.00 23.29 ? 9   PHE A CE2 1 
ATOM   81   C CZ  . PHE A 1 11  ? 4.652   1.365   1.416   1.00 23.15 ? 9   PHE A CZ  1 
ATOM   82   N N   . ASP A 1 12  ? 8.975   5.890   4.926   1.00 26.63 ? 10  ASP A N   1 
ATOM   83   C CA  . ASP A 1 12  ? 9.277   7.269   5.279   1.00 25.79 ? 10  ASP A CA  1 
ATOM   84   C C   . ASP A 1 12  ? 8.465   8.185   4.372   1.00 24.82 ? 10  ASP A C   1 
ATOM   85   O O   . ASP A 1 12  ? 8.478   8.036   3.148   1.00 26.38 ? 10  ASP A O   1 
ATOM   86   C CB  . ASP A 1 12  ? 10.767  7.581   5.137   1.00 29.15 ? 10  ASP A CB  1 
ATOM   87   C CG  . ASP A 1 12  ? 11.622  6.802   6.109   1.00 37.84 ? 10  ASP A CG  1 
ATOM   88   O OD1 . ASP A 1 12  ? 12.832  6.643   5.844   1.00 41.50 ? 10  ASP A OD1 1 
ATOM   89   O OD2 . ASP A 1 12  ? 11.086  6.319   7.129   1.00 41.59 ? 10  ASP A OD2 1 
ATOM   90   N N   . ILE A 1 13  ? 7.754   9.116   4.970   1.00 24.39 ? 11  ILE A N   1 
ATOM   91   C CA  . ILE A 1 13  ? 6.822   9.961   4.251   1.00 23.67 ? 11  ILE A CA  1 
ATOM   92   C C   . ILE A 1 13  ? 7.390   11.366  4.224   1.00 24.29 ? 11  ILE A C   1 
ATOM   93   O O   . ILE A 1 13  ? 8.032   11.804  5.184   1.00 27.42 ? 11  ILE A O   1 
ATOM   94   C CB  . ILE A 1 13  ? 5.432   9.939   4.912   1.00 24.03 ? 11  ILE A CB  1 
ATOM   95   C CG1 . ILE A 1 13  ? 4.931   8.495   5.032   1.00 25.33 ? 11  ILE A CG1 1 
ATOM   96   C CG2 . ILE A 1 13  ? 4.449   10.839  4.182   1.00 19.55 ? 11  ILE A CG2 1 
ATOM   97   C CD1 . ILE A 1 13  ? 4.529   7.847   3.728   1.00 24.62 ? 11  ILE A CD1 1 
ATOM   98   N N   . SER A 1 14  ? 7.189   12.048  3.108   1.00 22.16 ? 12  SER A N   1 
ATOM   99   C CA  . SER A 1 14  ? 7.296   13.489  3.045   1.00 24.56 ? 12  SER A CA  1 
ATOM   100  C C   . SER A 1 14  ? 6.046   14.043  2.373   1.00 25.39 ? 12  SER A C   1 
ATOM   101  O O   . SER A 1 14  ? 5.467   13.422  1.475   1.00 22.70 ? 12  SER A O   1 
ATOM   102  C CB  . SER A 1 14  ? 8.539   13.925  2.293   1.00 26.47 ? 12  SER A CB  1 
ATOM   103  O OG  . SER A 1 14  ? 8.255   13.971  0.917   1.00 33.54 ? 12  SER A OG  1 
ATOM   104  N N   . ILE A 1 15  ? 5.620   15.212  2.827   1.00 21.20 ? 13  ILE A N   1 
ATOM   105  C CA  . ILE A 1 15  ? 4.459   15.873  2.266   1.00 21.52 ? 13  ILE A CA  1 
ATOM   106  C C   . ILE A 1 15  ? 4.899   17.217  1.717   1.00 22.63 ? 13  ILE A C   1 
ATOM   107  O O   . ILE A 1 15  ? 5.631   17.955  2.379   1.00 24.62 ? 13  ILE A O   1 
ATOM   108  C CB  . ILE A 1 15  ? 3.340   16.037  3.306   1.00 22.32 ? 13  ILE A CB  1 
ATOM   109  C CG1 . ILE A 1 15  ? 2.900   14.664  3.801   1.00 25.10 ? 13  ILE A CG1 1 
ATOM   110  C CG2 . ILE A 1 15  ? 2.157   16.744  2.697   1.00 20.40 ? 13  ILE A CG2 1 
ATOM   111  C CD1 . ILE A 1 15  ? 1.723   14.719  4.717   1.00 25.15 ? 13  ILE A CD1 1 
ATOM   112  N N   . ARG A 1 16  ? 4.474   17.519  0.497   1.00 23.77 ? 14  ARG A N   1 
ATOM   113  C CA  . ARG A 1 16  ? 4.749   18.805  -0.125  1.00 25.70 ? 14  ARG A CA  1 
ATOM   114  C C   . ARG A 1 16  ? 6.240   19.140  -0.118  1.00 26.06 ? 14  ARG A C   1 
ATOM   115  O O   . ARG A 1 16  ? 6.621   20.303  -0.243  1.00 29.07 ? 14  ARG A O   1 
ATOM   116  C CB  . ARG A 1 16  ? 3.944   19.910  0.558   1.00 22.18 ? 14  ARG A CB  1 
ATOM   117  C CG  . ARG A 1 16  ? 3.561   21.007  -0.375  1.00 29.87 ? 14  ARG A CG  1 
ATOM   118  C CD  . ARG A 1 16  ? 2.354   21.783  0.092   1.00 32.16 ? 14  ARG A CD  1 
ATOM   119  N NE  . ARG A 1 16  ? 2.195   22.940  -0.778  1.00 30.00 ? 14  ARG A NE  1 
ATOM   120  C CZ  . ARG A 1 16  ? 2.884   24.069  -0.646  1.00 34.57 ? 14  ARG A CZ  1 
ATOM   121  N NH1 . ARG A 1 16  ? 2.692   25.079  -1.491  1.00 30.11 ? 14  ARG A NH1 1 
ATOM   122  N NH2 . ARG A 1 16  ? 3.765   24.194  0.339   1.00 38.82 ? 14  ARG A NH2 1 
ATOM   123  N N   . GLY A 1 17  ? 7.102   18.131  0.040   1.00 28.84 ? 15  GLY A N   1 
ATOM   124  C CA  . GLY A 1 17  ? 8.540   18.310  0.054   1.00 27.27 ? 15  GLY A CA  1 
ATOM   125  C C   . GLY A 1 17  ? 9.166   18.203  1.422   1.00 26.99 ? 15  GLY A C   1 
ATOM   126  O O   . GLY A 1 17  ? 10.393  18.123  1.523   1.00 35.12 ? 15  GLY A O   1 
ATOM   127  N N   . ASP A 1 18  ? 8.365   18.170  2.475   1.00 25.32 ? 16  ASP A N   1 
ATOM   128  C CA  . ASP A 1 18  ? 8.869   18.154  3.837   1.00 24.45 ? 16  ASP A CA  1 
ATOM   129  C C   . ASP A 1 18  ? 8.715   16.760  4.437   1.00 27.31 ? 16  ASP A C   1 
ATOM   130  O O   . ASP A 1 18  ? 7.641   16.152  4.347   1.00 26.49 ? 16  ASP A O   1 
ATOM   131  C CB  . ASP A 1 18  ? 8.131   19.197  4.677   1.00 24.64 ? 16  ASP A CB  1 
ATOM   132  C CG  . ASP A 1 18  ? 7.974   20.557  3.945   1.00 30.03 ? 16  ASP A CG  1 
ATOM   133  O OD1 . ASP A 1 18  ? 8.911   20.990  3.248   1.00 28.68 ? 16  ASP A OD1 1 
ATOM   134  O OD2 . ASP A 1 18  ? 6.907   21.201  4.065   1.00 32.48 ? 16  ASP A OD2 1 
ATOM   135  N N   . LYS A 1 19  ? 9.786   16.256  5.045   1.00 25.30 ? 17  LYS A N   1 
ATOM   136  C CA  . LYS A 1 19  ? 9.694   15.004  5.782   1.00 28.36 ? 17  LYS A CA  1 
ATOM   137  C C   . LYS A 1 19  ? 8.709   15.173  6.922   1.00 29.89 ? 17  LYS A C   1 
ATOM   138  O O   . LYS A 1 19  ? 8.774   16.157  7.661   1.00 34.42 ? 17  LYS A O   1 
ATOM   139  C CB  . LYS A 1 19  ? 11.060  14.589  6.330   1.00 29.37 ? 17  LYS A CB  1 
ATOM   140  C CG  . LYS A 1 19  ? 12.193  14.427  5.294   1.00 29.97 ? 17  LYS A CG  1 
ATOM   141  C CD  . LYS A 1 19  ? 11.954  13.306  4.271   1.00 35.83 ? 17  LYS A CD  1 
ATOM   142  C CE  . LYS A 1 19  ? 11.294  12.055  4.863   1.00 33.96 ? 17  LYS A CE  1 
ATOM   143  N NZ  . LYS A 1 19  ? 11.882  11.595  6.153   1.00 40.91 ? 17  LYS A NZ  1 
ATOM   144  N N   . VAL A 1 20  ? 7.780   14.229  7.061   1.00 27.63 ? 18  VAL A N   1 
ATOM   145  C CA  . VAL A 1 20  ? 6.791   14.306  8.122   1.00 31.82 ? 18  VAL A CA  1 
ATOM   146  C C   . VAL A 1 20  ? 6.937   13.186  9.146   1.00 29.09 ? 18  VAL A C   1 
ATOM   147  O O   . VAL A 1 20  ? 6.573   13.378  10.313  1.00 33.03 ? 18  VAL A O   1 
ATOM   148  C CB  . VAL A 1 20  ? 5.359   14.332  7.550   1.00 29.54 ? 18  VAL A CB  1 
ATOM   149  C CG1 . VAL A 1 20  ? 5.168   15.518  6.620   1.00 30.51 ? 18  VAL A CG1 1 
ATOM   150  C CG2 . VAL A 1 20  ? 5.047   13.037  6.852   1.00 28.13 ? 18  VAL A CG2 1 
ATOM   151  N N   . GLY A 1 21  ? 7.441   12.038  8.757   1.00 23.93 ? 19  GLY A N   1 
ATOM   152  C CA  . GLY A 1 21  ? 7.599   10.959  9.688   1.00 28.78 ? 19  GLY A CA  1 
ATOM   153  C C   . GLY A 1 21  ? 7.520   9.630   8.972   1.00 29.77 ? 19  GLY A C   1 
ATOM   154  O O   . GLY A 1 21  ? 7.704   9.545   7.761   1.00 28.43 ? 19  GLY A O   1 
ATOM   155  N N   . LYS A 1 22  ? 7.227   8.604   9.759   1.00 32.24 ? 20  LYS A N   1 
ATOM   156  C CA  . LYS A 1 22  ? 7.356   7.222   9.332   1.00 33.16 ? 20  LYS A CA  1 
ATOM   157  C C   . LYS A 1 22  ? 6.076   6.459   9.650   1.00 32.75 ? 20  LYS A C   1 
ATOM   158  O O   . LYS A 1 22  ? 5.462   6.657   10.703  1.00 36.12 ? 20  LYS A O   1 
ATOM   159  C CB  . LYS A 1 22  ? 8.570   6.571   10.015  1.00 36.09 ? 20  LYS A CB  1 
ATOM   160  C CG  . LYS A 1 22  ? 9.891   7.273   9.662   1.00 46.25 ? 20  LYS A CG  1 
ATOM   161  C CD  . LYS A 1 22  ? 10.765  7.637   10.867  1.00 49.01 ? 20  LYS A CD  1 
ATOM   162  C CE  . LYS A 1 22  ? 12.158  8.117   10.413  1.00 51.05 ? 20  LYS A CE  1 
ATOM   163  N NZ  . LYS A 1 22  ? 12.188  9.515   9.872   1.00 46.71 ? 20  LYS A NZ  1 
ATOM   164  N N   . ILE A 1 23  ? 5.676   5.586   8.737   1.00 28.75 ? 21  ILE A N   1 
ATOM   165  C CA  . ILE A 1 23  ? 4.568   4.671   8.965   1.00 29.04 ? 21  ILE A CA  1 
ATOM   166  C C   . ILE A 1 23  ? 5.154   3.276   9.080   1.00 27.16 ? 21  ILE A C   1 
ATOM   167  O O   . ILE A 1 23  ? 6.029   2.902   8.298   1.00 27.79 ? 21  ILE A O   1 
ATOM   168  C CB  . ILE A 1 23  ? 3.529   4.745   7.836   1.00 25.34 ? 21  ILE A CB  1 
ATOM   169  C CG1 . ILE A 1 23  ? 3.050   6.183   7.645   1.00 27.47 ? 21  ILE A CG1 1 
ATOM   170  C CG2 . ILE A 1 23  ? 2.377   3.815   8.121   1.00 27.28 ? 21  ILE A CG2 1 
ATOM   171  C CD1 . ILE A 1 23  ? 2.386   6.426   6.287   1.00 28.32 ? 21  ILE A CD1 1 
ATOM   172  N N   . VAL A 1 24  ? 4.683   2.506   10.052  1.00 27.06 ? 22  VAL A N   1 
ATOM   173  C CA  . VAL A 1 24  ? 5.182   1.159   10.274  1.00 26.53 ? 22  VAL A CA  1 
ATOM   174  C C   . VAL A 1 24  ? 4.024   0.194   10.145  1.00 23.69 ? 22  VAL A C   1 
ATOM   175  O O   . VAL A 1 24  ? 2.973   0.385   10.765  1.00 26.94 ? 22  VAL A O   1 
ATOM   176  C CB  . VAL A 1 24  ? 5.870   1.021   11.643  1.00 30.87 ? 22  VAL A CB  1 
ATOM   177  C CG1 . VAL A 1 24  ? 6.568   -0.328  11.734  1.00 26.66 ? 22  VAL A CG1 1 
ATOM   178  C CG2 . VAL A 1 24  ? 6.872   2.160   11.834  1.00 27.87 ? 22  VAL A CG2 1 
ATOM   179  N N   . PHE A 1 25  ? 4.221   -0.836  9.342   1.00 23.51 ? 23  PHE A N   1 
ATOM   180  C CA  . PHE A 1 25  ? 3.206   -1.833  9.072   1.00 27.56 ? 23  PHE A CA  1 
ATOM   181  C C   . PHE A 1 25  ? 3.590   -3.158  9.705   1.00 25.76 ? 23  PHE A C   1 
ATOM   182  O O   . PHE A 1 25  ? 4.768   -3.465  9.908   1.00 28.95 ? 23  PHE A O   1 
ATOM   183  C CB  . PHE A 1 25  ? 3.020   -2.044  7.564   1.00 25.34 ? 23  PHE A CB  1 
ATOM   184  C CG  . PHE A 1 25  ? 2.819   -0.780  6.794   1.00 25.51 ? 23  PHE A CG  1 
ATOM   185  C CD1 . PHE A 1 25  ? 3.851   -0.239  6.041   1.00 24.48 ? 23  PHE A CD1 1 
ATOM   186  C CD2 . PHE A 1 25  ? 1.598   -0.136  6.807   1.00 26.21 ? 23  PHE A CD2 1 
ATOM   187  C CE1 . PHE A 1 25  ? 3.663   0.921   5.316   1.00 23.61 ? 23  PHE A CE1 1 
ATOM   188  C CE2 . PHE A 1 25  ? 1.408   1.032   6.087   1.00 25.50 ? 23  PHE A CE2 1 
ATOM   189  C CZ  . PHE A 1 25  ? 2.439   1.559   5.341   1.00 23.08 ? 23  PHE A CZ  1 
ATOM   190  N N   . GLU A 1 26  ? 2.564   -3.943  9.995   1.00 24.67 ? 24  GLU A N   1 
ATOM   191  C CA  . GLU A 1 26  ? 2.684   -5.345  10.344  1.00 21.77 ? 24  GLU A CA  1 
ATOM   192  C C   . GLU A 1 26  ? 1.860   -6.109  9.328   1.00 23.93 ? 24  GLU A C   1 
ATOM   193  O O   . GLU A 1 26  ? 0.691   -5.770  9.106   1.00 24.98 ? 24  GLU A O   1 
ATOM   194  C CB  . GLU A 1 26  ? 2.168   -5.599  11.750  1.00 21.83 ? 24  GLU A CB  1 
ATOM   195  C CG  . GLU A 1 26  ? 2.008   -7.030  12.078  1.00 21.04 ? 24  GLU A CG  1 
ATOM   196  C CD  . GLU A 1 26  ? 1.122   -7.246  13.292  1.00 30.41 ? 24  GLU A CD  1 
ATOM   197  O OE1 . GLU A 1 26  ? -0.106  -7.412  13.105  1.00 28.68 ? 24  GLU A OE1 1 
ATOM   198  O OE2 . GLU A 1 26  ? 1.654   -7.263  14.428  1.00 26.01 ? 24  GLU A OE2 1 
ATOM   199  N N   . LEU A 1 27  ? 2.472   -7.099  8.684   1.00 17.85 ? 25  LEU A N   1 
ATOM   200  C CA  . LEU A 1 27  ? 1.838   -7.833  7.602   1.00 21.01 ? 25  LEU A CA  1 
ATOM   201  C C   . LEU A 1 27  ? 1.405   -9.214  8.078   1.00 23.60 ? 25  LEU A C   1 
ATOM   202  O O   . LEU A 1 27  ? 2.170   -9.916  8.741   1.00 24.09 ? 25  LEU A O   1 
ATOM   203  C CB  . LEU A 1 27  ? 2.788   -7.962  6.410   1.00 21.67 ? 25  LEU A CB  1 
ATOM   204  C CG  . LEU A 1 27  ? 3.538   -6.696  5.985   1.00 22.12 ? 25  LEU A CG  1 
ATOM   205  C CD1 . LEU A 1 27  ? 4.406   -6.994  4.785   1.00 22.75 ? 25  LEU A CD1 1 
ATOM   206  C CD2 . LEU A 1 27  ? 2.568   -5.558  5.681   1.00 18.83 ? 25  LEU A CD2 1 
ATOM   207  N N   . PHE A 1 28  ? 0.181   -9.610  7.718   1.00 24.59 ? 26  PHE A N   1 
ATOM   208  C CA  . PHE A 1 28  ? -0.377  -10.900 8.145   1.00 24.73 ? 26  PHE A CA  1 
ATOM   209  C C   . PHE A 1 28  ? 0.073   -12.020 7.201   1.00 23.42 ? 26  PHE A C   1 
ATOM   210  O O   . PHE A 1 28  ? -0.707  -12.579 6.427   1.00 23.19 ? 26  PHE A O   1 
ATOM   211  C CB  . PHE A 1 28  ? -1.899  -10.839 8.214   1.00 22.90 ? 26  PHE A CB  1 
ATOM   212  C CG  . PHE A 1 28  ? -2.457  -9.571  8.812   1.00 21.89 ? 26  PHE A CG  1 
ATOM   213  C CD1 . PHE A 1 28  ? -1.991  -9.083  10.014  1.00 21.98 ? 26  PHE A CD1 1 
ATOM   214  C CD2 . PHE A 1 28  ? -3.494  -8.896  8.180   1.00 20.26 ? 26  PHE A CD2 1 
ATOM   215  C CE1 . PHE A 1 28  ? -2.531  -7.929  10.560  1.00 23.64 ? 26  PHE A CE1 1 
ATOM   216  C CE2 . PHE A 1 28  ? -4.043  -7.748  8.721   1.00 19.75 ? 26  PHE A CE2 1 
ATOM   217  C CZ  . PHE A 1 28  ? -3.563  -7.260  9.907   1.00 20.65 ? 26  PHE A CZ  1 
ATOM   218  N N   . ASN A 1 29  ? 1.360   -12.366 7.296   1.00 25.78 ? 27  ASN A N   1 
ATOM   219  C CA  . ASN A 1 29  ? 1.876   -13.486 6.514   1.00 27.06 ? 27  ASN A CA  1 
ATOM   220  C C   . ASN A 1 29  ? 1.311   -14.825 6.974   1.00 25.93 ? 27  ASN A C   1 
ATOM   221  O O   . ASN A 1 29  ? 1.441   -15.815 6.249   1.00 28.13 ? 27  ASN A O   1 
ATOM   222  C CB  . ASN A 1 29  ? 3.402   -13.518 6.570   1.00 25.85 ? 27  ASN A CB  1 
ATOM   223  C CG  . ASN A 1 29  ? 3.914   -13.897 7.931   1.00 27.87 ? 27  ASN A CG  1 
ATOM   224  O OD1 . ASN A 1 29  ? 3.301   -13.566 8.940   1.00 31.41 ? 27  ASN A OD1 1 
ATOM   225  N ND2 . ASN A 1 29  ? 5.031   -14.610 7.974   1.00 28.28 ? 27  ASN A ND2 1 
ATOM   226  N N   . ASP A 1 30  ? 0.677   -14.869 8.142   1.00 23.31 ? 28  ASP A N   1 
ATOM   227  C CA  . ASP A 1 30  ? -0.006  -16.060 8.631   1.00 24.31 ? 28  ASP A CA  1 
ATOM   228  C C   . ASP A 1 30  ? -1.379  -16.261 8.003   1.00 27.32 ? 28  ASP A C   1 
ATOM   229  O O   . ASP A 1 30  ? -1.932  -17.359 8.098   1.00 21.20 ? 28  ASP A O   1 
ATOM   230  C CB  . ASP A 1 30  ? -0.167  -15.969 10.152  1.00 23.97 ? 28  ASP A CB  1 
ATOM   231  C CG  . ASP A 1 30  ? -0.818  -14.660 10.586  1.00 30.60 ? 28  ASP A CG  1 
ATOM   232  O OD1 . ASP A 1 30  ? -0.395  -13.597 10.078  1.00 30.05 ? 28  ASP A OD1 1 
ATOM   233  O OD2 . ASP A 1 30  ? -1.767  -14.675 11.415  1.00 30.74 ? 28  ASP A OD2 1 
ATOM   234  N N   . ILE A 1 31  ? -1.948  -15.231 7.388   1.00 22.75 ? 29  ILE A N   1 
ATOM   235  C CA  . ILE A 1 31  ? -3.275  -15.291 6.800   1.00 26.21 ? 29  ILE A CA  1 
ATOM   236  C C   . ILE A 1 31  ? -3.217  -15.180 5.278   1.00 23.94 ? 29  ILE A C   1 
ATOM   237  O O   . ILE A 1 31  ? -3.857  -15.950 4.566   1.00 22.63 ? 29  ILE A O   1 
ATOM   238  C CB  . ILE A 1 31  ? -4.193  -14.200 7.402   1.00 28.84 ? 29  ILE A CB  1 
ATOM   239  C CG1 . ILE A 1 31  ? -4.400  -14.440 8.900   1.00 28.34 ? 29  ILE A CG1 1 
ATOM   240  C CG2 . ILE A 1 31  ? -5.527  -14.117 6.654   1.00 24.49 ? 29  ILE A CG2 1 
ATOM   241  C CD1 . ILE A 1 31  ? -4.871  -13.195 9.649   1.00 25.36 ? 29  ILE A CD1 1 
ATOM   242  N N   . VAL A 1 32  ? -2.470  -14.209 4.763   1.00 23.99 ? 30  VAL A N   1 
ATOM   243  C CA  . VAL A 1 32  ? -2.273  -14.110 3.315   1.00 24.40 ? 30  VAL A CA  1 
ATOM   244  C C   . VAL A 1 32  ? -0.778  -14.109 3.019   1.00 24.06 ? 30  VAL A C   1 
ATOM   245  O O   . VAL A 1 32  ? -0.212  -13.053 2.696   1.00 25.06 ? 30  VAL A O   1 
ATOM   246  C CB  . VAL A 1 32  ? -2.954  -12.856 2.739   1.00 27.15 ? 30  VAL A CB  1 
ATOM   247  C CG1 . VAL A 1 32  ? -4.485  -13.030 2.689   1.00 24.93 ? 30  VAL A CG1 1 
ATOM   248  C CG2 . VAL A 1 32  ? -2.583  -11.656 3.557   1.00 21.32 ? 30  VAL A CG2 1 
ATOM   249  N N   . PRO A 1 33  ? -0.107  -15.261 3.092   1.00 22.39 ? 31  PRO A N   1 
ATOM   250  C CA  . PRO A 1 33  ? 1.364   -15.261 2.947   1.00 24.35 ? 31  PRO A CA  1 
ATOM   251  C C   . PRO A 1 33  ? 1.861   -14.689 1.623   1.00 27.34 ? 31  PRO A C   1 
ATOM   252  O O   . PRO A 1 33  ? 2.872   -13.970 1.598   1.00 28.45 ? 31  PRO A O   1 
ATOM   253  C CB  . PRO A 1 33  ? 1.725   -16.742 3.102   1.00 22.05 ? 31  PRO A CB  1 
ATOM   254  C CG  . PRO A 1 33  ? 0.412   -17.502 2.830   1.00 23.09 ? 31  PRO A CG  1 
ATOM   255  C CD  . PRO A 1 33  ? -0.663  -16.608 3.330   1.00 21.24 ? 31  PRO A CD  1 
ATOM   256  N N   . LYS A 1 34  ? 1.165   -14.974 0.522   1.00 25.21 ? 32  LYS A N   1 
ATOM   257  C CA  . LYS A 1 34  ? 1.637   -14.568 -0.797  1.00 24.33 ? 32  LYS A CA  1 
ATOM   258  C C   . LYS A 1 34  ? 1.435   -13.073 -1.016  1.00 26.14 ? 32  LYS A C   1 
ATOM   259  O O   . LYS A 1 34  ? 2.273   -12.409 -1.643  1.00 23.84 ? 32  LYS A O   1 
ATOM   260  C CB  . LYS A 1 34  ? 0.909   -15.396 -1.867  1.00 28.27 ? 32  LYS A CB  1 
ATOM   261  C CG  . LYS A 1 34  ? 1.385   -15.196 -3.282  1.00 30.12 ? 32  LYS A CG  1 
ATOM   262  C CD  . LYS A 1 34  ? 0.248   -15.360 -4.299  1.00 33.68 ? 32  LYS A CD  1 
ATOM   263  C CE  . LYS A 1 34  ? 0.790   -15.366 -5.743  1.00 30.19 ? 32  LYS A CE  1 
ATOM   264  N NZ  . LYS A 1 34  ? -0.152  -15.983 -6.713  1.00 34.00 ? 32  LYS A NZ  1 
ATOM   265  N N   . THR A 1 35  ? 0.339   -12.523 -0.489  1.00 25.00 ? 33  THR A N   1 
ATOM   266  C CA  . THR A 1 35  ? 0.077   -11.097 -0.627  1.00 20.64 ? 33  THR A CA  1 
ATOM   267  C C   . THR A 1 35  ? 0.987   -10.287 0.287   1.00 22.25 ? 33  THR A C   1 
ATOM   268  O O   . THR A 1 35  ? 1.580   -9.289  -0.139  1.00 19.74 ? 33  THR A O   1 
ATOM   269  C CB  . THR A 1 35  ? -1.397  -10.806 -0.341  1.00 22.62 ? 33  THR A CB  1 
ATOM   270  O OG1 . THR A 1 35  ? -2.213  -11.614 -1.204  1.00 27.11 ? 33  THR A OG1 1 
ATOM   271  C CG2 . THR A 1 35  ? -1.708  -9.338  -0.600  1.00 22.71 ? 33  THR A CG2 1 
ATOM   272  N N   . ALA A 1 36  ? 1.099   -10.698 1.552   1.00 20.98 ? 34  ALA A N   1 
ATOM   273  C CA  . ALA A 1 36  ? 2.045   -10.068 2.468   1.00 23.70 ? 34  ALA A CA  1 
ATOM   274  C C   . ALA A 1 36  ? 3.458   -10.086 1.895   1.00 24.52 ? 34  ALA A C   1 
ATOM   275  O O   . ALA A 1 36  ? 4.172   -9.079  1.937   1.00 22.44 ? 34  ALA A O   1 
ATOM   276  C CB  . ALA A 1 36  ? 2.017   -10.779 3.821   1.00 20.31 ? 34  ALA A CB  1 
ATOM   277  N N   . GLU A 1 37  ? 3.876   -11.230 1.347   1.00 21.14 ? 35  GLU A N   1 
ATOM   278  C CA  . GLU A 1 37  ? 5.237   -11.332 0.835   1.00 23.27 ? 35  GLU A CA  1 
ATOM   279  C C   . GLU A 1 37  ? 5.470   -10.397 -0.348  1.00 24.00 ? 35  GLU A C   1 
ATOM   280  O O   . GLU A 1 37  ? 6.584   -9.893  -0.523  1.00 27.63 ? 35  GLU A O   1 
ATOM   281  C CB  . GLU A 1 37  ? 5.545   -12.786 0.462   1.00 23.82 ? 35  GLU A CB  1 
ATOM   282  C CG  . GLU A 1 37  ? 6.898   -13.032 -0.232  1.00 30.04 ? 35  GLU A CG  1 
ATOM   283  C CD  . GLU A 1 37  ? 8.112   -12.541 0.568   1.00 33.60 ? 35  GLU A CD  1 
ATOM   284  O OE1 . GLU A 1 37  ? 9.198   -12.406 -0.033  1.00 32.67 ? 35  GLU A OE1 1 
ATOM   285  O OE2 . GLU A 1 37  ? 7.997   -12.301 1.792   1.00 37.09 ? 35  GLU A OE2 1 
ATOM   286  N N   . ASN A 1 38  ? 4.447   -10.153 -1.174  1.00 23.00 ? 36  ASN A N   1 
ATOM   287  C CA  . ASN A 1 38  ? 4.596   -9.160  -2.239  1.00 22.28 ? 36  ASN A CA  1 
ATOM   288  C C   . ASN A 1 38  ? 4.893   -7.784  -1.655  1.00 24.21 ? 36  ASN A C   1 
ATOM   289  O O   . ASN A 1 38  ? 5.833   -7.106  -2.085  1.00 22.51 ? 36  ASN A O   1 
ATOM   290  C CB  . ASN A 1 38  ? 3.341   -9.104  -3.109  1.00 21.37 ? 36  ASN A CB  1 
ATOM   291  C CG  . ASN A 1 38  ? 3.509   -8.196  -4.326  1.00 27.71 ? 36  ASN A CG  1 
ATOM   292  O OD1 . ASN A 1 38  ? 4.403   -8.403  -5.165  1.00 26.75 ? 36  ASN A OD1 1 
ATOM   293  N ND2 . ASN A 1 38  ? 2.638   -7.187  -4.435  1.00 23.74 ? 36  ASN A ND2 1 
ATOM   294  N N   . PHE A 1 39  ? 4.093   -7.353  -0.672  1.00 22.55 ? 37  PHE A N   1 
ATOM   295  C CA  . PHE A 1 39  ? 4.337   -6.064  -0.035  1.00 22.17 ? 37  PHE A CA  1 
ATOM   296  C C   . PHE A 1 39  ? 5.706   -6.029  0.625   1.00 21.28 ? 37  PHE A C   1 
ATOM   297  O O   . PHE A 1 39  ? 6.408   -5.018  0.541   1.00 22.28 ? 37  PHE A O   1 
ATOM   298  C CB  . PHE A 1 39  ? 3.234   -5.763  0.983   1.00 21.76 ? 37  PHE A CB  1 
ATOM   299  C CG  . PHE A 1 39  ? 3.188   -4.324  1.431   1.00 22.14 ? 37  PHE A CG  1 
ATOM   300  C CD1 . PHE A 1 39  ? 2.564   -3.360  0.648   1.00 20.35 ? 37  PHE A CD1 1 
ATOM   301  C CD2 . PHE A 1 39  ? 3.770   -3.934  2.635   1.00 18.73 ? 37  PHE A CD2 1 
ATOM   302  C CE1 . PHE A 1 39  ? 2.522   -2.025  1.047   1.00 16.79 ? 37  PHE A CE1 1 
ATOM   303  C CE2 . PHE A 1 39  ? 3.722   -2.613  3.041   1.00 21.46 ? 37  PHE A CE2 1 
ATOM   304  C CZ  . PHE A 1 39  ? 3.098   -1.656  2.236   1.00 19.64 ? 37  PHE A CZ  1 
ATOM   305  N N   . ARG A 1 40  ? 6.111   -7.128  1.274   1.00 19.14 ? 38  ARG A N   1 
ATOM   306  C CA  . ARG A 1 40  ? 7.410   -7.154  1.938   1.00 22.56 ? 38  ARG A CA  1 
ATOM   307  C C   . ARG A 1 40  ? 8.545   -6.915  0.948   1.00 22.91 ? 38  ARG A C   1 
ATOM   308  O O   . ARG A 1 40  ? 9.398   -6.048  1.169   1.00 23.78 ? 38  ARG A O   1 
ATOM   309  C CB  . ARG A 1 40  ? 7.611   -8.482  2.680   1.00 25.44 ? 38  ARG A CB  1 
ATOM   310  C CG  . ARG A 1 40  ? 8.726   -8.429  3.735   1.00 25.67 ? 38  ARG A CG  1 
ATOM   311  C CD  . ARG A 1 40  ? 9.368   -9.805  4.030   1.00 31.05 ? 38  ARG A CD  1 
ATOM   312  N NE  . ARG A 1 40  ? 9.773   -10.494 2.808   1.00 27.73 ? 38  ARG A NE  1 
ATOM   313  C CZ  . ARG A 1 40  ? 10.901  -10.256 2.153   1.00 27.79 ? 38  ARG A CZ  1 
ATOM   314  N NH1 . ARG A 1 40  ? 11.766  -9.364  2.616   1.00 31.16 ? 38  ARG A NH1 1 
ATOM   315  N NH2 . ARG A 1 40  ? 11.174  -10.926 1.044   1.00 26.84 ? 38  ARG A NH2 1 
ATOM   316  N N   . ALA A 1 41  ? 8.570   -7.678  -0.154  1.00 22.99 ? 39  ALA A N   1 
ATOM   317  C CA  . ALA A 1 41  ? 9.652   -7.545  -1.129  1.00 24.55 ? 39  ALA A CA  1 
ATOM   318  C C   . ALA A 1 41  ? 9.674   -6.152  -1.751  1.00 24.56 ? 39  ALA A C   1 
ATOM   319  O O   . ALA A 1 41  ? 10.744  -5.564  -1.947  1.00 24.62 ? 39  ALA A O   1 
ATOM   320  C CB  . ALA A 1 41  ? 9.522   -8.609  -2.220  1.00 24.36 ? 39  ALA A CB  1 
ATOM   321  N N   . LEU A 1 42  ? 8.499   -5.608  -2.079  1.00 23.51 ? 40  LEU A N   1 
ATOM   322  C CA  . LEU A 1 42  ? 8.454   -4.293  -2.707  1.00 22.46 ? 40  LEU A CA  1 
ATOM   323  C C   . LEU A 1 42  ? 8.899   -3.194  -1.755  1.00 24.85 ? 40  LEU A C   1 
ATOM   324  O O   . LEU A 1 42  ? 9.368   -2.144  -2.207  1.00 25.52 ? 40  LEU A O   1 
ATOM   325  C CB  . LEU A 1 42  ? 7.049   -4.001  -3.224  1.00 20.58 ? 40  LEU A CB  1 
ATOM   326  C CG  . LEU A 1 42  ? 6.599   -4.963  -4.319  1.00 20.01 ? 40  LEU A CG  1 
ATOM   327  C CD1 . LEU A 1 42  ? 5.171   -4.677  -4.671  1.00 22.25 ? 40  LEU A CD1 1 
ATOM   328  C CD2 . LEU A 1 42  ? 7.510   -4.889  -5.552  1.00 19.86 ? 40  LEU A CD2 1 
ATOM   329  N N   . CYS A 1 43  ? 8.753   -3.403  -0.443  1.00 25.89 ? 41  CYS A N   1 
ATOM   330  C CA  . CYS A 1 43  ? 9.331   -2.458  0.505   1.00 27.40 ? 41  CYS A CA  1 
ATOM   331  C C   . CYS A 1 43  ? 10.850  -2.542  0.508   1.00 28.12 ? 41  CYS A C   1 
ATOM   332  O O   . CYS A 1 43  ? 11.536  -1.523  0.666   1.00 28.59 ? 41  CYS A O   1 
ATOM   333  C CB  . CYS A 1 43  ? 8.806   -2.718  1.915   1.00 25.14 ? 41  CYS A CB  1 
ATOM   334  S SG  . CYS A 1 43  ? 7.129   -2.249  2.183   1.00 27.66 ? 41  CYS A SG  1 
ATOM   335  N N   . THR A 1 44  ? 11.398  -3.746  0.383   1.00 25.26 ? 42  THR A N   1 
ATOM   336  C CA  . THR A 1 44  ? 12.846  -3.881  0.465   1.00 27.59 ? 42  THR A CA  1 
ATOM   337  C C   . THR A 1 44  ? 13.540  -3.604  -0.857  1.00 31.68 ? 42  THR A C   1 
ATOM   338  O O   . THR A 1 44  ? 14.730  -3.261  -0.856  1.00 27.59 ? 42  THR A O   1 
ATOM   339  C CB  . THR A 1 44  ? 13.238  -5.281  0.948   1.00 28.92 ? 42  THR A CB  1 
ATOM   340  O OG1 . THR A 1 44  ? 12.969  -6.243  -0.081  1.00 27.68 ? 42  THR A OG1 1 
ATOM   341  C CG2 . THR A 1 44  ? 12.467  -5.651  2.198   1.00 29.77 ? 42  THR A CG2 1 
ATOM   342  N N   . GLY A 1 45  ? 12.822  -3.717  -1.975  1.00 29.53 ? 43  GLY A N   1 
ATOM   343  C CA  . GLY A 1 45  ? 13.461  -3.677  -3.273  1.00 28.60 ? 43  GLY A CA  1 
ATOM   344  C C   . GLY A 1 45  ? 14.370  -4.850  -3.547  1.00 27.77 ? 43  GLY A C   1 
ATOM   345  O O   . GLY A 1 45  ? 15.155  -4.809  -4.497  1.00 30.94 ? 43  GLY A O   1 
ATOM   346  N N   . GLU A 1 46  ? 14.288  -5.903  -2.749  1.00 24.58 ? 44  GLU A N   1 
ATOM   347  C CA  . GLU A 1 46  ? 15.248  -6.987  -2.886  1.00 29.73 ? 44  GLU A CA  1 
ATOM   348  C C   . GLU A 1 46  ? 15.132  -7.739  -4.213  1.00 25.95 ? 44  GLU A C   1 
ATOM   349  O O   . GLU A 1 46  ? 16.094  -8.391  -4.609  1.00 29.84 ? 44  GLU A O   1 
ATOM   350  C CB  . GLU A 1 46  ? 15.097  -7.959  -1.714  1.00 32.23 ? 44  GLU A CB  1 
ATOM   351  C CG  . GLU A 1 46  ? 13.764  -8.725  -1.686  1.00 31.96 ? 44  GLU A CG  1 
ATOM   352  C CD  . GLU A 1 46  ? 13.565  -9.522  -0.392  1.00 37.12 ? 44  GLU A CD  1 
ATOM   353  O OE1 . GLU A 1 46  ? 13.519  -8.878  0.684   1.00 40.48 ? 44  GLU A OE1 1 
ATOM   354  O OE2 . GLU A 1 46  ? 13.448  -10.780 -0.448  1.00 34.05 ? 44  GLU A OE2 1 
ATOM   355  N N   . LYS A 1 47  ? 13.999  -7.678  -4.922  1.00 28.76 ? 45  LYS A N   1 
ATOM   356  C CA  . LYS A 1 47  ? 13.897  -8.430  -6.181  1.00 25.91 ? 45  LYS A CA  1 
ATOM   357  C C   . LYS A 1 47  ? 14.555  -7.726  -7.371  1.00 27.95 ? 45  LYS A C   1 
ATOM   358  O O   . LYS A 1 47  ? 14.439  -8.221  -8.498  1.00 30.28 ? 45  LYS A O   1 
ATOM   359  C CB  . LYS A 1 47  ? 12.441  -8.728  -6.534  1.00 24.72 ? 45  LYS A CB  1 
ATOM   360  C CG  . LYS A 1 47  ? 11.689  -9.569  -5.517  1.00 25.73 ? 45  LYS A CG  1 
ATOM   361  C CD  . LYS A 1 47  ? 12.300  -10.928 -5.323  1.00 21.40 ? 45  LYS A CD  1 
ATOM   362  C CE  . LYS A 1 47  ? 11.715  -11.594 -4.076  1.00 26.00 ? 45  LYS A CE  1 
ATOM   363  N NZ  . LYS A 1 47  ? 11.666  -13.084 -4.160  1.00 26.64 ? 45  LYS A NZ  1 
ATOM   364  N N   . GLY A 1 48  ? 15.238  -6.608  -7.157  1.00 22.45 ? 46  GLY A N   1 
ATOM   365  C CA  . GLY A 1 48  ? 15.896  -5.939  -8.266  1.00 26.92 ? 46  GLY A CA  1 
ATOM   366  C C   . GLY A 1 48  ? 14.920  -5.410  -9.299  1.00 27.21 ? 46  GLY A C   1 
ATOM   367  O O   . GLY A 1 48  ? 13.873  -4.838  -8.983  1.00 30.37 ? 46  GLY A O   1 
ATOM   368  N N   . ILE A 1 49  ? 15.262  -5.618  -10.558 1.00 30.14 ? 47  ILE A N   1 
ATOM   369  C CA  . ILE A 1 49  ? 14.577  -4.973  -11.671 1.00 30.00 ? 47  ILE A CA  1 
ATOM   370  C C   . ILE A 1 49  ? 13.420  -5.853  -12.125 1.00 32.54 ? 47  ILE A C   1 
ATOM   371  O O   . ILE A 1 49  ? 13.605  -7.040  -12.418 1.00 32.65 ? 47  ILE A O   1 
ATOM   372  C CB  . ILE A 1 49  ? 15.552  -4.713  -12.831 1.00 31.20 ? 47  ILE A CB  1 
ATOM   373  C CG1 . ILE A 1 49  ? 16.623  -3.684  -12.439 1.00 29.83 ? 47  ILE A CG1 1 
ATOM   374  C CG2 . ILE A 1 49  ? 14.773  -4.258  -14.055 1.00 35.57 ? 47  ILE A CG2 1 
ATOM   375  C CD1 . ILE A 1 49  ? 16.098  -2.467  -11.659 1.00 25.77 ? 47  ILE A CD1 1 
ATOM   376  N N   . GLY A 1 50  ? 12.227  -5.273  -12.201 1.00 29.80 ? 48  GLY A N   1 
ATOM   377  C CA  . GLY A 1 50  ? 11.058  -6.024  -12.592 1.00 29.18 ? 48  GLY A CA  1 
ATOM   378  C C   . GLY A 1 50  ? 10.937  -6.199  -14.090 1.00 37.63 ? 48  GLY A C   1 
ATOM   379  O O   . GLY A 1 50  ? 11.749  -5.718  -14.884 1.00 36.03 ? 48  GLY A O   1 
ATOM   380  N N   . LYS A 1 51  ? 9.871   -6.909  -14.478 1.00 34.94 ? 49  LYS A N   1 
ATOM   381  C CA  . LYS A 1 51  ? 9.645   -7.178  -15.892 1.00 38.51 ? 49  LYS A CA  1 
ATOM   382  C C   . LYS A 1 51  ? 9.471   -5.882  -16.677 1.00 40.19 ? 49  LYS A C   1 
ATOM   383  O O   . LYS A 1 51  ? 9.916   -5.783  -17.823 1.00 39.26 ? 49  LYS A O   1 
ATOM   384  C CB  . LYS A 1 51  ? 8.432   -8.101  -16.071 1.00 44.77 ? 49  LYS A CB  1 
ATOM   385  C CG  . LYS A 1 51  ? 8.721   -9.611  -15.861 1.00 41.71 ? 49  LYS A CG  1 
ATOM   386  C CD  . LYS A 1 51  ? 7.422   -10.437 -15.774 1.00 47.51 ? 49  LYS A CD  1 
ATOM   387  C CE  . LYS A 1 51  ? 7.554   -11.702 -14.898 1.00 43.27 ? 49  LYS A CE  1 
ATOM   388  N NZ  . LYS A 1 51  ? 8.203   -12.862 -15.607 1.00 42.98 ? 49  LYS A NZ  1 
ATOM   389  N N   . SER A 1 52  ? 8.880   -4.870  -16.074 1.00 40.87 ? 50  SER A N   1 
ATOM   390  C CA  . SER A 1 52  ? 8.794   -3.606  -16.799 1.00 38.01 ? 50  SER A CA  1 
ATOM   391  C C   . SER A 1 52  ? 10.116  -2.855  -16.847 1.00 35.34 ? 50  SER A C   1 
ATOM   392  O O   . SER A 1 52  ? 10.106  -1.710  -17.301 1.00 35.51 ? 50  SER A O   1 
ATOM   393  C CB  . SER A 1 52  ? 7.718   -2.724  -16.169 1.00 38.96 ? 50  SER A CB  1 
ATOM   394  O OG  . SER A 1 52  ? 8.171   -2.203  -14.936 1.00 40.50 ? 50  SER A OG  1 
ATOM   395  N N   . GLY A 1 53  ? 11.241  -3.416  -16.404 1.00 32.49 ? 51  GLY A N   1 
ATOM   396  C CA  . GLY A 1 53  ? 12.505  -2.708  -16.435 1.00 24.96 ? 51  GLY A CA  1 
ATOM   397  C C   . GLY A 1 53  ? 12.694  -1.694  -15.330 1.00 35.39 ? 51  GLY A C   1 
ATOM   398  O O   . GLY A 1 53  ? 13.680  -0.944  -15.356 1.00 41.65 ? 51  GLY A O   1 
ATOM   399  N N   . MET A 1 54  ? 11.769  -1.631  -14.359 1.00 30.89 ? 52  MET A N   1 
ATOM   400  C CA  . MET A 1 54  ? 11.847  -0.713  -13.233 1.00 32.07 ? 52  MET A CA  1 
ATOM   401  C C   . MET A 1 54  ? 12.257  -1.458  -11.974 1.00 30.62 ? 52  MET A C   1 
ATOM   402  O O   . MET A 1 54  ? 12.016  -2.664  -11.850 1.00 27.84 ? 52  MET A O   1 
ATOM   403  C CB  . MET A 1 54  ? 10.496  -0.031  -12.970 1.00 29.78 ? 52  MET A CB  1 
ATOM   404  C CG  . MET A 1 54  ? 9.829   0.556   -14.177 1.00 33.07 ? 52  MET A CG  1 
ATOM   405  S SD  . MET A 1 54  ? 10.524  2.156   -14.608 1.00 39.25 ? 52  MET A SD  1 
ATOM   406  C CE  . MET A 1 54  ? 9.753   3.253   -13.422 1.00 23.08 ? 52  MET A CE  1 
ATOM   407  N N   . PRO A 1 55  ? 12.865  -0.774  -11.014 1.00 30.48 ? 53  PRO A N   1 
ATOM   408  C CA  . PRO A 1 55  ? 13.106  -1.414  -9.716  1.00 25.69 ? 53  PRO A CA  1 
ATOM   409  C C   . PRO A 1 55  ? 11.790  -1.761  -9.041  1.00 25.41 ? 53  PRO A C   1 
ATOM   410  O O   . PRO A 1 55  ? 10.877  -0.942  -8.977  1.00 25.11 ? 53  PRO A O   1 
ATOM   411  C CB  . PRO A 1 55  ? 13.893  -0.355  -8.932  1.00 24.26 ? 53  PRO A CB  1 
ATOM   412  C CG  . PRO A 1 55  ? 13.772  0.913   -9.725  1.00 21.42 ? 53  PRO A CG  1 
ATOM   413  C CD  . PRO A 1 55  ? 13.591  0.496   -11.143 1.00 27.29 ? 53  PRO A CD  1 
ATOM   414  N N   . LEU A 1 56  ? 11.691  -3.007  -8.568  1.00 25.35 ? 54  LEU A N   1 
ATOM   415  C CA  . LEU A 1 56  ? 10.544  -3.489  -7.799  1.00 25.28 ? 54  LEU A CA  1 
ATOM   416  C C   . LEU A 1 56  ? 10.636  -2.911  -6.394  1.00 26.65 ? 54  LEU A C   1 
ATOM   417  O O   . LEU A 1 56  ? 11.050  -3.577  -5.442  1.00 26.50 ? 54  LEU A O   1 
ATOM   418  C CB  . LEU A 1 56  ? 10.532  -5.009  -7.744  1.00 20.16 ? 54  LEU A CB  1 
ATOM   419  C CG  . LEU A 1 56  ? 10.450  -5.644  -9.119  1.00 26.70 ? 54  LEU A CG  1 
ATOM   420  C CD1 . LEU A 1 56  ? 11.003  -7.069  -9.140  1.00 26.94 ? 54  LEU A CD1 1 
ATOM   421  C CD2 . LEU A 1 56  ? 9.009   -5.604  -9.545  1.00 28.18 ? 54  LEU A CD2 1 
ATOM   422  N N   . SER A 1 57  ? 10.244  -1.647  -6.265  1.00 23.65 ? 55  SER A N   1 
ATOM   423  C CA  . SER A 1 57  ? 10.424  -0.980  -4.988  1.00 21.15 ? 55  SER A CA  1 
ATOM   424  C C   . SER A 1 57  ? 9.466   0.185   -4.868  1.00 23.65 ? 55  SER A C   1 
ATOM   425  O O   . SER A 1 57  ? 9.253   0.920   -5.832  1.00 19.56 ? 55  SER A O   1 
ATOM   426  C CB  . SER A 1 57  ? 11.854  -0.460  -4.822  1.00 26.95 ? 55  SER A CB  1 
ATOM   427  O OG  . SER A 1 57  ? 11.878  0.623   -3.909  1.00 24.87 ? 55  SER A OG  1 
ATOM   428  N N   . TYR A 1 58  ? 8.952   0.381   -3.660  1.00 21.94 ? 56  TYR A N   1 
ATOM   429  C CA  . TYR A 1 58  ? 8.148   1.542   -3.329  1.00 23.50 ? 56  TYR A CA  1 
ATOM   430  C C   . TYR A 1 58  ? 8.968   2.797   -3.096  1.00 20.22 ? 56  TYR A C   1 
ATOM   431  O O   . TYR A 1 58  ? 8.385   3.842   -2.819  1.00 20.28 ? 56  TYR A O   1 
ATOM   432  C CB  . TYR A 1 58  ? 7.324   1.261   -2.080  1.00 22.62 ? 56  TYR A CB  1 
ATOM   433  C CG  . TYR A 1 58  ? 6.237   0.246   -2.296  1.00 20.47 ? 56  TYR A CG  1 
ATOM   434  C CD1 . TYR A 1 58  ? 5.385   0.330   -3.386  1.00 20.31 ? 56  TYR A CD1 1 
ATOM   435  C CD2 . TYR A 1 58  ? 6.066   -0.802  -1.408  1.00 23.57 ? 56  TYR A CD2 1 
ATOM   436  C CE1 . TYR A 1 58  ? 4.370   -0.615  -3.573  1.00 21.54 ? 56  TYR A CE1 1 
ATOM   437  C CE2 . TYR A 1 58  ? 5.064   -1.741  -1.588  1.00 22.04 ? 56  TYR A CE2 1 
ATOM   438  C CZ  . TYR A 1 58  ? 4.221   -1.633  -2.664  1.00 20.35 ? 56  TYR A CZ  1 
ATOM   439  O OH  . TYR A 1 58  ? 3.240   -2.565  -2.839  1.00 22.40 ? 56  TYR A OH  1 
ATOM   440  N N   . LYS A 1 59  ? 10.290  2.742   -3.165  1.00 23.13 ? 57  LYS A N   1 
ATOM   441  C CA  . LYS A 1 59  ? 11.030  3.955   -2.869  1.00 24.37 ? 57  LYS A CA  1 
ATOM   442  C C   . LYS A 1 59  ? 10.686  5.007   -3.902  1.00 24.49 ? 57  LYS A C   1 
ATOM   443  O O   . LYS A 1 59  ? 10.549  4.707   -5.089  1.00 22.74 ? 57  LYS A O   1 
ATOM   444  C CB  . LYS A 1 59  ? 12.528  3.709   -2.846  1.00 26.57 ? 57  LYS A CB  1 
ATOM   445  C CG  . LYS A 1 59  ? 13.307  4.908   -2.304  1.00 28.08 ? 57  LYS A CG  1 
ATOM   446  C CD  . LYS A 1 59  ? 14.806  4.628   -2.242  1.00 27.67 ? 57  LYS A CD  1 
ATOM   447  C CE  . LYS A 1 59  ? 15.623  5.906   -2.425  1.00 28.80 ? 57  LYS A CE  1 
ATOM   448  N NZ  . LYS A 1 59  ? 15.516  6.760   -1.209  1.00 34.14 ? 57  LYS A NZ  1 
ATOM   449  N N   . GLY A 1 60  ? 10.481  6.230   -3.431  1.00 23.05 ? 58  GLY A N   1 
ATOM   450  C CA  . GLY A 1 60  ? 10.129  7.323   -4.309  1.00 22.73 ? 58  GLY A CA  1 
ATOM   451  C C   . GLY A 1 60  ? 8.762   7.256   -4.964  1.00 26.27 ? 58  GLY A C   1 
ATOM   452  O O   . GLY A 1 60  ? 8.580   7.875   -6.010  1.00 26.80 ? 58  GLY A O   1 
ATOM   453  N N   . THR A 1 61  ? 7.789   6.534   -4.399  1.00 24.22 ? 59  THR A N   1 
ATOM   454  C CA  . THR A 1 61  ? 6.465   6.482   -5.011  1.00 24.14 ? 59  THR A CA  1 
ATOM   455  C C   . THR A 1 61  ? 5.499   7.439   -4.315  1.00 23.78 ? 59  THR A C   1 
ATOM   456  O O   . THR A 1 61  ? 5.710   7.870   -3.180  1.00 20.86 ? 59  THR A O   1 
ATOM   457  C CB  . THR A 1 61  ? 5.866   5.064   -5.009  1.00 23.80 ? 59  THR A CB  1 
ATOM   458  O OG1 . THR A 1 61  ? 5.942   4.486   -3.708  1.00 22.29 ? 59  THR A OG1 1 
ATOM   459  C CG2 . THR A 1 61  ? 6.578   4.159   -5.987  1.00 25.95 ? 59  THR A CG2 1 
ATOM   460  N N   . MET A 1 62  ? 4.416   7.747   -5.018  1.00 24.16 ? 60  MET A N   1 
ATOM   461  C CA  . MET A 1 62  ? 3.442   8.744   -4.606  1.00 21.69 ? 60  MET A CA  1 
ATOM   462  C C   . MET A 1 62  ? 2.138   8.088   -4.175  1.00 27.13 ? 60  MET A C   1 
ATOM   463  O O   . MET A 1 62  ? 1.778   7.003   -4.648  1.00 27.57 ? 60  MET A O   1 
ATOM   464  C CB  . MET A 1 62  ? 3.148   9.721   -5.748  1.00 23.40 ? 60  MET A CB  1 
ATOM   465  C CG  . MET A 1 62  ? 4.397   10.293  -6.431  1.00 28.36 ? 60  MET A CG  1 
ATOM   466  S SD  . MET A 1 62  ? 5.332   11.362  -5.313  1.00 41.14 ? 60  MET A SD  1 
ATOM   467  C CE  . MET A 1 62  ? 4.033   12.422  -4.706  1.00 29.18 ? 60  MET A CE  1 
ATOM   468  N N   . PHE A 1 63  ? 1.416   8.772   -3.290  1.00 25.24 ? 61  PHE A N   1 
ATOM   469  C CA  . PHE A 1 63  ? 0.012   8.469   -3.046  1.00 22.57 ? 61  PHE A CA  1 
ATOM   470  C C   . PHE A 1 63  ? -0.802  9.258   -4.058  1.00 21.58 ? 61  PHE A C   1 
ATOM   471  O O   . PHE A 1 63  ? -1.084  10.435  -3.858  1.00 27.34 ? 61  PHE A O   1 
ATOM   472  C CB  . PHE A 1 63  ? -0.369  8.797   -1.611  1.00 22.99 ? 61  PHE A CB  1 
ATOM   473  C CG  . PHE A 1 63  ? 0.261   7.868   -0.618  1.00 23.46 ? 61  PHE A CG  1 
ATOM   474  C CD1 . PHE A 1 63  ? -0.371  6.700   -0.248  1.00 22.40 ? 61  PHE A CD1 1 
ATOM   475  C CD2 . PHE A 1 63  ? 1.509   8.143   -0.092  1.00 24.38 ? 61  PHE A CD2 1 
ATOM   476  C CE1 . PHE A 1 63  ? 0.228   5.841   0.645   1.00 24.19 ? 61  PHE A CE1 1 
ATOM   477  C CE2 . PHE A 1 63  ? 2.116   7.284   0.802   1.00 21.06 ? 61  PHE A CE2 1 
ATOM   478  C CZ  . PHE A 1 63  ? 1.486   6.145   1.173   1.00 22.58 ? 61  PHE A CZ  1 
ATOM   479  N N   . HIS A 1 64  ? -1.180  8.608   -5.154  1.00 23.40 ? 62  HIS A N   1 
ATOM   480  C CA  . HIS A 1 64  ? -1.817  9.282   -6.278  1.00 24.52 ? 62  HIS A CA  1 
ATOM   481  C C   . HIS A 1 64  ? -3.326  9.406   -6.142  1.00 23.83 ? 62  HIS A C   1 
ATOM   482  O O   . HIS A 1 64  ? -3.941  10.115  -6.941  1.00 22.36 ? 62  HIS A O   1 
ATOM   483  C CB  . HIS A 1 64  ? -1.526  8.532   -7.566  1.00 23.38 ? 62  HIS A CB  1 
ATOM   484  C CG  . HIS A 1 64  ? -2.158  7.179   -7.605  1.00 23.18 ? 62  HIS A CG  1 
ATOM   485  N ND1 . HIS A 1 64  ? -1.586  6.076   -7.011  1.00 22.46 ? 62  HIS A ND1 1 
ATOM   486  C CD2 . HIS A 1 64  ? -3.330  6.759   -8.133  1.00 23.82 ? 62  HIS A CD2 1 
ATOM   487  C CE1 . HIS A 1 64  ? -2.368  5.026   -7.189  1.00 24.58 ? 62  HIS A CE1 1 
ATOM   488  N NE2 . HIS A 1 64  ? -3.438  5.416   -7.862  1.00 28.73 ? 62  HIS A NE2 1 
ATOM   489  N N   . ARG A 1 65  ? -3.941  8.711   -5.190  1.00 25.31 ? 63  ARG A N   1 
ATOM   490  C CA  . ARG A 1 65  ? -5.382  8.788   -4.973  1.00 23.20 ? 63  ARG A CA  1 
ATOM   491  C C   . ARG A 1 65  ? -5.644  8.833   -3.479  1.00 23.59 ? 63  ARG A C   1 
ATOM   492  O O   . ARG A 1 65  ? -5.263  7.908   -2.755  1.00 23.29 ? 63  ARG A O   1 
ATOM   493  C CB  . ARG A 1 65  ? -6.126  7.609   -5.596  1.00 25.37 ? 63  ARG A CB  1 
ATOM   494  C CG  . ARG A 1 65  ? -7.609  7.921   -5.789  1.00 29.72 ? 63  ARG A CG  1 
ATOM   495  C CD  . ARG A 1 65  ? -8.265  6.995   -6.764  1.00 30.71 ? 63  ARG A CD  1 
ATOM   496  N NE  . ARG A 1 65  ? -8.431  5.691   -6.158  1.00 40.41 ? 63  ARG A NE  1 
ATOM   497  C CZ  . ARG A 1 65  ? -9.598  5.203   -5.763  1.00 41.06 ? 63  ARG A CZ  1 
ATOM   498  N NH1 . ARG A 1 65  ? -10.700 5.922   -5.927  1.00 37.74 ? 63  ARG A NH1 1 
ATOM   499  N NH2 . ARG A 1 65  ? -9.660  3.998   -5.213  1.00 40.74 ? 63  ARG A NH2 1 
ATOM   500  N N   . ILE A 1 66  ? -6.277  9.914   -3.021  1.00 19.86 ? 64  ILE A N   1 
ATOM   501  C CA  . ILE A 1 66  ? -6.446  10.188  -1.597  1.00 23.84 ? 64  ILE A CA  1 
ATOM   502  C C   . ILE A 1 66  ? -7.878  10.645  -1.370  1.00 24.53 ? 64  ILE A C   1 
ATOM   503  O O   . ILE A 1 66  ? -8.268  11.710  -1.852  1.00 24.02 ? 64  ILE A O   1 
ATOM   504  C CB  . ILE A 1 66  ? -5.475  11.268  -1.096  1.00 26.99 ? 64  ILE A CB  1 
ATOM   505  C CG1 . ILE A 1 66  ? -4.024  10.917  -1.423  1.00 19.30 ? 64  ILE A CG1 1 
ATOM   506  C CG2 . ILE A 1 66  ? -5.652  11.489  0.391   1.00 22.07 ? 64  ILE A CG2 1 
ATOM   507  C CD1 . ILE A 1 66  ? -3.090  12.069  -1.143  1.00 19.05 ? 64  ILE A CD1 1 
ATOM   508  N N   . ILE A 1 67  ? -8.659  9.857   -0.638  1.00 23.16 ? 65  ILE A N   1 
ATOM   509  C CA  . ILE A 1 67  ? -10.047 10.243  -0.407  1.00 22.88 ? 65  ILE A CA  1 
ATOM   510  C C   . ILE A 1 67  ? -10.307 10.393  1.082   1.00 25.60 ? 65  ILE A C   1 
ATOM   511  O O   . ILE A 1 67  ? -10.307 9.402   1.829   1.00 27.42 ? 65  ILE A O   1 
ATOM   512  C CB  . ILE A 1 67  ? -11.020 9.254   -1.050  1.00 23.39 ? 65  ILE A CB  1 
ATOM   513  C CG1 . ILE A 1 67  ? -10.867 9.352   -2.568  1.00 25.05 ? 65  ILE A CG1 1 
ATOM   514  C CG2 . ILE A 1 67  ? -12.435 9.603   -0.648  1.00 21.26 ? 65  ILE A CG2 1 
ATOM   515  C CD1 . ILE A 1 67  ? -11.392 8.196   -3.326  1.00 24.18 ? 65  ILE A CD1 1 
ATOM   516  N N   . PRO A 1 68  ? -10.540 11.620  1.537   1.00 27.19 ? 66  PRO A N   1 
ATOM   517  C CA  . PRO A 1 68  ? -10.782 11.862  2.961   1.00 27.04 ? 66  PRO A CA  1 
ATOM   518  C C   . PRO A 1 68  ? -11.994 11.102  3.476   1.00 30.40 ? 66  PRO A C   1 
ATOM   519  O O   . PRO A 1 68  ? -12.980 10.902  2.767   1.00 28.43 ? 66  PRO A O   1 
ATOM   520  C CB  . PRO A 1 68  ? -11.008 13.373  3.024   1.00 29.44 ? 66  PRO A CB  1 
ATOM   521  C CG  . PRO A 1 68  ? -10.313 13.902  1.784   1.00 27.85 ? 66  PRO A CG  1 
ATOM   522  C CD  . PRO A 1 68  ? -10.508 12.862  0.746   1.00 28.07 ? 66  PRO A CD  1 
ATOM   523  N N   . GLN A 1 69  ? -11.906 10.683  4.739   1.00 28.29 ? 67  GLN A N   1 
ATOM   524  C CA  . GLN A 1 69  ? -12.921 9.826   5.345   1.00 31.20 ? 67  GLN A CA  1 
ATOM   525  C C   . GLN A 1 69  ? -13.083 8.525   4.564   1.00 24.23 ? 67  GLN A C   1 
ATOM   526  O O   . GLN A 1 69  ? -14.190 8.016   4.404   1.00 30.05 ? 67  GLN A O   1 
ATOM   527  C CB  . GLN A 1 69  ? -14.258 10.561  5.466   1.00 31.97 ? 67  GLN A CB  1 
ATOM   528  C CG  . GLN A 1 69  ? -14.126 11.944  6.068   1.00 29.95 ? 67  GLN A CG  1 
ATOM   529  C CD  . GLN A 1 69  ? -13.448 11.912  7.421   1.00 31.01 ? 67  GLN A CD  1 
ATOM   530  O OE1 . GLN A 1 69  ? -13.866 11.176  8.308   1.00 33.64 ? 67  GLN A OE1 1 
ATOM   531  N NE2 . GLN A 1 69  ? -12.397 12.713  7.587   1.00 27.79 ? 67  GLN A NE2 1 
ATOM   532  N N   . PHE A 1 70  ? -11.967 7.983   4.072   1.00 28.53 ? 68  PHE A N   1 
ATOM   533  C CA  . PHE A 1 70  ? -11.975 6.751   3.293   1.00 25.36 ? 68  PHE A CA  1 
ATOM   534  C C   . PHE A 1 70  ? -10.600 6.085   3.300   1.00 24.61 ? 68  PHE A C   1 
ATOM   535  O O   . PHE A 1 70  ? -10.317 5.257   4.171   1.00 30.15 ? 68  PHE A O   1 
ATOM   536  C CB  . PHE A 1 70  ? -12.448 7.043   1.868   1.00 23.15 ? 68  PHE A CB  1 
ATOM   537  C CG  . PHE A 1 70  ? -12.639 5.823   1.013   1.00 20.13 ? 68  PHE A CG  1 
ATOM   538  C CD1 . PHE A 1 70  ? -12.660 4.550   1.561   1.00 23.09 ? 68  PHE A CD1 1 
ATOM   539  C CD2 . PHE A 1 70  ? -12.790 5.954   -0.353  1.00 23.07 ? 68  PHE A CD2 1 
ATOM   540  C CE1 . PHE A 1 70  ? -12.837 3.440   0.758   1.00 22.83 ? 68  PHE A CE1 1 
ATOM   541  C CE2 . PHE A 1 70  ? -12.955 4.853   -1.159  1.00 24.23 ? 68  PHE A CE2 1 
ATOM   542  C CZ  . PHE A 1 70  ? -12.984 3.588   -0.597  1.00 24.40 ? 68  PHE A CZ  1 
ATOM   543  N N   . MET A 1 71  ? -9.736  6.425   2.348   1.00 26.53 ? 69  MET A N   1 
ATOM   544  C CA  . MET A 1 71  ? -8.471  5.711   2.214   1.00 24.56 ? 69  MET A CA  1 
ATOM   545  C C   . MET A 1 71  ? -7.464  6.590   1.484   1.00 22.71 ? 69  MET A C   1 
ATOM   546  O O   . MET A 1 71  ? -7.825  7.577   0.845   1.00 24.40 ? 69  MET A O   1 
ATOM   547  C CB  . MET A 1 71  ? -8.665  4.381   1.468   1.00 19.38 ? 69  MET A CB  1 
ATOM   548  C CG  . MET A 1 71  ? -9.338  4.535   0.085   1.00 22.09 ? 69  MET A CG  1 
ATOM   549  S SD  . MET A 1 71  ? -8.141  4.764   -1.258  1.00 31.42 ? 69  MET A SD  1 
ATOM   550  C CE  . MET A 1 71  ? -8.819  6.131   -2.184  1.00 24.23 ? 69  MET A CE  1 
ATOM   551  N N   . ILE A 1 72  ? -6.192  6.197   1.571   1.00 20.42 ? 70  ILE A N   1 
ATOM   552  C CA  . ILE A 1 72  ? -5.123  6.738   0.738   1.00 19.76 ? 70  ILE A CA  1 
ATOM   553  C C   . ILE A 1 72  ? -4.513  5.596   -0.060  1.00 17.45 ? 70  ILE A C   1 
ATOM   554  O O   . ILE A 1 72  ? -4.333  4.493   0.460   1.00 17.21 ? 70  ILE A O   1 
ATOM   555  C CB  . ILE A 1 72  ? -4.044  7.456   1.579   1.00 22.52 ? 70  ILE A CB  1 
ATOM   556  C CG1 . ILE A 1 72  ? -3.247  6.460   2.430   1.00 19.96 ? 70  ILE A CG1 1 
ATOM   557  C CG2 . ILE A 1 72  ? -4.676  8.526   2.452   1.00 22.09 ? 70  ILE A CG2 1 
ATOM   558  C CD1 . ILE A 1 72  ? -2.144  7.097   3.259   1.00 18.07 ? 70  ILE A CD1 1 
ATOM   559  N N   . GLN A 1 73  ? -4.188  5.860   -1.319  1.00 19.67 ? 71  GLN A N   1 
ATOM   560  C CA  . GLN A 1 73  ? -3.736  4.814   -2.231  1.00 20.97 ? 71  GLN A CA  1 
ATOM   561  C C   . GLN A 1 73  ? -2.391  5.184   -2.858  1.00 22.46 ? 71  GLN A C   1 
ATOM   562  O O   . GLN A 1 73  ? -2.194  6.313   -3.315  1.00 20.49 ? 71  GLN A O   1 
ATOM   563  C CB  . GLN A 1 73  ? -4.802  4.565   -3.310  1.00 21.86 ? 71  GLN A CB  1 
ATOM   564  C CG  . GLN A 1 73  ? -4.546  3.386   -4.248  1.00 20.22 ? 71  GLN A CG  1 
ATOM   565  C CD  . GLN A 1 73  ? -5.674  3.203   -5.259  1.00 23.80 ? 71  GLN A CD  1 
ATOM   566  O OE1 . GLN A 1 73  ? -6.822  3.559   -4.991  1.00 29.04 ? 71  GLN A OE1 1 
ATOM   567  N NE2 . GLN A 1 73  ? -5.346  2.668   -6.429  1.00 22.51 ? 71  GLN A NE2 1 
ATOM   568  N N   . GLY A 1 74  ? -1.468  4.230   -2.867  1.00 21.56 ? 72  GLY A N   1 
ATOM   569  C CA  . GLY A 1 74  ? -0.196  4.406   -3.532  1.00 23.03 ? 72  GLY A CA  1 
ATOM   570  C C   . GLY A 1 74  ? 0.295   3.105   -4.130  1.00 21.02 ? 72  GLY A C   1 
ATOM   571  O O   . GLY A 1 74  ? -0.510  2.210   -4.383  1.00 19.09 ? 72  GLY A O   1 
ATOM   572  N N   . GLY A 1 75  ? 1.601   2.996   -4.388  1.00 21.61 ? 73  GLY A N   1 
ATOM   573  C CA  . GLY A 1 75  ? 2.208   1.745   -4.802  1.00 21.35 ? 73  GLY A CA  1 
ATOM   574  C C   . GLY A 1 75  ? 2.484   1.574   -6.284  1.00 23.15 ? 73  GLY A C   1 
ATOM   575  O O   . GLY A 1 75  ? 3.021   0.530   -6.680  1.00 23.25 ? 73  GLY A O   1 
ATOM   576  N N   . ASP A 1 76  ? 2.134   2.547   -7.116  1.00 24.44 ? 74  ASP A N   1 
ATOM   577  C CA  . ASP A 1 76  ? 2.405   2.462   -8.547  1.00 23.43 ? 74  ASP A CA  1 
ATOM   578  C C   . ASP A 1 76  ? 3.809   2.980   -8.811  1.00 24.60 ? 74  ASP A C   1 
ATOM   579  O O   . ASP A 1 76  ? 4.022   4.188   -8.925  1.00 26.65 ? 74  ASP A O   1 
ATOM   580  C CB  . ASP A 1 76  ? 1.373   3.259   -9.330  1.00 24.64 ? 74  ASP A CB  1 
ATOM   581  C CG  . ASP A 1 76  ? 1.687   3.328   -10.821 1.00 26.51 ? 74  ASP A CG  1 
ATOM   582  O OD1 . ASP A 1 76  ? 2.664   2.694   -11.286 1.00 25.61 ? 74  ASP A OD1 1 
ATOM   583  O OD2 . ASP A 1 76  ? 0.934   4.026   -11.536 1.00 26.19 ? 74  ASP A OD2 1 
ATOM   584  N N   . PHE A 1 77  ? 4.763   2.066   -8.971  1.00 25.53 ? 75  PHE A N   1 
ATOM   585  C CA  . PHE A 1 77  ? 6.136   2.449   -9.248  1.00 23.34 ? 75  PHE A CA  1 
ATOM   586  C C   . PHE A 1 77  ? 6.542   2.275   -10.708 1.00 28.16 ? 75  PHE A C   1 
ATOM   587  O O   . PHE A 1 77  ? 7.731   2.417   -11.022 1.00 28.12 ? 75  PHE A O   1 
ATOM   588  C CB  . PHE A 1 77  ? 7.103   1.677   -8.345  1.00 23.39 ? 75  PHE A CB  1 
ATOM   589  C CG  . PHE A 1 77  ? 6.899   0.189   -8.331  1.00 24.80 ? 75  PHE A CG  1 
ATOM   590  C CD1 . PHE A 1 77  ? 7.268   -0.591  -9.416  1.00 26.34 ? 75  PHE A CD1 1 
ATOM   591  C CD2 . PHE A 1 77  ? 6.385   -0.437  -7.205  1.00 24.50 ? 75  PHE A CD2 1 
ATOM   592  C CE1 . PHE A 1 77  ? 7.103   -1.970  -9.398  1.00 22.32 ? 75  PHE A CE1 1 
ATOM   593  C CE2 . PHE A 1 77  ? 6.224   -1.824  -7.181  1.00 24.84 ? 75  PHE A CE2 1 
ATOM   594  C CZ  . PHE A 1 77  ? 6.579   -2.585  -8.288  1.00 22.08 ? 75  PHE A CZ  1 
ATOM   595  N N   . THR A 1 78  ? 5.611   1.959   -11.612 1.00 26.30 ? 76  THR A N   1 
ATOM   596  C CA  . THR A 1 78  ? 5.971   1.981   -13.026 1.00 26.93 ? 76  THR A CA  1 
ATOM   597  C C   . THR A 1 78  ? 5.393   3.171   -13.764 1.00 27.43 ? 76  THR A C   1 
ATOM   598  O O   . THR A 1 78  ? 5.957   3.579   -14.780 1.00 33.38 ? 76  THR A O   1 
ATOM   599  C CB  . THR A 1 78  ? 5.549   0.687   -13.754 1.00 23.44 ? 76  THR A CB  1 
ATOM   600  O OG1 . THR A 1 78  ? 4.122   0.552   -13.776 1.00 24.81 ? 76  THR A OG1 1 
ATOM   601  C CG2 . THR A 1 78  ? 6.156   -0.525  -13.085 1.00 26.39 ? 76  THR A CG2 1 
ATOM   602  N N   . ARG A 1 79  ? 4.305   3.751   -13.264 1.00 27.54 ? 77  ARG A N   1 
ATOM   603  C CA  . ARG A 1 79  ? 3.635   4.837   -13.948 1.00 28.19 ? 77  ARG A CA  1 
ATOM   604  C C   . ARG A 1 79  ? 3.308   6.012   -13.046 1.00 30.05 ? 77  ARG A C   1 
ATOM   605  O O   . ARG A 1 79  ? 2.996   7.088   -13.562 1.00 29.41 ? 77  ARG A O   1 
ATOM   606  C CB  . ARG A 1 79  ? 2.345   4.337   -14.616 1.00 28.29 ? 77  ARG A CB  1 
ATOM   607  C CG  . ARG A 1 79  ? 2.602   3.319   -15.743 1.00 31.88 ? 77  ARG A CG  1 
ATOM   608  C CD  . ARG A 1 79  ? 3.179   4.019   -16.958 1.00 36.18 ? 77  ARG A CD  1 
ATOM   609  N NE  . ARG A 1 79  ? 2.944   3.304   -18.206 1.00 43.89 ? 77  ARG A NE  1 
ATOM   610  C CZ  . ARG A 1 79  ? 3.605   2.226   -18.611 1.00 48.17 ? 77  ARG A CZ  1 
ATOM   611  N NH1 . ARG A 1 79  ? 4.608   1.718   -17.892 1.00 38.72 ? 77  ARG A NH1 1 
ATOM   612  N NH2 . ARG A 1 79  ? 3.271   1.683   -19.773 1.00 56.72 ? 77  ARG A NH2 1 
ATOM   613  N N   . PHE A 1 80  ? 3.366   5.847   -11.727 1.00 27.07 ? 78  PHE A N   1 
ATOM   614  C CA  . PHE A 1 80  ? 3.226   6.951   -10.788 1.00 26.27 ? 78  PHE A CA  1 
ATOM   615  C C   . PHE A 1 80  ? 1.917   7.706   -10.953 1.00 30.25 ? 78  PHE A C   1 
ATOM   616  O O   . PHE A 1 80  ? 1.811   8.863   -10.528 1.00 30.05 ? 78  PHE A O   1 
ATOM   617  C CB  . PHE A 1 80  ? 4.406   7.917   -10.914 1.00 24.52 ? 78  PHE A CB  1 
ATOM   618  C CG  . PHE A 1 80  ? 5.735   7.224   -10.955 1.00 24.90 ? 78  PHE A CG  1 
ATOM   619  C CD1 . PHE A 1 80  ? 6.330   6.910   -12.162 1.00 26.38 ? 78  PHE A CD1 1 
ATOM   620  C CD2 . PHE A 1 80  ? 6.381   6.871   -9.782  1.00 23.09 ? 78  PHE A CD2 1 
ATOM   621  C CE1 . PHE A 1 80  ? 7.565   6.270   -12.205 1.00 27.68 ? 78  PHE A CE1 1 
ATOM   622  C CE2 . PHE A 1 80  ? 7.610   6.237   -9.809  1.00 24.67 ? 78  PHE A CE2 1 
ATOM   623  C CZ  . PHE A 1 80  ? 8.205   5.930   -11.024 1.00 27.98 ? 78  PHE A CZ  1 
ATOM   624  N N   . ASN A 1 81  ? 0.903   7.099   -11.571 1.00 27.15 ? 79  ASN A N   1 
ATOM   625  C CA  . ASN A 1 81  ? -0.369  7.788   -11.701 1.00 29.76 ? 79  ASN A CA  1 
ATOM   626  C C   . ASN A 1 81  ? -1.579  6.925   -11.387 1.00 24.60 ? 79  ASN A C   1 
ATOM   627  O O   . ASN A 1 81  ? -2.696  7.437   -11.416 1.00 26.20 ? 79  ASN A O   1 
ATOM   628  C CB  . ASN A 1 81  ? -0.526  8.383   -13.106 1.00 24.45 ? 79  ASN A CB  1 
ATOM   629  C CG  . ASN A 1 81  ? -0.410  7.355   -14.190 1.00 25.72 ? 79  ASN A CG  1 
ATOM   630  O OD1 . ASN A 1 81  ? -0.572  6.151   -13.963 1.00 26.83 ? 79  ASN A OD1 1 
ATOM   631  N ND2 . ASN A 1 81  ? -0.189  7.827   -15.401 1.00 23.63 ? 79  ASN A ND2 1 
ATOM   632  N N   . GLY A 1 82  ? -1.393  5.654   -11.064 1.00 25.78 ? 80  GLY A N   1 
ATOM   633  C CA  . GLY A 1 82  ? -2.494  4.765   -10.777 1.00 23.17 ? 80  GLY A CA  1 
ATOM   634  C C   . GLY A 1 82  ? -2.774  3.759   -11.864 1.00 26.72 ? 80  GLY A C   1 
ATOM   635  O O   . GLY A 1 82  ? -3.630  2.883   -11.671 1.00 26.32 ? 80  GLY A O   1 
ATOM   636  N N   . THR A 1 83  ? -2.083  3.852   -12.998 1.00 25.06 ? 81  THR A N   1 
ATOM   637  C CA  . THR A 1 83  ? -2.270  2.921   -14.096 1.00 26.95 ? 81  THR A CA  1 
ATOM   638  C C   . THR A 1 83  ? -1.198  1.850   -14.134 1.00 28.93 ? 81  THR A C   1 
ATOM   639  O O   . THR A 1 83  ? -1.292  0.932   -14.949 1.00 31.78 ? 81  THR A O   1 
ATOM   640  C CB  . THR A 1 83  ? -2.307  3.671   -15.433 1.00 29.36 ? 81  THR A CB  1 
ATOM   641  O OG1 . THR A 1 83  ? -1.049  4.323   -15.665 1.00 28.40 ? 81  THR A OG1 1 
ATOM   642  C CG2 . THR A 1 83  ? -3.414  4.723   -15.411 1.00 23.36 ? 81  THR A CG2 1 
ATOM   643  N N   . GLY A 1 84  ? -0.200  1.925   -13.261 1.00 27.48 ? 82  GLY A N   1 
ATOM   644  C CA  . GLY A 1 84  ? 0.881   0.970   -13.311 1.00 26.80 ? 82  GLY A CA  1 
ATOM   645  C C   . GLY A 1 84  ? 1.056   0.100   -12.081 1.00 26.06 ? 82  GLY A C   1 
ATOM   646  O O   . GLY A 1 84  ? 0.097   -0.172  -11.349 1.00 27.42 ? 82  GLY A O   1 
ATOM   647  N N   . GLY A 1 85  ? 2.290   -0.334  -11.843 1.00 25.05 ? 83  GLY A N   1 
ATOM   648  C CA  . GLY A 1 85  ? 2.577   -1.271  -10.778 1.00 26.97 ? 83  GLY A CA  1 
ATOM   649  C C   . GLY A 1 85  ? 2.802   -2.679  -11.305 1.00 27.19 ? 83  GLY A C   1 
ATOM   650  O O   . GLY A 1 85  ? 2.355   -3.057  -12.386 1.00 25.77 ? 83  GLY A O   1 
ATOM   651  N N   . GLU A 1 86  ? 3.525   -3.469  -10.516 1.00 29.53 ? 84  GLU A N   1 
ATOM   652  C CA  . GLU A 1 86  ? 3.868   -4.829  -10.901 1.00 28.11 ? 84  GLU A CA  1 
ATOM   653  C C   . GLU A 1 86  ? 4.168   -5.598  -9.625  1.00 29.07 ? 84  GLU A C   1 
ATOM   654  O O   . GLU A 1 86  ? 4.817   -5.075  -8.717  1.00 24.79 ? 84  GLU A O   1 
ATOM   655  C CB  . GLU A 1 86  ? 5.071   -4.852  -11.863 1.00 29.36 ? 84  GLU A CB  1 
ATOM   656  C CG  . GLU A 1 86  ? 5.799   -6.182  -11.938 1.00 34.15 ? 84  GLU A CG  1 
ATOM   657  C CD  . GLU A 1 86  ? 6.957   -6.196  -12.944 1.00 43.11 ? 84  GLU A CD  1 
ATOM   658  O OE1 . GLU A 1 86  ? 7.355   -5.118  -13.448 1.00 39.81 ? 84  GLU A OE1 1 
ATOM   659  O OE2 . GLU A 1 86  ? 7.467   -7.307  -13.236 1.00 43.71 ? 84  GLU A OE2 1 
ATOM   660  N N   . SER A 1 87  ? 3.654   -6.818  -9.539  1.00 26.47 ? 85  SER A N   1 
ATOM   661  C CA  . SER A 1 87  ? 3.981   -7.634  -8.394  1.00 26.10 ? 85  SER A CA  1 
ATOM   662  C C   . SER A 1 87  ? 5.299   -8.360  -8.628  1.00 26.92 ? 85  SER A C   1 
ATOM   663  O O   . SER A 1 87  ? 5.842   -8.389  -9.735  1.00 28.09 ? 85  SER A O   1 
ATOM   664  C CB  . SER A 1 87  ? 2.881   -8.638  -8.115  1.00 26.35 ? 85  SER A CB  1 
ATOM   665  O OG  . SER A 1 87  ? 3.087   -9.793  -8.889  1.00 27.81 ? 85  SER A OG  1 
ATOM   666  N N   . ILE A 1 88  ? 5.815   -8.950  -7.551  1.00 23.45 ? 86  ILE A N   1 
ATOM   667  C CA  . ILE A 1 88  ? 6.968   -9.824  -7.662  1.00 25.78 ? 86  ILE A CA  1 
ATOM   668  C C   . ILE A 1 88  ? 6.625   -11.115 -8.403  1.00 26.54 ? 86  ILE A C   1 
ATOM   669  O O   . ILE A 1 88  ? 7.526   -11.837 -8.837  1.00 25.56 ? 86  ILE A O   1 
ATOM   670  C CB  . ILE A 1 88  ? 7.524   -10.125 -6.257  1.00 22.95 ? 86  ILE A CB  1 
ATOM   671  C CG1 . ILE A 1 88  ? 6.542   -11.019 -5.484  1.00 23.60 ? 86  ILE A CG1 1 
ATOM   672  C CG2 . ILE A 1 88  ? 7.815   -8.810  -5.501  1.00 21.03 ? 86  ILE A CG2 1 
ATOM   673  C CD1 . ILE A 1 88  ? 7.107   -11.597 -4.194  1.00 23.40 ? 86  ILE A CD1 1 
ATOM   674  N N   . TYR A 1 89  ? 5.343   -11.433 -8.549  1.00 26.01 ? 87  TYR A N   1 
ATOM   675  C CA  . TYR A 1 89  ? 4.926   -12.664 -9.206  1.00 26.61 ? 87  TYR A CA  1 
ATOM   676  C C   . TYR A 1 89  ? 4.683   -12.476 -10.691 1.00 31.42 ? 87  TYR A C   1 
ATOM   677  O O   . TYR A 1 89  ? 4.525   -13.471 -11.409 1.00 33.20 ? 87  TYR A O   1 
ATOM   678  C CB  . TYR A 1 89  ? 3.661   -13.216 -8.532  1.00 25.44 ? 87  TYR A CB  1 
ATOM   679  C CG  . TYR A 1 89  ? 3.817   -13.317 -7.025  1.00 24.17 ? 87  TYR A CG  1 
ATOM   680  C CD1 . TYR A 1 89  ? 4.700   -14.237 -6.461  1.00 25.04 ? 87  TYR A CD1 1 
ATOM   681  C CD2 . TYR A 1 89  ? 3.117   -12.475 -6.175  1.00 24.92 ? 87  TYR A CD2 1 
ATOM   682  C CE1 . TYR A 1 89  ? 4.869   -14.325 -5.091  1.00 27.60 ? 87  TYR A CE1 1 
ATOM   683  C CE2 . TYR A 1 89  ? 3.277   -12.556 -4.800  1.00 26.15 ? 87  TYR A CE2 1 
ATOM   684  C CZ  . TYR A 1 89  ? 4.155   -13.487 -4.266  1.00 24.22 ? 87  TYR A CZ  1 
ATOM   685  O OH  . TYR A 1 89  ? 4.322   -13.573 -2.910  1.00 26.86 ? 87  TYR A OH  1 
ATOM   686  N N   . GLY A 1 90  ? 4.690   -11.229 -11.159 1.00 30.26 ? 88  GLY A N   1 
ATOM   687  C CA  . GLY A 1 90  ? 4.393   -10.828 -12.514 1.00 32.04 ? 88  GLY A CA  1 
ATOM   688  C C   . GLY A 1 90  ? 3.518   -9.592  -12.491 1.00 34.36 ? 88  GLY A C   1 
ATOM   689  O O   . GLY A 1 90  ? 3.320   -8.966  -11.448 1.00 33.37 ? 88  GLY A O   1 
ATOM   690  N N   . MET A 1 91  ? 2.993   -9.236  -13.664 1.00 32.85 ? 89  MET A N   1 
ATOM   691  C CA  . MET A 1 91  ? 2.086   -8.097  -13.773 1.00 32.87 ? 89  MET A CA  1 
ATOM   692  C C   . MET A 1 91  ? 0.941   -8.191  -12.764 1.00 36.32 ? 89  MET A C   1 
ATOM   693  O O   . MET A 1 91  ? 0.651   -7.238  -12.037 1.00 32.68 ? 89  MET A O   1 
ATOM   694  C CB  . MET A 1 91  ? 1.542   -8.020  -15.200 1.00 34.67 ? 89  MET A CB  1 
ATOM   695  C CG  . MET A 1 91  ? 2.569   -7.610  -16.236 1.00 38.71 ? 89  MET A CG  1 
ATOM   696  S SD  . MET A 1 91  ? 3.395   -6.053  -15.823 1.00 58.69 ? 89  MET A SD  1 
ATOM   697  C CE  . MET A 1 91  ? 5.064   -6.643  -15.616 1.00 44.53 ? 89  MET A CE  1 
ATOM   698  N N   . LYS A 1 92  ? 0.290   -9.344  -12.692 1.00 30.73 ? 90  LYS A N   1 
ATOM   699  C CA  . LYS A 1 92  ? -0.890  -9.487  -11.869 1.00 30.97 ? 90  LYS A CA  1 
ATOM   700  C C   . LYS A 1 92  ? -0.822  -10.803 -11.108 1.00 29.63 ? 90  LYS A C   1 
ATOM   701  O O   . LYS A 1 92  ? -0.150  -11.747 -11.516 1.00 32.81 ? 90  LYS A O   1 
ATOM   702  C CB  . LYS A 1 92  ? -2.152  -9.431  -12.734 1.00 31.30 ? 90  LYS A CB  1 
ATOM   703  C CG  . LYS A 1 92  ? -2.219  -10.586 -13.737 1.00 45.89 ? 90  LYS A CG  1 
ATOM   704  C CD  . LYS A 1 92  ? -3.653  -11.012 -14.079 1.00 46.48 ? 90  LYS A CD  1 
ATOM   705  C CE  . LYS A 1 92  ? -4.289  -10.050 -15.063 1.00 45.47 ? 90  LYS A CE  1 
ATOM   706  N NZ  . LYS A 1 92  ? -3.530  -10.013 -16.356 1.00 50.96 ? 90  LYS A NZ  1 
ATOM   707  N N   . PHE A 1 93  ? -1.514  -10.866 -9.979  1.00 30.92 ? 91  PHE A N   1 
ATOM   708  C CA  . PHE A 1 93  ? -1.698  -12.133 -9.286  1.00 26.47 ? 91  PHE A CA  1 
ATOM   709  C C   . PHE A 1 93  ? -3.073  -12.152 -8.633  1.00 28.45 ? 91  PHE A C   1 
ATOM   710  O O   . PHE A 1 93  ? -3.711  -11.110 -8.437  1.00 27.01 ? 91  PHE A O   1 
ATOM   711  C CB  . PHE A 1 93  ? -0.564  -12.411 -8.266  1.00 26.72 ? 91  PHE A CB  1 
ATOM   712  C CG  . PHE A 1 93  ? -0.524  -11.484 -7.074  1.00 22.74 ? 91  PHE A CG  1 
ATOM   713  C CD1 . PHE A 1 93  ? 0.217   -10.319 -7.097  1.00 28.81 ? 91  PHE A CD1 1 
ATOM   714  C CD2 . PHE A 1 93  ? -1.173  -11.819 -5.900  1.00 26.60 ? 91  PHE A CD2 1 
ATOM   715  C CE1 . PHE A 1 93  ? 0.280   -9.476  -5.978  1.00 23.72 ? 91  PHE A CE1 1 
ATOM   716  C CE2 . PHE A 1 93  ? -1.121  -10.988 -4.797  1.00 26.12 ? 91  PHE A CE2 1 
ATOM   717  C CZ  . PHE A 1 93  ? -0.390  -9.816  -4.836  1.00 23.91 ? 91  PHE A CZ  1 
ATOM   718  N N   . ASP A 1 94  ? -3.520  -13.362 -8.307  1.00 28.20 ? 92  ASP A N   1 
ATOM   719  C CA  . ASP A 1 94  ? -4.882  -13.589 -7.855  1.00 28.69 ? 92  ASP A CA  1 
ATOM   720  C C   . ASP A 1 94  ? -5.110  -13.103 -6.426  1.00 24.87 ? 92  ASP A C   1 
ATOM   721  O O   . ASP A 1 94  ? -4.217  -13.125 -5.578  1.00 25.42 ? 92  ASP A O   1 
ATOM   722  C CB  . ASP A 1 94  ? -5.231  -15.078 -7.912  1.00 31.31 ? 92  ASP A CB  1 
ATOM   723  C CG  . ASP A 1 94  ? -5.372  -15.606 -9.326  1.00 36.92 ? 92  ASP A CG  1 
ATOM   724  O OD1 . ASP A 1 94  ? -5.121  -16.820 -9.523  1.00 38.57 ? 92  ASP A OD1 1 
ATOM   725  O OD2 . ASP A 1 94  ? -5.732  -14.827 -10.237 1.00 35.82 ? 92  ASP A OD2 1 
ATOM   726  N N   . ASP A 1 95  ? -6.338  -12.672 -6.173  1.00 24.99 ? 93  ASP A N   1 
ATOM   727  C CA  . ASP A 1 95  ? -6.803  -12.462 -4.812  1.00 25.34 ? 93  ASP A CA  1 
ATOM   728  C C   . ASP A 1 95  ? -6.560  -13.712 -3.977  1.00 26.35 ? 93  ASP A C   1 
ATOM   729  O O   . ASP A 1 95  ? -7.170  -14.759 -4.213  1.00 28.01 ? 93  ASP A O   1 
ATOM   730  C CB  . ASP A 1 95  ? -8.289  -12.099 -4.823  1.00 26.28 ? 93  ASP A CB  1 
ATOM   731  C CG  . ASP A 1 95  ? -8.591  -10.891 -5.707  1.00 27.27 ? 93  ASP A CG  1 
ATOM   732  O OD1 . ASP A 1 95  ? -7.910  -9.859  -5.522  1.00 27.75 ? 93  ASP A OD1 1 
ATOM   733  O OD2 . ASP A 1 95  ? -9.500  -10.957 -6.569  1.00 24.46 ? 93  ASP A OD2 1 
ATOM   734  N N   . GLU A 1 96  ? -5.668  -13.595 -2.996  1.00 25.03 ? 94  GLU A N   1 
ATOM   735  C CA  . GLU A 1 96  ? -5.264  -14.754 -2.220  1.00 20.94 ? 94  GLU A CA  1 
ATOM   736  C C   . GLU A 1 96  ? -6.438  -15.322 -1.435  1.00 26.16 ? 94  GLU A C   1 
ATOM   737  O O   . GLU A 1 96  ? -6.859  -16.461 -1.665  1.00 26.22 ? 94  GLU A O   1 
ATOM   738  C CB  . GLU A 1 96  ? -4.120  -14.379 -1.292  1.00 19.86 ? 94  GLU A CB  1 
ATOM   739  C CG  . GLU A 1 96  ? -3.553  -15.563 -0.524  1.00 22.12 ? 94  GLU A CG  1 
ATOM   740  C CD  . GLU A 1 96  ? -2.134  -15.291 -0.074  1.00 27.09 ? 94  GLU A CD  1 
ATOM   741  O OE1 . GLU A 1 96  ? -1.738  -14.103 -0.083  1.00 27.64 ? 94  GLU A OE1 1 
ATOM   742  O OE2 . GLU A 1 96  ? -1.410  -16.244 0.282   1.00 28.93 ? 94  GLU A OE2 1 
ATOM   743  N N   . ASN A 1 97  ? -6.969  -14.548 -0.490  1.00 22.66 ? 95  ASN A N   1 
ATOM   744  C CA  . ASN A 1 97  ? -8.214  -14.896 0.192   1.00 26.56 ? 95  ASN A CA  1 
ATOM   745  C C   . ASN A 1 97  ? -8.823  -13.604 0.708   1.00 24.07 ? 95  ASN A C   1 
ATOM   746  O O   . ASN A 1 97  ? -8.195  -12.543 0.655   1.00 26.22 ? 95  ASN A O   1 
ATOM   747  C CB  . ASN A 1 97  ? -8.001  -15.901 1.338   1.00 20.12 ? 95  ASN A CB  1 
ATOM   748  C CG  . ASN A 1 97  ? -7.119  -15.345 2.450   1.00 24.76 ? 95  ASN A CG  1 
ATOM   749  O OD1 . ASN A 1 97  ? -7.377  -14.265 2.988   1.00 24.45 ? 95  ASN A OD1 1 
ATOM   750  N ND2 . ASN A 1 97  ? -6.076  -16.088 2.806   1.00 20.86 ? 95  ASN A ND2 1 
ATOM   751  N N   . PHE A 1 98  ? -10.044 -13.698 1.228   1.00 20.31 ? 96  PHE A N   1 
ATOM   752  C CA  . PHE A 1 98  ? -10.714 -12.534 1.793   1.00 22.63 ? 96  PHE A CA  1 
ATOM   753  C C   . PHE A 1 98  ? -11.021 -12.741 3.260   1.00 24.38 ? 96  PHE A C   1 
ATOM   754  O O   . PHE A 1 98  ? -12.057 -12.303 3.762   1.00 27.27 ? 96  PHE A O   1 
ATOM   755  C CB  . PHE A 1 98  ? -11.983 -12.190 1.012   1.00 23.52 ? 96  PHE A CB  1 
ATOM   756  C CG  . PHE A 1 98  ? -11.719 -11.834 -0.407  1.00 21.10 ? 96  PHE A CG  1 
ATOM   757  C CD1 . PHE A 1 98  ? -11.207 -10.587 -0.737  1.00 23.39 ? 96  PHE A CD1 1 
ATOM   758  C CD2 . PHE A 1 98  ? -11.918 -12.753 -1.407  1.00 21.72 ? 96  PHE A CD2 1 
ATOM   759  C CE1 . PHE A 1 98  ? -10.932 -10.254 -2.042  1.00 20.74 ? 96  PHE A CE1 1 
ATOM   760  C CE2 . PHE A 1 98  ? -11.640 -12.423 -2.734  1.00 26.38 ? 96  PHE A CE2 1 
ATOM   761  C CZ  . PHE A 1 98  ? -11.150 -11.173 -3.045  1.00 23.09 ? 96  PHE A CZ  1 
ATOM   762  N N   . LYS A 1 99  ? -10.112 -13.396 3.977   1.00 23.53 ? 97  LYS A N   1 
ATOM   763  C CA  . LYS A 1 99  ? -10.412 -13.738 5.362   1.00 25.85 ? 97  LYS A CA  1 
ATOM   764  C C   . LYS A 1 99  ? -10.564 -12.494 6.231   1.00 27.88 ? 97  LYS A C   1 
ATOM   765  O O   . LYS A 1 99  ? -11.471 -12.432 7.068   1.00 30.98 ? 97  LYS A O   1 
ATOM   766  C CB  . LYS A 1 99  ? -9.338  -14.666 5.910   1.00 24.76 ? 97  LYS A CB  1 
ATOM   767  C CG  . LYS A 1 99  ? -9.511  -16.103 5.429   1.00 27.83 ? 97  LYS A CG  1 
ATOM   768  C CD  . LYS A 1 99  ? -8.240  -16.925 5.543   1.00 30.78 ? 97  LYS A CD  1 
ATOM   769  C CE  . LYS A 1 99  ? -8.045  -17.419 6.976   1.00 34.82 ? 97  LYS A CE  1 
ATOM   770  N NZ  . LYS A 1 99  ? -7.678  -16.303 7.886   1.00 38.94 ? 97  LYS A NZ  1 
ATOM   771  N N   . VAL A 1 100 ? -9.716  -11.481 6.029   1.00 26.36 ? 98  VAL A N   1 
ATOM   772  C CA  . VAL A 1 100 ? -9.661  -10.333 6.929   1.00 22.81 ? 98  VAL A CA  1 
ATOM   773  C C   . VAL A 1 100 ? -10.554 -9.223  6.399   1.00 24.08 ? 98  VAL A C   1 
ATOM   774  O O   . VAL A 1 100 ? -10.505 -8.879  5.211   1.00 25.86 ? 98  VAL A O   1 
ATOM   775  C CB  . VAL A 1 100 ? -8.215  -9.852  7.121   1.00 21.05 ? 98  VAL A CB  1 
ATOM   776  C CG1 . VAL A 1 100 ? -8.175  -8.628  8.042   1.00 19.82 ? 98  VAL A CG1 1 
ATOM   777  C CG2 . VAL A 1 100 ? -7.412  -10.963 7.719   1.00 23.00 ? 98  VAL A CG2 1 
ATOM   778  N N   . LYS A 1 101 ? -11.364 -8.663  7.290   1.00 28.37 ? 99  LYS A N   1 
ATOM   779  C CA  . LYS A 1 101 ? -12.360 -7.648  6.987   1.00 29.73 ? 99  LYS A CA  1 
ATOM   780  C C   . LYS A 1 101 ? -11.786 -6.245  7.136   1.00 30.28 ? 99  LYS A C   1 
ATOM   781  O O   . LYS A 1 101 ? -10.909 -6.001  7.970   1.00 23.33 ? 99  LYS A O   1 
ATOM   782  C CB  . LYS A 1 101 ? -13.563 -7.790  7.919   1.00 30.99 ? 99  LYS A CB  1 
ATOM   783  C CG  . LYS A 1 101 ? -14.724 -8.506  7.296   1.00 36.16 ? 99  LYS A CG  1 
ATOM   784  C CD  . LYS A 1 101 ? -14.313 -9.892  6.834   1.00 41.17 ? 99  LYS A CD  1 
ATOM   785  C CE  . LYS A 1 101 ? -14.922 -10.212 5.471   1.00 40.94 ? 99  LYS A CE  1 
ATOM   786  N NZ  . LYS A 1 101 ? -14.512 -11.554 4.965   1.00 46.04 ? 99  LYS A NZ  1 
ATOM   787  N N   . HIS A 1 102 ? -12.297 -5.324  6.306   1.00 24.38 ? 100 HIS A N   1 
ATOM   788  C CA  . HIS A 1 102 ? -12.022 -3.895  6.442   1.00 25.24 ? 100 HIS A CA  1 
ATOM   789  C C   . HIS A 1 102 ? -12.899 -3.360  7.572   1.00 26.02 ? 100 HIS A C   1 
ATOM   790  O O   . HIS A 1 102 ? -13.831 -2.586  7.357   1.00 26.20 ? 100 HIS A O   1 
ATOM   791  C CB  . HIS A 1 102 ? -12.316 -3.117  5.161   1.00 23.49 ? 100 HIS A CB  1 
ATOM   792  C CG  . HIS A 1 102 ? -11.554 -3.565  3.953   1.00 23.02 ? 100 HIS A CG  1 
ATOM   793  N ND1 . HIS A 1 102 ? -11.887 -4.695  3.239   1.00 21.91 ? 100 HIS A ND1 1 
ATOM   794  C CD2 . HIS A 1 102 ? -10.510 -2.998  3.295   1.00 23.52 ? 100 HIS A CD2 1 
ATOM   795  C CE1 . HIS A 1 102 ? -11.053 -4.833  2.222   1.00 23.09 ? 100 HIS A CE1 1 
ATOM   796  N NE2 . HIS A 1 102 ? -10.209 -3.815  2.232   1.00 21.28 ? 100 HIS A NE2 1 
ATOM   797  N N   . ASP A 1 103 ? -12.592 -3.791  8.799   1.00 29.13 ? 101 ASP A N   1 
ATOM   798  C CA  . ASP A 1 103 ? -13.455 -3.498  9.943   1.00 32.88 ? 101 ASP A CA  1 
ATOM   799  C C   . ASP A 1 103 ? -12.841 -2.521  10.951  1.00 28.98 ? 101 ASP A C   1 
ATOM   800  O O   . ASP A 1 103 ? -13.352 -2.409  12.067  1.00 31.80 ? 101 ASP A O   1 
ATOM   801  C CB  . ASP A 1 103 ? -13.855 -4.800  10.648  1.00 32.62 ? 101 ASP A CB  1 
ATOM   802  C CG  . ASP A 1 103 ? -12.656 -5.685  10.966  1.00 40.76 ? 101 ASP A CG  1 
ATOM   803  O OD1 . ASP A 1 103 ? -11.539 -5.123  11.091  1.00 37.72 ? 101 ASP A OD1 1 
ATOM   804  O OD2 . ASP A 1 103 ? -12.826 -6.927  11.095  1.00 38.74 ? 101 ASP A OD2 1 
ATOM   805  N N   . LYS A 1 104 ? -11.782 -1.804  10.592  1.00 26.68 ? 102 LYS A N   1 
ATOM   806  C CA  . LYS A 1 104 ? -11.174 -0.829  11.488  1.00 28.70 ? 102 LYS A CA  1 
ATOM   807  C C   . LYS A 1 104 ? -10.277 0.082   10.667  1.00 27.30 ? 102 LYS A C   1 
ATOM   808  O O   . LYS A 1 104 ? -9.911  -0.258  9.543   1.00 29.46 ? 102 LYS A O   1 
ATOM   809  C CB  . LYS A 1 104 ? -10.359 -1.516  12.588  1.00 29.98 ? 102 LYS A CB  1 
ATOM   810  C CG  . LYS A 1 104 ? -9.113  -2.218  12.075  1.00 27.47 ? 102 LYS A CG  1 
ATOM   811  C CD  . LYS A 1 104 ? -8.421  -2.949  13.201  1.00 29.25 ? 102 LYS A CD  1 
ATOM   812  C CE  . LYS A 1 104 ? -7.105  -3.543  12.746  1.00 32.74 ? 102 LYS A CE  1 
ATOM   813  N NZ  . LYS A 1 104 ? -6.721  -4.710  13.592  1.00 29.46 ? 102 LYS A NZ  1 
ATOM   814  N N   . PRO A 1 105 ? -9.908  1.237   11.205  1.00 26.62 ? 103 PRO A N   1 
ATOM   815  C CA  . PRO A 1 105 ? -8.983  2.122   10.488  1.00 24.75 ? 103 PRO A CA  1 
ATOM   816  C C   . PRO A 1 105 ? -7.576  1.548   10.384  1.00 25.99 ? 103 PRO A C   1 
ATOM   817  O O   . PRO A 1 105 ? -7.150  0.686   11.155  1.00 23.02 ? 103 PRO A O   1 
ATOM   818  C CB  . PRO A 1 105 ? -8.989  3.388   11.347  1.00 27.11 ? 103 PRO A CB  1 
ATOM   819  C CG  . PRO A 1 105 ? -10.345 3.371   11.991  1.00 26.11 ? 103 PRO A CG  1 
ATOM   820  C CD  . PRO A 1 105 ? -10.613 1.937   12.287  1.00 26.60 ? 103 PRO A CD  1 
ATOM   821  N N   . GLY A 1 106 ? -6.835  2.063   9.409   1.00 24.16 ? 104 GLY A N   1 
ATOM   822  C CA  . GLY A 1 106 ? -5.437  1.712   9.315   1.00 21.87 ? 104 GLY A CA  1 
ATOM   823  C C   . GLY A 1 106 ? -5.160  0.304   8.853   1.00 25.63 ? 104 GLY A C   1 
ATOM   824  O O   . GLY A 1 106 ? -4.152  -0.283  9.257   1.00 25.06 ? 104 GLY A O   1 
ATOM   825  N N   . LEU A 1 107 ? -6.016  -0.255  8.000   1.00 24.02 ? 105 LEU A N   1 
ATOM   826  C CA  . LEU A 1 107 ? -5.756  -1.552  7.390   1.00 24.07 ? 105 LEU A CA  1 
ATOM   827  C C   . LEU A 1 107 ? -5.114  -1.375  6.022   1.00 22.47 ? 105 LEU A C   1 
ATOM   828  O O   . LEU A 1 107 ? -5.505  -0.506  5.241   1.00 22.17 ? 105 LEU A O   1 
ATOM   829  C CB  . LEU A 1 107 ? -7.040  -2.364  7.237   1.00 19.28 ? 105 LEU A CB  1 
ATOM   830  C CG  . LEU A 1 107 ? -7.628  -2.925  8.512   1.00 22.81 ? 105 LEU A CG  1 
ATOM   831  C CD1 . LEU A 1 107 ? -8.995  -3.525  8.186   1.00 25.05 ? 105 LEU A CD1 1 
ATOM   832  C CD2 . LEU A 1 107 ? -6.680  -3.944  9.145   1.00 18.55 ? 105 LEU A CD2 1 
ATOM   833  N N   . LEU A 1 108 ? -4.132  -2.220  5.745   1.00 25.18 ? 106 LEU A N   1 
ATOM   834  C CA  . LEU A 1 108 ? -3.485  -2.305  4.446   1.00 21.46 ? 106 LEU A CA  1 
ATOM   835  C C   . LEU A 1 108 ? -4.244  -3.287  3.564   1.00 20.03 ? 106 LEU A C   1 
ATOM   836  O O   . LEU A 1 108 ? -4.480  -4.430  3.971   1.00 18.65 ? 106 LEU A O   1 
ATOM   837  C CB  . LEU A 1 108 ? -2.058  -2.790  4.633   1.00 22.19 ? 106 LEU A CB  1 
ATOM   838  C CG  . LEU A 1 108 ? -0.875  -2.307  3.844   1.00 21.41 ? 106 LEU A CG  1 
ATOM   839  C CD1 . LEU A 1 108 ? -0.866  -0.792  3.595   1.00 22.34 ? 106 LEU A CD1 1 
ATOM   840  C CD2 . LEU A 1 108 ? 0.317   -2.777  4.646   1.00 18.69 ? 106 LEU A CD2 1 
ATOM   841  N N   . SER A 1 109 ? -4.605  -2.850  2.356   1.00 16.72 ? 107 SER A N   1 
ATOM   842  C CA  . SER A 1 109 ? -5.437  -3.652  1.476   1.00 19.49 ? 107 SER A CA  1 
ATOM   843  C C   . SER A 1 109 ? -5.031  -3.400  0.029   1.00 23.16 ? 107 SER A C   1 
ATOM   844  O O   . SER A 1 109 ? -4.626  -2.292  -0.330  1.00 21.36 ? 107 SER A O   1 
ATOM   845  C CB  . SER A 1 109 ? -6.925  -3.334  1.720   1.00 19.98 ? 107 SER A CB  1 
ATOM   846  O OG  . SER A 1 109 ? -7.787  -4.179  0.979   1.00 20.44 ? 107 SER A OG  1 
ATOM   847  N N   . MET A 1 110 ? -5.141  -4.450  -0.795  1.00 20.09 ? 108 MET A N   1 
ATOM   848  C CA  . MET A 1 110 ? -4.686  -4.438  -2.183  1.00 20.27 ? 108 MET A CA  1 
ATOM   849  C C   . MET A 1 110 ? -5.680  -3.707  -3.082  1.00 21.13 ? 108 MET A C   1 
ATOM   850  O O   . MET A 1 110 ? -6.843  -4.111  -3.180  1.00 27.10 ? 108 MET A O   1 
ATOM   851  C CB  . MET A 1 110 ? -4.520  -5.873  -2.685  1.00 23.54 ? 108 MET A CB  1 
ATOM   852  C CG  . MET A 1 110 ? -3.281  -6.598  -2.201  1.00 23.14 ? 108 MET A CG  1 
ATOM   853  S SD  . MET A 1 110 ? -1.820  -5.598  -2.445  1.00 27.38 ? 108 MET A SD  1 
ATOM   854  C CE  . MET A 1 110 ? -1.739  -5.571  -4.242  1.00 27.05 ? 108 MET A CE  1 
ATOM   855  N N   . ALA A 1 111 ? -5.232  -2.661  -3.762  1.00 19.92 ? 109 ALA A N   1 
ATOM   856  C CA  . ALA A 1 111 ? -6.081  -2.056  -4.778  1.00 23.99 ? 109 ALA A CA  1 
ATOM   857  C C   . ALA A 1 111 ? -6.085  -2.932  -6.012  1.00 25.17 ? 109 ALA A C   1 
ATOM   858  O O   . ALA A 1 111 ? -5.102  -3.618  -6.312  1.00 24.18 ? 109 ALA A O   1 
ATOM   859  C CB  . ALA A 1 111 ? -5.599  -0.663  -5.161  1.00 21.03 ? 109 ALA A CB  1 
ATOM   860  N N   . ASN A 1 112 ? -7.200  -2.909  -6.731  1.00 27.51 ? 110 ASN A N   1 
ATOM   861  C CA  . ASN A 1 112 ? -7.293  -3.692  -7.957  1.00 27.42 ? 110 ASN A CA  1 
ATOM   862  C C   . ASN A 1 112 ? -8.274  -3.019  -8.905  1.00 30.32 ? 110 ASN A C   1 
ATOM   863  O O   . ASN A 1 112 ? -9.131  -2.233  -8.489  1.00 28.09 ? 110 ASN A O   1 
ATOM   864  C CB  . ASN A 1 112 ? -7.698  -5.150  -7.676  1.00 23.35 ? 110 ASN A CB  1 
ATOM   865  C CG  . ASN A 1 112 ? -9.067  -5.277  -6.996  1.00 29.92 ? 110 ASN A CG  1 
ATOM   866  O OD1 . ASN A 1 112 ? -10.064 -4.709  -7.451  1.00 33.73 ? 110 ASN A OD1 1 
ATOM   867  N ND2 . ASN A 1 112 ? -9.115  -6.033  -5.898  1.00 25.26 ? 110 ASN A ND2 1 
ATOM   868  N N   . ALA A 1 113 ? -8.124  -3.328  -10.188 1.00 32.74 ? 111 ALA A N   1 
ATOM   869  C CA  . ALA A 1 113 ? -9.094  -2.947  -11.218 1.00 34.93 ? 111 ALA A CA  1 
ATOM   870  C C   . ALA A 1 113 ? -9.970  -4.132  -11.590 1.00 38.46 ? 111 ALA A C   1 
ATOM   871  O O   . ALA A 1 113 ? -10.101 -4.479  -12.764 1.00 42.56 ? 111 ALA A O   1 
ATOM   872  C CB  . ALA A 1 113 ? -8.382  -2.401  -12.447 1.00 32.52 ? 111 ALA A CB  1 
ATOM   873  N N   . GLY A 1 114 ? -10.553 -4.782  -10.584 1.00 34.67 ? 112 GLY A N   1 
ATOM   874  C CA  . GLY A 1 114 ? -11.363 -5.955  -10.801 1.00 30.31 ? 112 GLY A CA  1 
ATOM   875  C C   . GLY A 1 114 ? -10.794 -7.179  -10.109 1.00 31.08 ? 112 GLY A C   1 
ATOM   876  O O   . GLY A 1 114 ? -9.769  -7.120  -9.428  1.00 32.64 ? 112 GLY A O   1 
ATOM   877  N N   . PRO A 1 115 ? -11.458 -8.317  -10.278 1.00 27.96 ? 113 PRO A N   1 
ATOM   878  C CA  . PRO A 1 115 ? -10.993 -9.555  -9.633  1.00 31.13 ? 113 PRO A CA  1 
ATOM   879  C C   . PRO A 1 115 ? -9.643  -10.048 -10.152 1.00 24.90 ? 113 PRO A C   1 
ATOM   880  O O   . PRO A 1 115 ? -9.337  -9.961  -11.339 1.00 28.97 ? 113 PRO A O   1 
ATOM   881  C CB  . PRO A 1 115 ? -12.112 -10.553 -9.949  1.00 33.21 ? 113 PRO A CB  1 
ATOM   882  C CG  . PRO A 1 115 ? -13.347 -9.679  -10.121 1.00 35.63 ? 113 PRO A CG  1 
ATOM   883  C CD  . PRO A 1 115 ? -12.856 -8.401  -10.743 1.00 27.67 ? 113 PRO A CD  1 
ATOM   884  N N   . ASN A 1 116 ? -8.848  -10.578 -9.226  1.00 24.60 ? 114 ASN A N   1 
ATOM   885  C CA  . ASN A 1 116 ? -7.519  -11.142 -9.466  1.00 26.90 ? 114 ASN A CA  1 
ATOM   886  C C   . ASN A 1 116 ? -6.657  -10.284 -10.402 1.00 28.28 ? 114 ASN A C   1 
ATOM   887  O O   . ASN A 1 116 ? -6.109  -10.764 -11.396 1.00 28.16 ? 114 ASN A O   1 
ATOM   888  C CB  . ASN A 1 116 ? -7.621  -12.574 -9.981  1.00 29.66 ? 114 ASN A CB  1 
ATOM   889  C CG  . ASN A 1 116 ? -8.576  -13.424 -9.172  1.00 25.11 ? 114 ASN A CG  1 
ATOM   890  O OD1 . ASN A 1 116 ? -9.537  -13.955 -9.715  1.00 30.41 ? 114 ASN A OD1 1 
ATOM   891  N ND2 . ASN A 1 116 ? -8.364  -13.499 -7.871  1.00 24.86 ? 114 ASN A ND2 1 
ATOM   892  N N   . THR A 1 117 ? -6.508  -9.006  -10.057 1.00 27.27 ? 115 THR A N   1 
ATOM   893  C CA  . THR A 1 117 ? -5.632  -8.093  -10.783 1.00 26.61 ? 115 THR A CA  1 
ATOM   894  C C   . THR A 1 117 ? -4.694  -7.396  -9.816  1.00 27.08 ? 115 THR A C   1 
ATOM   895  O O   . THR A 1 117 ? -4.442  -6.192  -9.913  1.00 25.03 ? 115 THR A O   1 
ATOM   896  C CB  . THR A 1 117 ? -6.436  -7.069  -11.583 1.00 26.00 ? 115 THR A CB  1 
ATOM   897  O OG1 . THR A 1 117 ? -7.513  -6.567  -10.779 1.00 29.65 ? 115 THR A OG1 1 
ATOM   898  C CG2 . THR A 1 117 ? -6.996  -7.690  -12.846 1.00 28.56 ? 115 THR A CG2 1 
ATOM   899  N N   . ASN A 1 118 ? -4.192  -8.137  -8.841  1.00 25.46 ? 116 ASN A N   1 
ATOM   900  C CA  . ASN A 1 118 ? -3.298  -7.570  -7.846  1.00 25.43 ? 116 ASN A CA  1 
ATOM   901  C C   . ASN A 1 118 ? -1.915  -7.373  -8.439  1.00 26.81 ? 116 ASN A C   1 
ATOM   902  O O   . ASN A 1 118 ? -1.359  -8.279  -9.064  1.00 30.99 ? 116 ASN A O   1 
ATOM   903  C CB  . ASN A 1 118 ? -3.233  -8.474  -6.617  1.00 23.67 ? 116 ASN A CB  1 
ATOM   904  C CG  . ASN A 1 118 ? -4.579  -8.641  -5.976  1.00 22.40 ? 116 ASN A CG  1 
ATOM   905  O OD1 . ASN A 1 118 ? -5.104  -7.708  -5.401  1.00 25.20 ? 116 ASN A OD1 1 
ATOM   906  N ND2 . ASN A 1 118 ? -5.165  -9.827  -6.100  1.00 25.02 ? 116 ASN A ND2 1 
ATOM   907  N N   . GLY A 1 119 ? -1.365  -6.185  -8.252  1.00 24.49 ? 117 GLY A N   1 
ATOM   908  C CA  . GLY A 1 119 ? -0.003  -5.940  -8.656  1.00 24.17 ? 117 GLY A CA  1 
ATOM   909  C C   . GLY A 1 119 ? 0.751   -5.378  -7.479  1.00 23.80 ? 117 GLY A C   1 
ATOM   910  O O   . GLY A 1 119 ? 1.154   -6.111  -6.573  1.00 24.90 ? 117 GLY A O   1 
ATOM   911  N N   . SER A 1 120 ? 0.908   -4.064  -7.456  1.00 22.11 ? 118 SER A N   1 
ATOM   912  C CA  . SER A 1 120 ? 1.658   -3.428  -6.392  1.00 22.73 ? 118 SER A CA  1 
ATOM   913  C C   . SER A 1 120 ? 0.895   -2.305  -5.721  1.00 21.84 ? 118 SER A C   1 
ATOM   914  O O   . SER A 1 120 ? 1.327   -1.836  -4.666  1.00 24.30 ? 118 SER A O   1 
ATOM   915  C CB  . SER A 1 120 ? 2.993   -2.877  -6.918  1.00 24.98 ? 118 SER A CB  1 
ATOM   916  O OG  . SER A 1 120 ? 2.847   -1.542  -7.399  1.00 28.12 ? 118 SER A OG  1 
ATOM   917  N N   . GLN A 1 121 ? -0.219  -1.869  -6.279  1.00 23.17 ? 119 GLN A N   1 
ATOM   918  C CA  . GLN A 1 121 ? -0.971  -0.801  -5.646  1.00 21.79 ? 119 GLN A CA  1 
ATOM   919  C C   . GLN A 1 121 ? -1.690  -1.331  -4.417  1.00 22.95 ? 119 GLN A C   1 
ATOM   920  O O   . GLN A 1 121 ? -2.275  -2.419  -4.443  1.00 25.10 ? 119 GLN A O   1 
ATOM   921  C CB  . GLN A 1 121 ? -1.960  -0.192  -6.634  1.00 25.01 ? 119 GLN A CB  1 
ATOM   922  C CG  . GLN A 1 121 ? -1.304  0.610   -7.738  1.00 14.95 ? 119 GLN A CG  1 
ATOM   923  C CD  . GLN A 1 121 ? -2.310  1.449   -8.467  1.00 19.93 ? 119 GLN A CD  1 
ATOM   924  O OE1 . GLN A 1 121 ? -3.222  2.011   -7.860  1.00 26.41 ? 119 GLN A OE1 1 
ATOM   925  N NE2 . GLN A 1 121 ? -2.175  1.527   -9.778  1.00 22.85 ? 119 GLN A NE2 1 
ATOM   926  N N   . PHE A 1 122 ? -1.614  -0.566  -3.331  1.00 23.48 ? 120 PHE A N   1 
ATOM   927  C CA  . PHE A 1 122 ? -2.231  -0.874  -2.049  1.00 18.47 ? 120 PHE A CA  1 
ATOM   928  C C   . PHE A 1 122 ? -3.028  0.343   -1.626  1.00 20.56 ? 120 PHE A C   1 
ATOM   929  O O   . PHE A 1 122 ? -2.908  1.421   -2.213  1.00 20.01 ? 120 PHE A O   1 
ATOM   930  C CB  . PHE A 1 122 ? -1.176  -1.185  -0.980  1.00 18.03 ? 120 PHE A CB  1 
ATOM   931  C CG  . PHE A 1 122 ? -0.233  -0.046  -0.747  1.00 20.89 ? 120 PHE A CG  1 
ATOM   932  C CD1 . PHE A 1 122 ? 0.865   0.143   -1.581  1.00 20.13 ? 120 PHE A CD1 1 
ATOM   933  C CD2 . PHE A 1 122 ? -0.470  0.880   0.258   1.00 21.13 ? 120 PHE A CD2 1 
ATOM   934  C CE1 . PHE A 1 122 ? 1.724   1.213   -1.388  1.00 19.89 ? 120 PHE A CE1 1 
ATOM   935  C CE2 . PHE A 1 122 ? 0.392   1.945   0.452   1.00 22.22 ? 120 PHE A CE2 1 
ATOM   936  C CZ  . PHE A 1 122 ? 1.481   2.114   -0.380  1.00 18.98 ? 120 PHE A CZ  1 
ATOM   937  N N   . PHE A 1 123 ? -3.812  0.187   -0.569  1.00 17.59 ? 121 PHE A N   1 
ATOM   938  C CA  . PHE A 1 123 ? -4.437  1.351   0.029   1.00 18.94 ? 121 PHE A CA  1 
ATOM   939  C C   . PHE A 1 123 ? -4.555  1.147   1.531   1.00 22.56 ? 121 PHE A C   1 
ATOM   940  O O   . PHE A 1 123 ? -4.570  0.017   2.032   1.00 20.92 ? 121 PHE A O   1 
ATOM   941  C CB  . PHE A 1 123 ? -5.805  1.662   -0.611  1.00 20.89 ? 121 PHE A CB  1 
ATOM   942  C CG  . PHE A 1 123 ? -6.864  0.608   -0.390  1.00 20.90 ? 121 PHE A CG  1 
ATOM   943  C CD1 . PHE A 1 123 ? -7.003  -0.461  -1.269  1.00 24.97 ? 121 PHE A CD1 1 
ATOM   944  C CD2 . PHE A 1 123 ? -7.768  0.730   0.645   1.00 20.70 ? 121 PHE A CD2 1 
ATOM   945  C CE1 . PHE A 1 123 ? -8.004  -1.412  -1.086  1.00 21.16 ? 121 PHE A CE1 1 
ATOM   946  C CE2 . PHE A 1 123 ? -8.758  -0.219  0.835   1.00 21.09 ? 121 PHE A CE2 1 
ATOM   947  C CZ  . PHE A 1 123 ? -8.882  -1.279  -0.027  1.00 21.31 ? 121 PHE A CZ  1 
ATOM   948  N N   . ILE A 1 124 ? -4.616  2.262   2.244   1.00 20.27 ? 122 ILE A N   1 
ATOM   949  C CA  . ILE A 1 124 ? -4.742  2.269   3.691   1.00 22.15 ? 122 ILE A CA  1 
ATOM   950  C C   . ILE A 1 124 ? -6.067  2.913   4.047   1.00 23.86 ? 122 ILE A C   1 
ATOM   951  O O   . ILE A 1 124 ? -6.295  4.092   3.740   1.00 23.43 ? 122 ILE A O   1 
ATOM   952  C CB  . ILE A 1 124 ? -3.586  3.021   4.357   1.00 21.56 ? 122 ILE A CB  1 
ATOM   953  C CG1 . ILE A 1 124 ? -2.249  2.469   3.848   1.00 21.42 ? 122 ILE A CG1 1 
ATOM   954  C CG2 . ILE A 1 124 ? -3.727  2.896   5.854   1.00 21.27 ? 122 ILE A CG2 1 
ATOM   955  C CD1 . ILE A 1 124 ? -1.014  3.323   4.228   1.00 21.60 ? 122 ILE A CD1 1 
ATOM   956  N N   . THR A 1 125 ? -6.931  2.155   4.704   1.00 23.67 ? 123 THR A N   1 
ATOM   957  C CA  . THR A 1 125 ? -8.190  2.711   5.171   1.00 24.52 ? 123 THR A CA  1 
ATOM   958  C C   . THR A 1 125 ? -7.941  3.661   6.335   1.00 26.38 ? 123 THR A C   1 
ATOM   959  O O   . THR A 1 125 ? -7.025  3.451   7.139   1.00 25.77 ? 123 THR A O   1 
ATOM   960  C CB  . THR A 1 125 ? -9.126  1.590   5.611   1.00 26.05 ? 123 THR A CB  1 
ATOM   961  O OG1 . THR A 1 125 ? -8.616  0.999   6.815   1.00 25.78 ? 123 THR A OG1 1 
ATOM   962  C CG2 . THR A 1 125 ? -9.230  0.530   4.528   1.00 18.71 ? 123 THR A CG2 1 
ATOM   963  N N   . THR A 1 126 ? -8.751  4.724   6.414   1.00 24.99 ? 124 THR A N   1 
ATOM   964  C CA  . THR A 1 126 ? -8.801  5.577   7.599   1.00 27.12 ? 124 THR A CA  1 
ATOM   965  C C   . THR A 1 126 ? -10.157 5.525   8.277   1.00 25.44 ? 124 THR A C   1 
ATOM   966  O O   . THR A 1 126 ? -10.367 6.221   9.271   1.00 25.71 ? 124 THR A O   1 
ATOM   967  C CB  . THR A 1 126 ? -8.459  7.042   7.272   1.00 28.03 ? 124 THR A CB  1 
ATOM   968  O OG1 . THR A 1 126 ? -9.493  7.613   6.461   1.00 32.33 ? 124 THR A OG1 1 
ATOM   969  C CG2 . THR A 1 126 ? -7.127  7.152   6.553   1.00 22.89 ? 124 THR A CG2 1 
ATOM   970  N N   . VAL A 1 127 ? -11.085 4.738   7.750   1.00 27.59 ? 125 VAL A N   1 
ATOM   971  C CA  . VAL A 1 127 ? -12.351 4.443   8.397   1.00 27.61 ? 125 VAL A CA  1 
ATOM   972  C C   . VAL A 1 127 ? -12.636 2.961   8.202   1.00 30.68 ? 125 VAL A C   1 
ATOM   973  O O   . VAL A 1 127 ? -11.858 2.236   7.578   1.00 28.06 ? 125 VAL A O   1 
ATOM   974  C CB  . VAL A 1 127 ? -13.505 5.301   7.841   1.00 30.24 ? 125 VAL A CB  1 
ATOM   975  C CG1 . VAL A 1 127 ? -13.299 6.785   8.181   1.00 28.06 ? 125 VAL A CG1 1 
ATOM   976  C CG2 . VAL A 1 127 ? -13.628 5.087   6.331   1.00 31.97 ? 125 VAL A CG2 1 
ATOM   977  N N   . GLU A 1 128 ? -13.760 2.506   8.751   1.00 36.89 ? 126 GLU A N   1 
ATOM   978  C CA  . GLU A 1 128 ? -14.289 1.193   8.402   1.00 35.59 ? 126 GLU A CA  1 
ATOM   979  C C   . GLU A 1 128 ? -14.850 1.239   6.984   1.00 28.86 ? 126 GLU A C   1 
ATOM   980  O O   . GLU A 1 128 ? -15.553 2.187   6.613   1.00 32.34 ? 126 GLU A O   1 
ATOM   981  C CB  . GLU A 1 128 ? -15.372 0.773   9.403   1.00 38.50 ? 126 GLU A CB  1 
ATOM   982  C CG  . GLU A 1 128 ? -16.763 1.296   9.051   1.00 42.08 ? 126 GLU A CG  1 
ATOM   983  C CD  . GLU A 1 128 ? -17.878 0.660   9.850   1.00 54.33 ? 126 GLU A CD  1 
ATOM   984  O OE1 . GLU A 1 128 ? -17.745 0.593   11.099  1.00 58.52 ? 126 GLU A OE1 1 
ATOM   985  O OE2 . GLU A 1 128 ? -18.877 0.222   9.223   1.00 48.03 ? 126 GLU A OE2 1 
ATOM   986  N N   . THR A 1 129 ? -14.510 0.250   6.163   1.00 26.80 ? 127 THR A N   1 
ATOM   987  C CA  . THR A 1 129 ? -15.026 0.174   4.794   1.00 24.87 ? 127 THR A CA  1 
ATOM   988  C C   . THR A 1 129 ? -15.531 -1.228  4.491   1.00 25.80 ? 127 THR A C   1 
ATOM   989  O O   . THR A 1 129 ? -15.031 -1.899  3.584   1.00 26.53 ? 127 THR A O   1 
ATOM   990  C CB  . THR A 1 129 ? -13.969 0.595   3.771   1.00 28.31 ? 127 THR A CB  1 
ATOM   991  O OG1 . THR A 1 129 ? -12.821 -0.260  3.867   1.00 29.90 ? 127 THR A OG1 1 
ATOM   992  C CG2 . THR A 1 129 ? -13.545 2.035   3.980   1.00 22.38 ? 127 THR A CG2 1 
ATOM   993  N N   . PRO A 1 130 ? -16.549 -1.698  5.215   1.00 25.65 ? 128 PRO A N   1 
ATOM   994  C CA  . PRO A 1 130 ? -17.014 -3.081  4.997   1.00 24.44 ? 128 PRO A CA  1 
ATOM   995  C C   . PRO A 1 130 ? -17.470 -3.353  3.578   1.00 30.82 ? 128 PRO A C   1 
ATOM   996  O O   . PRO A 1 130 ? -17.425 -4.513  3.151   1.00 29.32 ? 128 PRO A O   1 
ATOM   997  C CB  . PRO A 1 130 ? -18.162 -3.238  5.994   1.00 28.60 ? 128 PRO A CB  1 
ATOM   998  C CG  . PRO A 1 130 ? -17.909 -2.173  7.034   1.00 39.35 ? 128 PRO A CG  1 
ATOM   999  C CD  . PRO A 1 130 ? -17.308 -1.022  6.277   1.00 32.61 ? 128 PRO A CD  1 
ATOM   1000 N N   . TRP A 1 131 ? -17.868 -2.322  2.821   1.00 27.59 ? 129 TRP A N   1 
ATOM   1001 C CA  . TRP A 1 131 ? -18.318 -2.532  1.449   1.00 25.05 ? 129 TRP A CA  1 
ATOM   1002 C C   . TRP A 1 131 ? -17.203 -3.051  0.550   1.00 28.42 ? 129 TRP A C   1 
ATOM   1003 O O   . TRP A 1 131 ? -17.491 -3.601  -0.521  1.00 30.49 ? 129 TRP A O   1 
ATOM   1004 C CB  . TRP A 1 131 ? -18.917 -1.234  0.865   1.00 25.52 ? 129 TRP A CB  1 
ATOM   1005 C CG  . TRP A 1 131 ? -17.999 -0.024  0.858   1.00 27.64 ? 129 TRP A CG  1 
ATOM   1006 C CD1 . TRP A 1 131 ? -17.150 0.369   -0.158  1.00 25.36 ? 129 TRP A CD1 1 
ATOM   1007 C CD2 . TRP A 1 131 ? -17.853 0.955   1.897   1.00 23.35 ? 129 TRP A CD2 1 
ATOM   1008 N NE1 . TRP A 1 131 ? -16.482 1.523   0.206   1.00 25.86 ? 129 TRP A NE1 1 
ATOM   1009 C CE2 . TRP A 1 131 ? -16.894 1.899   1.457   1.00 22.47 ? 129 TRP A CE2 1 
ATOM   1010 C CE3 . TRP A 1 131 ? -18.428 1.121   3.160   1.00 26.98 ? 129 TRP A CE3 1 
ATOM   1011 C CZ2 . TRP A 1 131 ? -16.508 2.985   2.234   1.00 24.09 ? 129 TRP A CZ2 1 
ATOM   1012 C CZ3 . TRP A 1 131 ? -18.043 2.209   3.929   1.00 26.14 ? 129 TRP A CZ3 1 
ATOM   1013 C CH2 . TRP A 1 131 ? -17.089 3.118   3.466   1.00 22.93 ? 129 TRP A CH2 1 
ATOM   1014 N N   . LEU A 1 132 ? -15.940 -2.905  0.960   1.00 28.02 ? 130 LEU A N   1 
ATOM   1015 C CA  . LEU A 1 132 ? -14.820 -3.450  0.202   1.00 27.67 ? 130 LEU A CA  1 
ATOM   1016 C C   . LEU A 1 132 ? -14.509 -4.905  0.559   1.00 25.17 ? 130 LEU A C   1 
ATOM   1017 O O   . LEU A 1 132 ? -13.675 -5.527  -0.113  1.00 25.38 ? 130 LEU A O   1 
ATOM   1018 C CB  . LEU A 1 132 ? -13.572 -2.568  0.402   1.00 26.11 ? 130 LEU A CB  1 
ATOM   1019 C CG  . LEU A 1 132 ? -13.667 -1.059  0.086   1.00 20.22 ? 130 LEU A CG  1 
ATOM   1020 C CD1 . LEU A 1 132 ? -12.394 -0.322  0.515   1.00 20.50 ? 130 LEU A CD1 1 
ATOM   1021 C CD2 . LEU A 1 132 ? -13.966 -0.783  -1.370  1.00 19.02 ? 130 LEU A CD2 1 
ATOM   1022 N N   . ASP A 1 133 ? -15.179 -5.467  1.567   1.00 24.67 ? 131 ASP A N   1 
ATOM   1023 C CA  . ASP A 1 133 ? -14.989 -6.867  1.940   1.00 24.25 ? 131 ASP A CA  1 
ATOM   1024 C C   . ASP A 1 133 ? -15.423 -7.805  0.818   1.00 26.02 ? 131 ASP A C   1 
ATOM   1025 O O   . ASP A 1 133 ? -16.382 -7.544  0.092   1.00 27.05 ? 131 ASP A O   1 
ATOM   1026 C CB  . ASP A 1 133 ? -15.789 -7.196  3.203   1.00 26.04 ? 131 ASP A CB  1 
ATOM   1027 C CG  . ASP A 1 133 ? -15.402 -6.322  4.392   1.00 30.88 ? 131 ASP A CG  1 
ATOM   1028 O OD1 . ASP A 1 133 ? -14.414 -5.567  4.270   1.00 28.00 ? 131 ASP A OD1 1 
ATOM   1029 O OD2 . ASP A 1 133 ? -16.097 -6.373  5.437   1.00 29.82 ? 131 ASP A OD2 1 
ATOM   1030 N N   . GLY A 1 134 ? -14.729 -8.929  0.701   1.00 24.19 ? 132 GLY A N   1 
ATOM   1031 C CA  . GLY A 1 134 ? -14.930 -9.798  -0.428  1.00 21.72 ? 132 GLY A CA  1 
ATOM   1032 C C   . GLY A 1 134 ? -14.420 -9.273  -1.750  1.00 22.68 ? 132 GLY A C   1 
ATOM   1033 O O   . GLY A 1 134 ? -14.587 -9.948  -2.770  1.00 28.68 ? 132 GLY A O   1 
ATOM   1034 N N   . HIS A 1 135 ? -13.804 -8.103  -1.789  1.00 23.43 ? 133 HIS A N   1 
ATOM   1035 C CA  . HIS A 1 135 ? -13.413 -7.521  -3.066  1.00 24.61 ? 133 HIS A CA  1 
ATOM   1036 C C   . HIS A 1 135 ? -11.995 -7.017  -3.102  1.00 23.40 ? 133 HIS A C   1 
ATOM   1037 O O   . HIS A 1 135 ? -11.441 -6.866  -4.193  1.00 25.17 ? 133 HIS A O   1 
ATOM   1038 C CB  . HIS A 1 135 ? -14.346 -6.362  -3.432  1.00 29.91 ? 133 HIS A CB  1 
ATOM   1039 C CG  . HIS A 1 135 ? -15.757 -6.792  -3.649  1.00 33.94 ? 133 HIS A CG  1 
ATOM   1040 N ND1 . HIS A 1 135 ? -16.816 -6.251  -2.951  1.00 35.53 ? 133 HIS A ND1 1 
ATOM   1041 C CD2 . HIS A 1 135 ? -16.283 -7.740  -4.459  1.00 30.51 ? 133 HIS A CD2 1 
ATOM   1042 C CE1 . HIS A 1 135 ? -17.935 -6.840  -3.333  1.00 38.15 ? 133 HIS A CE1 1 
ATOM   1043 N NE2 . HIS A 1 135 ? -17.639 -7.751  -4.242  1.00 34.11 ? 133 HIS A NE2 1 
ATOM   1044 N N   . HIS A 1 136 ? -11.404 -6.716  -1.966  1.00 24.34 ? 134 HIS A N   1 
ATOM   1045 C CA  . HIS A 1 136 ? -10.025 -6.289  -1.880  1.00 23.36 ? 134 HIS A CA  1 
ATOM   1046 C C   . HIS A 1 136 ? -9.381  -7.092  -0.766  1.00 24.12 ? 134 HIS A C   1 
ATOM   1047 O O   . HIS A 1 136 ? -10.019 -7.379  0.249   1.00 26.29 ? 134 HIS A O   1 
ATOM   1048 C CB  . HIS A 1 136 ? -9.922  -4.780  -1.620  1.00 21.67 ? 134 HIS A CB  1 
ATOM   1049 C CG  . HIS A 1 136 ? -10.584 -3.948  -2.671  1.00 20.34 ? 134 HIS A CG  1 
ATOM   1050 N ND1 . HIS A 1 136 ? -9.902  -3.438  -3.756  1.00 24.94 ? 134 HIS A ND1 1 
ATOM   1051 C CD2 . HIS A 1 136 ? -11.866 -3.533  -2.803  1.00 22.41 ? 134 HIS A CD2 1 
ATOM   1052 C CE1 . HIS A 1 136 ? -10.740 -2.760  -4.518  1.00 21.94 ? 134 HIS A CE1 1 
ATOM   1053 N NE2 . HIS A 1 136 ? -11.938 -2.799  -3.963  1.00 24.93 ? 134 HIS A NE2 1 
ATOM   1054 N N   . CYS A 1 137 ? -8.132  -7.487  -0.968  1.00 26.13 ? 135 CYS A N   1 
ATOM   1055 C CA  . CYS A 1 137 ? -7.477  -8.426  -0.065  1.00 22.03 ? 135 CYS A CA  1 
ATOM   1056 C C   . CYS A 1 137 ? -6.708  -7.654  1.002   1.00 20.80 ? 135 CYS A C   1 
ATOM   1057 O O   . CYS A 1 137 ? -5.712  -6.985  0.697   1.00 21.97 ? 135 CYS A O   1 
ATOM   1058 C CB  . CYS A 1 137 ? -6.557  -9.344  -0.860  1.00 24.99 ? 135 CYS A CB  1 
ATOM   1059 S SG  . CYS A 1 137 ? -5.629  -10.454 0.182   1.00 37.32 ? 135 CYS A SG  1 
ATOM   1060 N N   . VAL A 1 138 ? -7.154  -7.755  2.252   1.00 17.82 ? 136 VAL A N   1 
ATOM   1061 C CA  . VAL A 1 138 ? -6.480  -7.089  3.362   1.00 17.81 ? 136 VAL A CA  1 
ATOM   1062 C C   . VAL A 1 138 ? -5.299  -7.945  3.784   1.00 20.16 ? 136 VAL A C   1 
ATOM   1063 O O   . VAL A 1 138 ? -5.447  -9.155  3.972   1.00 21.93 ? 136 VAL A O   1 
ATOM   1064 C CB  . VAL A 1 138 ? -7.449  -6.866  4.532   1.00 19.98 ? 136 VAL A CB  1 
ATOM   1065 C CG1 . VAL A 1 138 ? -6.738  -6.193  5.706   1.00 19.42 ? 136 VAL A CG1 1 
ATOM   1066 C CG2 . VAL A 1 138 ? -8.644  -6.065  4.080   1.00 19.82 ? 136 VAL A CG2 1 
ATOM   1067 N N   . PHE A 1 139 ? -4.108  -7.339  3.904   1.00 19.69 ? 137 PHE A N   1 
ATOM   1068 C CA  . PHE A 1 139 ? -2.912  -8.153  4.125   1.00 19.41 ? 137 PHE A CA  1 
ATOM   1069 C C   . PHE A 1 139 ? -1.981  -7.635  5.203   1.00 18.99 ? 137 PHE A C   1 
ATOM   1070 O O   . PHE A 1 139 ? -0.938  -8.249  5.434   1.00 21.53 ? 137 PHE A O   1 
ATOM   1071 C CB  . PHE A 1 139 ? -2.113  -8.299  2.825   1.00 18.95 ? 137 PHE A CB  1 
ATOM   1072 C CG  . PHE A 1 139 ? -1.603  -6.999  2.280   1.00 20.01 ? 137 PHE A CG  1 
ATOM   1073 C CD1 . PHE A 1 139 ? -2.318  -6.316  1.323   1.00 17.73 ? 137 PHE A CD1 1 
ATOM   1074 C CD2 . PHE A 1 139 ? -0.404  -6.462  2.727   1.00 20.07 ? 137 PHE A CD2 1 
ATOM   1075 C CE1 . PHE A 1 139 ? -1.859  -5.121  0.820   1.00 20.15 ? 137 PHE A CE1 1 
ATOM   1076 C CE2 . PHE A 1 139 ? 0.059   -5.260  2.224   1.00 20.63 ? 137 PHE A CE2 1 
ATOM   1077 C CZ  . PHE A 1 139 ? -0.664  -4.597  1.267   1.00 19.23 ? 137 PHE A CZ  1 
ATOM   1078 N N   . GLY A 1 140 ? -2.293  -6.521  5.841   1.00 23.32 ? 138 GLY A N   1 
ATOM   1079 C CA  . GLY A 1 140 ? -1.480  -6.046  6.942   1.00 25.53 ? 138 GLY A CA  1 
ATOM   1080 C C   . GLY A 1 140 ? -2.164  -4.854  7.560   1.00 21.79 ? 138 GLY A C   1 
ATOM   1081 O O   . GLY A 1 140 ? -3.245  -4.448  7.131   1.00 23.05 ? 138 GLY A O   1 
ATOM   1082 N N   . GLN A 1 141 ? -1.522  -4.293  8.580   1.00 22.98 ? 139 GLN A N   1 
ATOM   1083 C CA  . GLN A 1 141 ? -2.093  -3.152  9.273   1.00 24.48 ? 139 GLN A CA  1 
ATOM   1084 C C   . GLN A 1 141 ? -1.005  -2.171  9.690   1.00 23.59 ? 139 GLN A C   1 
ATOM   1085 O O   . GLN A 1 141 ? 0.167   -2.524  9.837   1.00 25.39 ? 139 GLN A O   1 
ATOM   1086 C CB  . GLN A 1 141 ? -2.864  -3.590  10.496  1.00 18.15 ? 139 GLN A CB  1 
ATOM   1087 C CG  . GLN A 1 141 ? -1.967  -4.305  11.435  1.00 24.48 ? 139 GLN A CG  1 
ATOM   1088 C CD  . GLN A 1 141 ? -2.696  -4.844  12.623  1.00 27.26 ? 139 GLN A CD  1 
ATOM   1089 O OE1 . GLN A 1 141 ? -3.822  -4.437  12.920  1.00 23.40 ? 139 GLN A OE1 1 
ATOM   1090 N NE2 . GLN A 1 141 ? -2.066  -5.786  13.310  1.00 26.74 ? 139 GLN A NE2 1 
ATOM   1091 N N   . VAL A 1 142 ? -1.427  -0.928  9.887   1.00 23.35 ? 140 VAL A N   1 
ATOM   1092 C CA  . VAL A 1 142 ? -0.574  0.127   10.417  1.00 24.50 ? 140 VAL A CA  1 
ATOM   1093 C C   . VAL A 1 142 ? -0.423  -0.085  11.916  1.00 25.61 ? 140 VAL A C   1 
ATOM   1094 O O   . VAL A 1 142 ? -1.412  -0.054  12.655  1.00 27.30 ? 140 VAL A O   1 
ATOM   1095 C CB  . VAL A 1 142 ? -1.185  1.507   10.148  1.00 26.90 ? 140 VAL A CB  1 
ATOM   1096 C CG1 . VAL A 1 142 ? -0.352  2.571   10.840  1.00 28.79 ? 140 VAL A CG1 1 
ATOM   1097 C CG2 . VAL A 1 142 ? -1.335  1.760   8.663   1.00 17.98 ? 140 VAL A CG2 1 
ATOM   1098 N N   . ILE A 1 143 ? 0.804   -0.271  12.378  1.00 25.95 ? 141 ILE A N   1 
ATOM   1099 C CA  . ILE A 1 143 ? 1.030   -0.325  13.817  1.00 26.20 ? 141 ILE A CA  1 
ATOM   1100 C C   . ILE A 1 143 ? 1.684   0.942   14.358  1.00 30.79 ? 141 ILE A C   1 
ATOM   1101 O O   . ILE A 1 143 ? 1.605   1.191   15.571  1.00 33.97 ? 141 ILE A O   1 
ATOM   1102 C CB  . ILE A 1 143 ? 1.858   -1.562  14.234  1.00 29.43 ? 141 ILE A CB  1 
ATOM   1103 C CG1 . ILE A 1 143 ? 3.269   -1.521  13.659  1.00 25.16 ? 141 ILE A CG1 1 
ATOM   1104 C CG2 . ILE A 1 143 ? 1.140   -2.864  13.869  1.00 26.27 ? 141 ILE A CG2 1 
ATOM   1105 C CD1 . ILE A 1 143 ? 4.181   -2.573  14.312  1.00 27.31 ? 141 ILE A CD1 1 
ATOM   1106 N N   . GLU A 1 144 ? 2.306   1.756   13.514  1.00 27.75 ? 142 GLU A N   1 
ATOM   1107 C CA  . GLU A 1 144 ? 2.836   3.023   13.986  1.00 27.85 ? 142 GLU A CA  1 
ATOM   1108 C C   . GLU A 1 144 ? 2.682   4.064   12.895  1.00 29.05 ? 142 GLU A C   1 
ATOM   1109 O O   . GLU A 1 144 ? 2.848   3.765   11.710  1.00 29.14 ? 142 GLU A O   1 
ATOM   1110 C CB  . GLU A 1 144 ? 4.305   2.905   14.420  1.00 32.95 ? 142 GLU A CB  1 
ATOM   1111 C CG  . GLU A 1 144 ? 4.474   2.551   15.907  1.00 43.00 ? 142 GLU A CG  1 
ATOM   1112 C CD  . GLU A 1 144 ? 5.832   1.941   16.260  1.00 51.75 ? 142 GLU A CD  1 
ATOM   1113 O OE1 . GLU A 1 144 ? 6.841   2.685   16.254  1.00 59.72 ? 142 GLU A OE1 1 
ATOM   1114 O OE2 . GLU A 1 144 ? 5.886   0.722   16.563  1.00 55.10 ? 142 GLU A OE2 1 
ATOM   1115 N N   . GLY A 1 145 ? 2.350   5.278   13.302  1.00 26.62 ? 143 GLY A N   1 
ATOM   1116 C CA  . GLY A 1 145 ? 2.275   6.378   12.389  1.00 24.08 ? 143 GLY A CA  1 
ATOM   1117 C C   . GLY A 1 145 ? 0.915   6.657   11.810  1.00 28.68 ? 143 GLY A C   1 
ATOM   1118 O O   . GLY A 1 145 ? 0.841   7.263   10.735  1.00 25.76 ? 143 GLY A O   1 
ATOM   1119 N N   . MET A 1 146 ? -0.167  6.249   12.482  1.00 26.63 ? 144 MET A N   1 
ATOM   1120 C CA  . MET A 1 146 ? -1.495  6.577   11.980  1.00 23.73 ? 144 MET A CA  1 
ATOM   1121 C C   . MET A 1 146 ? -1.692  8.086   11.843  1.00 23.23 ? 144 MET A C   1 
ATOM   1122 O O   . MET A 1 146 ? -2.471  8.535   10.997  1.00 25.96 ? 144 MET A O   1 
ATOM   1123 C CB  . MET A 1 146 ? -2.564  5.964   12.880  1.00 21.59 ? 144 MET A CB  1 
ATOM   1124 C CG  . MET A 1 146 ? -3.946  5.916   12.262  1.00 26.61 ? 144 MET A CG  1 
ATOM   1125 S SD  . MET A 1 146 ? -4.123  4.787   10.859  1.00 34.49 ? 144 MET A SD  1 
ATOM   1126 C CE  . MET A 1 146 ? -5.531  5.503   10.008  1.00 30.61 ? 144 MET A CE  1 
ATOM   1127 N N   . ASP A 1 147 ? -0.984  8.887   12.636  1.00 24.81 ? 145 ASP A N   1 
ATOM   1128 C CA  . ASP A 1 147 ? -1.062  10.334  12.440  1.00 29.60 ? 145 ASP A CA  1 
ATOM   1129 C C   . ASP A 1 147 ? -0.552  10.736  11.058  1.00 27.31 ? 145 ASP A C   1 
ATOM   1130 O O   . ASP A 1 147 ? -1.135  11.611  10.409  1.00 25.82 ? 145 ASP A O   1 
ATOM   1131 C CB  . ASP A 1 147 ? -0.297  11.080  13.541  1.00 30.20 ? 145 ASP A CB  1 
ATOM   1132 C CG  . ASP A 1 147 ? 1.129   10.553  13.756  1.00 38.04 ? 145 ASP A CG  1 
ATOM   1133 O OD1 . ASP A 1 147 ? 2.032   11.377  14.045  1.00 41.59 ? 145 ASP A OD1 1 
ATOM   1134 O OD2 . ASP A 1 147 ? 1.344   9.322   13.660  1.00 37.73 ? 145 ASP A OD2 1 
ATOM   1135 N N   . ILE A 1 148 ? 0.520   10.091  10.581  1.00 24.32 ? 146 ILE A N   1 
ATOM   1136 C CA  . ILE A 1 148 ? 1.027   10.399  9.249   1.00 24.87 ? 146 ILE A CA  1 
ATOM   1137 C C   . ILE A 1 148 ? -0.002  10.036  8.188   1.00 24.10 ? 146 ILE A C   1 
ATOM   1138 O O   . ILE A 1 148 ? -0.230  10.798  7.242   1.00 26.63 ? 146 ILE A O   1 
ATOM   1139 C CB  . ILE A 1 148 ? 2.371   9.692   9.009   1.00 29.26 ? 146 ILE A CB  1 
ATOM   1140 C CG1 . ILE A 1 148 ? 3.414   10.232  9.974   1.00 31.28 ? 146 ILE A CG1 1 
ATOM   1141 C CG2 . ILE A 1 148 ? 2.863   9.957   7.599   1.00 28.91 ? 146 ILE A CG2 1 
ATOM   1142 C CD1 . ILE A 1 148 ? 3.842   9.246   10.990  1.00 33.56 ? 146 ILE A CD1 1 
ATOM   1143 N N   . VAL A 1 149 ? -0.639  8.872   8.328   1.00 24.62 ? 147 VAL A N   1 
ATOM   1144 C CA  . VAL A 1 149 ? -1.752  8.493   7.458   1.00 23.86 ? 147 VAL A CA  1 
ATOM   1145 C C   . VAL A 1 149 ? -2.815  9.584   7.434   1.00 22.76 ? 147 VAL A C   1 
ATOM   1146 O O   . VAL A 1 149 ? -3.335  9.945   6.367   1.00 23.70 ? 147 VAL A O   1 
ATOM   1147 C CB  . VAL A 1 149 ? -2.337  7.137   7.909   1.00 25.13 ? 147 VAL A CB  1 
ATOM   1148 C CG1 . VAL A 1 149 ? -3.481  6.709   7.020   1.00 22.33 ? 147 VAL A CG1 1 
ATOM   1149 C CG2 . VAL A 1 149 ? -1.267  6.072   7.907   1.00 23.63 ? 147 VAL A CG2 1 
ATOM   1150 N N   . LYS A 1 150 ? -3.150  10.139  8.605   1.00 20.99 ? 148 LYS A N   1 
ATOM   1151 C CA  . LYS A 1 150 ? -4.182  11.168  8.642   1.00 19.82 ? 148 LYS A CA  1 
ATOM   1152 C C   . LYS A 1 150 ? -3.696  12.486  8.055   1.00 23.15 ? 148 LYS A C   1 
ATOM   1153 O O   . LYS A 1 150 ? -4.518  13.307  7.622   1.00 21.70 ? 148 LYS A O   1 
ATOM   1154 C CB  . LYS A 1 150 ? -4.677  11.384  10.070  1.00 21.48 ? 148 LYS A CB  1 
ATOM   1155 C CG  . LYS A 1 150 ? -5.466  10.218  10.661  1.00 27.93 ? 148 LYS A CG  1 
ATOM   1156 C CD  . LYS A 1 150 ? -6.835  9.985   9.988   1.00 28.65 ? 148 LYS A CD  1 
ATOM   1157 C CE  . LYS A 1 150 ? -7.884  11.000  10.415  1.00 29.81 ? 148 LYS A CE  1 
ATOM   1158 N NZ  . LYS A 1 150 ? -9.231  10.631  9.889   1.00 26.49 ? 148 LYS A NZ  1 
ATOM   1159 N N   . GLN A 1 151 ? -2.381  12.718  8.034   1.00 21.53 ? 149 GLN A N   1 
ATOM   1160 C CA  . GLN A 1 151 ? -1.873  13.907  7.355   1.00 24.10 ? 149 GLN A CA  1 
ATOM   1161 C C   . GLN A 1 151 ? -1.992  13.764  5.847   1.00 21.33 ? 149 GLN A C   1 
ATOM   1162 O O   . GLN A 1 151 ? -2.377  14.713  5.160   1.00 24.80 ? 149 GLN A O   1 
ATOM   1163 C CB  . GLN A 1 151 ? -0.421  14.161  7.735   1.00 24.22 ? 149 GLN A CB  1 
ATOM   1164 C CG  . GLN A 1 151 ? -0.212  14.733  9.105   1.00 27.41 ? 149 GLN A CG  1 
ATOM   1165 C CD  . GLN A 1 151 ? 1.163   15.364  9.220   1.00 35.41 ? 149 GLN A CD  1 
ATOM   1166 O OE1 . GLN A 1 151 ? 2.050   14.833  9.890   1.00 36.61 ? 149 GLN A OE1 1 
ATOM   1167 N NE2 . GLN A 1 151 ? 1.353   16.494  8.546   1.00 39.90 ? 149 GLN A NE2 1 
ATOM   1168 N N   . ILE A 1 152 ? -1.644  12.588  5.317   1.00 20.55 ? 150 ILE A N   1 
ATOM   1169 C CA  . ILE A 1 152 ? -1.798  12.333  3.889   1.00 21.00 ? 150 ILE A CA  1 
ATOM   1170 C C   . ILE A 1 152 ? -3.260  12.437  3.501   1.00 21.96 ? 150 ILE A C   1 
ATOM   1171 O O   . ILE A 1 152 ? -3.609  13.107  2.526   1.00 25.19 ? 150 ILE A O   1 
ATOM   1172 C CB  . ILE A 1 152 ? -1.216  10.958  3.509   1.00 20.20 ? 150 ILE A CB  1 
ATOM   1173 C CG1 . ILE A 1 152 ? 0.258   10.865  3.892   1.00 19.43 ? 150 ILE A CG1 1 
ATOM   1174 C CG2 . ILE A 1 152 ? -1.421  10.684  1.997   1.00 22.68 ? 150 ILE A CG2 1 
ATOM   1175 C CD1 . ILE A 1 152 ? 0.749   9.456   4.000   1.00 20.85 ? 150 ILE A CD1 1 
ATOM   1176 N N   . GLU A 1 153 ? -4.135  11.776  4.271   1.00 21.41 ? 151 GLU A N   1 
ATOM   1177 C CA  . GLU A 1 153 ? -5.568  11.837  4.012   1.00 22.30 ? 151 GLU A CA  1 
ATOM   1178 C C   . GLU A 1 153 ? -6.043  13.273  3.891   1.00 25.64 ? 151 GLU A C   1 
ATOM   1179 O O   . GLU A 1 153 ? -6.859  13.588  3.021   1.00 26.84 ? 151 GLU A O   1 
ATOM   1180 C CB  . GLU A 1 153 ? -6.338  11.121  5.128   1.00 22.90 ? 151 GLU A CB  1 
ATOM   1181 C CG  . GLU A 1 153 ? -7.817  10.951  4.841   1.00 25.16 ? 151 GLU A CG  1 
ATOM   1182 C CD  . GLU A 1 153 ? -8.669  10.807  6.097   1.00 33.42 ? 151 GLU A CD  1 
ATOM   1183 O OE1 . GLU A 1 153 ? -8.329  11.430  7.130   1.00 33.02 ? 151 GLU A OE1 1 
ATOM   1184 O OE2 . GLU A 1 153 ? -9.689  10.072  6.048   1.00 33.74 ? 151 GLU A OE2 1 
ATOM   1185 N N   . SER A 1 154 ? -5.527  14.161  4.747   1.00 23.84 ? 152 SER A N   1 
ATOM   1186 C CA  . SER A 1 154 ? -5.937  15.560  4.754   1.00 29.27 ? 152 SER A CA  1 
ATOM   1187 C C   . SER A 1 154 ? -5.515  16.305  3.499   1.00 27.67 ? 152 SER A C   1 
ATOM   1188 O O   . SER A 1 154 ? -5.962  17.437  3.298   1.00 31.86 ? 152 SER A O   1 
ATOM   1189 C CB  . SER A 1 154 ? -5.381  16.278  5.989   1.00 26.35 ? 152 SER A CB  1 
ATOM   1190 O OG  . SER A 1 154 ? -3.984  16.518  5.842   1.00 31.93 ? 152 SER A OG  1 
ATOM   1191 N N   . CYS A 1 155 ? -4.689  15.706  2.655   1.00 26.42 ? 153 CYS A N   1 
ATOM   1192 C CA  . CYS A 1 155 ? -4.374  16.268  1.350   1.00 26.20 ? 153 CYS A CA  1 
ATOM   1193 C C   . CYS A 1 155 ? -5.329  15.813  0.260   1.00 26.59 ? 153 CYS A C   1 
ATOM   1194 O O   . CYS A 1 155 ? -5.121  16.164  -0.901  1.00 25.55 ? 153 CYS A O   1 
ATOM   1195 C CB  . CYS A 1 155 ? -2.949  15.884  0.936   1.00 27.87 ? 153 CYS A CB  1 
ATOM   1196 S SG  . CYS A 1 155 ? -1.679  16.494  2.051   1.00 32.65 ? 153 CYS A SG  1 
ATOM   1197 N N   . GLY A 1 156 ? -6.354  15.031  0.588   1.00 25.67 ? 154 GLY A N   1 
ATOM   1198 C CA  . GLY A 1 156 ? -7.204  14.451  -0.435  1.00 26.82 ? 154 GLY A CA  1 
ATOM   1199 C C   . GLY A 1 156 ? -8.409  15.306  -0.821  1.00 28.15 ? 154 GLY A C   1 
ATOM   1200 O O   . GLY A 1 156 ? -8.704  16.343  -0.239  1.00 28.81 ? 154 GLY A O   1 
ATOM   1201 N N   . THR A 1 157 ? -9.113  14.847  -1.849  1.00 24.24 ? 155 THR A N   1 
ATOM   1202 C CA  . THR A 1 157 ? -10.385 15.426  -2.241  1.00 26.22 ? 155 THR A CA  1 
ATOM   1203 C C   . THR A 1 157 ? -11.379 14.289  -2.394  1.00 28.08 ? 155 THR A C   1 
ATOM   1204 O O   . THR A 1 157 ? -11.006 13.115  -2.331  1.00 27.97 ? 155 THR A O   1 
ATOM   1205 C CB  . THR A 1 157 ? -10.266 16.215  -3.547  1.00 25.14 ? 155 THR A CB  1 
ATOM   1206 O OG1 . THR A 1 157 ? -9.885  15.322  -4.599  1.00 26.13 ? 155 THR A OG1 1 
ATOM   1207 C CG2 . THR A 1 157 ? -9.220  17.303  -3.425  1.00 26.65 ? 155 THR A CG2 1 
ATOM   1208 N N   . GLU A 1 158 ? -12.653 14.630  -2.615  1.00 27.90 ? 156 GLU A N   1 
ATOM   1209 C CA  . GLU A 1 158 ? -13.639 13.565  -2.808  1.00 31.25 ? 156 GLU A CA  1 
ATOM   1210 C C   . GLU A 1 158 ? -13.528 12.886  -4.169  1.00 28.27 ? 156 GLU A C   1 
ATOM   1211 O O   . GLU A 1 158 ? -13.970 11.742  -4.311  1.00 30.52 ? 156 GLU A O   1 
ATOM   1212 C CB  . GLU A 1 158 ? -15.064 14.079  -2.609  1.00 28.53 ? 156 GLU A CB  1 
ATOM   1213 C CG  . GLU A 1 158 ? -15.570 13.915  -1.180  1.00 38.21 ? 156 GLU A CG  1 
ATOM   1214 C CD  . GLU A 1 158 ? -15.066 12.657  -0.445  1.00 41.85 ? 156 GLU A CD  1 
ATOM   1215 O OE1 . GLU A 1 158 ? -15.634 11.561  -0.648  1.00 41.73 ? 156 GLU A OE1 1 
ATOM   1216 O OE2 . GLU A 1 158 ? -14.107 12.768  0.354   1.00 40.67 ? 156 GLU A OE2 1 
ATOM   1217 N N   . SER A 1 159 ? -12.947 13.541  -5.170  1.00 28.69 ? 157 SER A N   1 
ATOM   1218 C CA  . SER A 1 159 ? -12.677 12.831  -6.410  1.00 25.39 ? 157 SER A CA  1 
ATOM   1219 C C   . SER A 1 159 ? -11.499 11.874  -6.275  1.00 31.11 ? 157 SER A C   1 
ATOM   1220 O O   . SER A 1 159 ? -11.305 11.021  -7.144  1.00 30.06 ? 157 SER A O   1 
ATOM   1221 C CB  . SER A 1 159 ? -12.397 13.822  -7.530  1.00 26.60 ? 157 SER A CB  1 
ATOM   1222 O OG  . SER A 1 159 ? -11.254 14.595  -7.212  1.00 30.39 ? 157 SER A OG  1 
ATOM   1223 N N   . GLY A 1 160 ? -10.696 11.997  -5.221  1.00 30.95 ? 158 GLY A N   1 
ATOM   1224 C CA  . GLY A 1 160 ? -9.460  11.250  -5.135  1.00 27.27 ? 158 GLY A CA  1 
ATOM   1225 C C   . GLY A 1 160 ? -8.238  11.995  -5.622  1.00 26.01 ? 158 GLY A C   1 
ATOM   1226 O O   . GLY A 1 160 ? -7.113  11.564  -5.341  1.00 26.80 ? 158 GLY A O   1 
ATOM   1227 N N   . ARG A 1 161 ? -8.419  13.082  -6.350  1.00 24.42 ? 159 ARG A N   1 
ATOM   1228 C CA  . ARG A 1 161 ? -7.288  13.868  -6.799  1.00 23.96 ? 159 ARG A CA  1 
ATOM   1229 C C   . ARG A 1 161 ? -6.580  14.449  -5.579  1.00 26.65 ? 159 ARG A C   1 
ATOM   1230 O O   . ARG A 1 161 ? -7.248  14.947  -4.665  1.00 27.71 ? 159 ARG A O   1 
ATOM   1231 C CB  . ARG A 1 161 ? -7.758  14.978  -7.730  1.00 28.54 ? 159 ARG A CB  1 
ATOM   1232 C CG  . ARG A 1 161 ? -8.021  14.499  -9.147  1.00 37.43 ? 159 ARG A CG  1 
ATOM   1233 C CD  . ARG A 1 161 ? -8.093  15.657  -10.114 1.00 39.04 ? 159 ARG A CD  1 
ATOM   1234 N NE  . ARG A 1 161 ? -7.541  15.301  -11.418 1.00 47.40 ? 159 ARG A NE  1 
ATOM   1235 C CZ  . ARG A 1 161 ? -6.250  15.064  -11.656 1.00 46.93 ? 159 ARG A CZ  1 
ATOM   1236 N NH1 . ARG A 1 161 ? -5.353  15.132  -10.674 1.00 43.76 ? 159 ARG A NH1 1 
ATOM   1237 N NH2 . ARG A 1 161 ? -5.856  14.758  -12.889 1.00 50.41 ? 159 ARG A NH2 1 
ATOM   1238 N N   . PRO A 1 162 ? -5.256  14.371  -5.500  1.00 25.85 ? 160 PRO A N   1 
ATOM   1239 C CA  . PRO A 1 162 ? -4.562  14.938  -4.340  1.00 25.74 ? 160 PRO A CA  1 
ATOM   1240 C C   . PRO A 1 162 ? -4.362  16.430  -4.508  1.00 22.88 ? 160 PRO A C   1 
ATOM   1241 O O   . PRO A 1 162 ? -4.177  16.934  -5.617  1.00 25.73 ? 160 PRO A O   1 
ATOM   1242 C CB  . PRO A 1 162 ? -3.217  14.192  -4.320  1.00 27.29 ? 160 PRO A CB  1 
ATOM   1243 C CG  . PRO A 1 162 ? -3.313  13.124  -5.436  1.00 29.19 ? 160 PRO A CG  1 
ATOM   1244 C CD  . PRO A 1 162 ? -4.342  13.633  -6.390  1.00 26.09 ? 160 PRO A CD  1 
ATOM   1245 N N   . ARG A 1 163 ? -4.425  17.132  -3.391  1.00 24.88 ? 161 ARG A N   1 
ATOM   1246 C CA  . ARG A 1 163 ? -4.102  18.548  -3.300  1.00 29.89 ? 161 ARG A CA  1 
ATOM   1247 C C   . ARG A 1 163 ? -2.643  18.779  -2.939  1.00 29.53 ? 161 ARG A C   1 
ATOM   1248 O O   . ARG A 1 163 ? -2.224  19.931  -2.825  1.00 27.36 ? 161 ARG A O   1 
ATOM   1249 C CB  . ARG A 1 163 ? -4.987  19.224  -2.247  1.00 31.36 ? 161 ARG A CB  1 
ATOM   1250 C CG  . ARG A 1 163 ? -6.455  19.313  -2.595  1.00 31.84 ? 161 ARG A CG  1 
ATOM   1251 C CD  . ARG A 1 163 ? -7.154  20.429  -1.804  1.00 45.27 ? 161 ARG A CD  1 
ATOM   1252 N NE  . ARG A 1 163 ? -6.265  21.543  -1.482  1.00 46.61 ? 161 ARG A NE  1 
ATOM   1253 C CZ  . ARG A 1 163 ? -6.666  22.802  -1.313  1.00 48.09 ? 161 ARG A CZ  1 
ATOM   1254 N NH1 . ARG A 1 163 ? -5.775  23.745  -1.023  1.00 47.83 ? 161 ARG A NH1 1 
ATOM   1255 N NH2 . ARG A 1 163 ? -7.949  23.128  -1.437  1.00 45.15 ? 161 ARG A NH2 1 
ATOM   1256 N N   . ALA A 1 164 ? -1.876  17.715  -2.714  1.00 29.34 ? 162 ALA A N   1 
ATOM   1257 C CA  . ALA A 1 164 ? -0.461  17.824  -2.380  1.00 27.79 ? 162 ALA A CA  1 
ATOM   1258 C C   . ALA A 1 164 ? 0.197   16.484  -2.665  1.00 33.15 ? 162 ALA A C   1 
ATOM   1259 O O   . ALA A 1 164 ? -0.460  15.436  -2.673  1.00 29.84 ? 162 ALA A O   1 
ATOM   1260 C CB  . ALA A 1 164 ? -0.239  18.230  -0.918  1.00 26.46 ? 162 ALA A CB  1 
ATOM   1261 N N   . MET A 1 165 ? 1.505   16.533  -2.893  1.00 27.86 ? 163 MET A N   1 
ATOM   1262 C CA  . MET A 1 165 ? 2.283   15.365  -3.270  1.00 26.51 ? 163 MET A CA  1 
ATOM   1263 C C   . MET A 1 165 ? 2.867   14.728  -2.018  1.00 27.24 ? 163 MET A C   1 
ATOM   1264 O O   . MET A 1 165 ? 3.701   15.336  -1.335  1.00 30.17 ? 163 MET A O   1 
ATOM   1265 C CB  . MET A 1 165 ? 3.379   15.759  -4.252  1.00 26.87 ? 163 MET A CB  1 
ATOM   1266 C CG  . MET A 1 165 ? 2.848   16.184  -5.607  1.00 29.03 ? 163 MET A CG  1 
ATOM   1267 S SD  . MET A 1 165 ? 2.126   14.793  -6.518  1.00 41.16 ? 163 MET A SD  1 
ATOM   1268 C CE  . MET A 1 165 ? 0.382   14.956  -6.111  1.00 33.03 ? 163 MET A CE  1 
ATOM   1269 N N   . CYS A 1 166 ? 2.430   13.510  -1.715  1.00 27.78 ? 164 CYS A N   1 
ATOM   1270 C CA  . CYS A 1 166 ? 2.903   12.774  -0.549  1.00 27.13 ? 164 CYS A CA  1 
ATOM   1271 C C   . CYS A 1 166 ? 3.676   11.554  -1.020  1.00 28.02 ? 164 CYS A C   1 
ATOM   1272 O O   . CYS A 1 166 ? 3.118   10.688  -1.706  1.00 28.89 ? 164 CYS A O   1 
ATOM   1273 C CB  . CYS A 1 166 ? 1.738   12.374  0.350   1.00 21.15 ? 164 CYS A CB  1 
ATOM   1274 S SG  . CYS A 1 166 ? 0.547   13.700  0.549   1.00 29.92 ? 164 CYS A SG  1 
ATOM   1275 N N   . MET A 1 167 ? 4.938   11.467  -0.613  1.00 27.14 ? 165 MET A N   1 
ATOM   1276 C CA  . MET A 1 167 ? 5.891   10.537  -1.187  1.00 23.80 ? 165 MET A CA  1 
ATOM   1277 C C   . MET A 1 167 ? 6.410   9.559   -0.143  1.00 22.77 ? 165 MET A C   1 
ATOM   1278 O O   . MET A 1 167 ? 6.584   9.914   1.028   1.00 23.59 ? 165 MET A O   1 
ATOM   1279 C CB  . MET A 1 167 ? 7.077   11.292  -1.807  1.00 25.55 ? 165 MET A CB  1 
ATOM   1280 C CG  . MET A 1 167 ? 8.053   10.391  -2.552  1.00 26.45 ? 165 MET A CG  1 
ATOM   1281 S SD  . MET A 1 167 ? 9.443   11.257  -3.295  1.00 37.63 ? 165 MET A SD  1 
ATOM   1282 C CE  . MET A 1 167 ? 8.629   11.889  -4.768  1.00 35.15 ? 165 MET A CE  1 
ATOM   1283 N N   . VAL A 1 168 ? 6.652   8.325   -0.592  1.00 19.92 ? 166 VAL A N   1 
ATOM   1284 C CA  . VAL A 1 168 ? 7.438   7.338   0.146   1.00 22.30 ? 166 VAL A CA  1 
ATOM   1285 C C   . VAL A 1 168 ? 8.891   7.588   -0.242  1.00 26.02 ? 166 VAL A C   1 
ATOM   1286 O O   . VAL A 1 168 ? 9.341   7.169   -1.303  1.00 26.66 ? 166 VAL A O   1 
ATOM   1287 C CB  . VAL A 1 168 ? 6.999   5.909   -0.174  1.00 21.09 ? 166 VAL A CB  1 
ATOM   1288 C CG1 . VAL A 1 168 ? 8.018   4.871   0.346   1.00 17.50 ? 166 VAL A CG1 1 
ATOM   1289 C CG2 . VAL A 1 168 ? 5.588   5.657   0.373   1.00 20.65 ? 166 VAL A CG2 1 
ATOM   1290 N N   . THR A 1 169 ? 9.610   8.328   0.594   1.00 26.04 ? 167 THR A N   1 
ATOM   1291 C CA  . THR A 1 169 ? 10.971  8.720   0.256   1.00 27.66 ? 167 THR A CA  1 
ATOM   1292 C C   . THR A 1 169 ? 11.979  7.622   0.570   1.00 29.16 ? 167 THR A C   1 
ATOM   1293 O O   . THR A 1 169 ? 13.101  7.650   0.055   1.00 31.65 ? 167 THR A O   1 
ATOM   1294 C CB  . THR A 1 169 ? 11.332  9.997   1.005   1.00 30.27 ? 167 THR A CB  1 
ATOM   1295 O OG1 . THR A 1 169 ? 11.178  9.769   2.413   1.00 30.70 ? 167 THR A OG1 1 
ATOM   1296 C CG2 . THR A 1 169 ? 10.413  11.168  0.548   1.00 24.94 ? 167 THR A CG2 1 
ATOM   1297 N N   . ASP A 1 170 ? 11.588  6.657   1.388   1.00 29.16 ? 168 ASP A N   1 
ATOM   1298 C CA  . ASP A 1 170 ? 12.396  5.508   1.733   1.00 28.08 ? 168 ASP A CA  1 
ATOM   1299 C C   . ASP A 1 170 ? 11.453  4.446   2.267   1.00 29.86 ? 168 ASP A C   1 
ATOM   1300 O O   . ASP A 1 170 ? 10.387  4.760   2.793   1.00 31.90 ? 168 ASP A O   1 
ATOM   1301 C CB  . ASP A 1 170 ? 13.469  5.857   2.770   1.00 34.35 ? 168 ASP A CB  1 
ATOM   1302 C CG  . ASP A 1 170 ? 14.672  4.928   2.701   1.00 41.26 ? 168 ASP A CG  1 
ATOM   1303 O OD1 . ASP A 1 170 ? 14.882  4.137   3.653   1.00 43.90 ? 168 ASP A OD1 1 
ATOM   1304 O OD2 . ASP A 1 170 ? 15.397  4.981   1.679   1.00 43.89 ? 168 ASP A OD2 1 
ATOM   1305 N N   . CYS A 1 171 ? 11.847  3.191   2.127   1.00 28.34 ? 169 CYS A N   1 
ATOM   1306 C CA  . CYS A 1 171 ? 11.053  2.116   2.682   1.00 23.72 ? 169 CYS A CA  1 
ATOM   1307 C C   . CYS A 1 171 ? 11.958  0.915   2.886   1.00 27.07 ? 169 CYS A C   1 
ATOM   1308 O O   . CYS A 1 171 ? 13.056  0.841   2.328   1.00 29.31 ? 169 CYS A O   1 
ATOM   1309 C CB  . CYS A 1 171 ? 9.891   1.772   1.763   1.00 24.40 ? 169 CYS A CB  1 
ATOM   1310 S SG  . CYS A 1 171 ? 10.459  1.461   0.080   1.00 26.19 ? 169 CYS A SG  1 
ATOM   1311 N N   . GLY A 1 172 ? 11.483  -0.029  3.681   1.00 25.02 ? 170 GLY A N   1 
ATOM   1312 C CA  . GLY A 1 172 ? 12.222  -1.255  3.876   1.00 25.22 ? 170 GLY A CA  1 
ATOM   1313 C C   . GLY A 1 172 ? 11.602  -2.080  4.982   1.00 26.59 ? 170 GLY A C   1 
ATOM   1314 O O   . GLY A 1 172 ? 10.522  -1.768  5.490   1.00 28.26 ? 170 GLY A O   1 
ATOM   1315 N N   . GLU A 1 173 ? 12.328  -3.125  5.354   1.00 29.98 ? 171 GLU A N   1 
ATOM   1316 C CA  . GLU A 1 173 ? 11.915  -4.080  6.371   1.00 35.21 ? 171 GLU A CA  1 
ATOM   1317 C C   . GLU A 1 173 ? 12.713  -3.841  7.643   1.00 31.21 ? 171 GLU A C   1 
ATOM   1318 O O   . GLU A 1 173 ? 13.927  -3.647  7.592   1.00 34.92 ? 171 GLU A O   1 
ATOM   1319 C CB  . GLU A 1 173 ? 12.127  -5.518  5.883   1.00 35.04 ? 171 GLU A CB  1 
ATOM   1320 C CG  . GLU A 1 173 ? 12.024  -6.564  6.974   1.00 38.70 ? 171 GLU A CG  1 
ATOM   1321 C CD  . GLU A 1 173 ? 11.586  -7.926  6.460   1.00 36.72 ? 171 GLU A CD  1 
ATOM   1322 O OE1 . GLU A 1 173 ? 10.944  -8.668  7.236   1.00 36.42 ? 171 GLU A OE1 1 
ATOM   1323 O OE2 . GLU A 1 173 ? 11.891  -8.257  5.290   1.00 37.85 ? 171 GLU A OE2 1 
ATOM   1324 N N   . MET A 1 174 ? 12.030  -3.871  8.781   1.00 33.06 ? 172 MET A N   1 
ATOM   1325 C CA  . MET A 1 174 ? 12.671  -3.605  10.065  1.00 38.93 ? 172 MET A CA  1 
ATOM   1326 C C   . MET A 1 174 ? 13.167  -4.877  10.757  1.00 31.81 ? 172 MET A C   1 
ATOM   1327 O O   . MET A 1 174 ? 12.371  -5.660  11.265  1.00 41.56 ? 172 MET A O   1 
ATOM   1328 C CB  . MET A 1 174 ? 11.703  -2.849  10.975  1.00 34.07 ? 172 MET A CB  1 
ATOM   1329 C CG  . MET A 1 174 ? 11.613  -1.378  10.631  1.00 32.55 ? 172 MET A CG  1 
ATOM   1330 S SD  . MET A 1 174 ? 10.480  -0.463  11.683  1.00 49.56 ? 172 MET A SD  1 
ATOM   1331 C CE  . MET A 1 174 ? 11.114  1.205   11.462  1.00 35.45 ? 172 MET A CE  1 
HETATM 1332 O O   . HOH B 2 .   ? -4.940  25.110  0.204   1.00 35.81 ? 201 HOH A O   1 
HETATM 1333 O O   . HOH B 2 .   ? 10.360  -8.101  9.199   1.00 31.37 ? 202 HOH A O   1 
HETATM 1334 O O   . HOH B 2 .   ? 0.374   18.273  7.905   1.00 38.55 ? 203 HOH A O   1 
HETATM 1335 O O   . HOH B 2 .   ? 10.038  -12.366 -16.633 1.00 38.18 ? 204 HOH A O   1 
HETATM 1336 O O   . HOH B 2 .   ? 6.024   15.007  -1.107  1.00 22.99 ? 205 HOH A O   1 
HETATM 1337 O O   . HOH B 2 .   ? -2.523  -3.675  -6.425  1.00 23.44 ? 206 HOH A O   1 
HETATM 1338 O O   . HOH B 2 .   ? 8.554   -23.165 10.353  1.00 36.38 ? 207 HOH A O   1 
HETATM 1339 O O   . HOH B 2 .   ? -8.835  13.832  7.001   1.00 30.52 ? 208 HOH A O   1 
HETATM 1340 O O   . HOH B 2 .   ? -7.595  18.389  0.594   1.00 31.94 ? 209 HOH A O   1 
HETATM 1341 O O   . HOH B 2 .   ? 1.704   5.627   -6.767  1.00 27.52 ? 210 HOH A O   1 
HETATM 1342 O O   . HOH B 2 .   ? -5.965  -7.116  13.216  1.00 26.02 ? 211 HOH A O   1 
HETATM 1343 O O   . HOH B 2 .   ? 15.261  2.611   0.744   1.00 35.06 ? 212 HOH A O   1 
HETATM 1344 O O   . HOH B 2 .   ? 4.787   -14.519 3.257   1.00 38.16 ? 213 HOH A O   1 
HETATM 1345 O O   . HOH B 2 .   ? -10.811 -8.680  -5.944  1.00 32.46 ? 214 HOH A O   1 
HETATM 1346 O O   . HOH B 2 .   ? -0.491  -15.070 13.704  1.00 33.69 ? 215 HOH A O   1 
HETATM 1347 O O   . HOH B 2 .   ? -17.154 4.242   7.106   1.00 54.98 ? 216 HOH A O   1 
HETATM 1348 O O   . HOH B 2 .   ? -11.838 -8.441  1.942   1.00 22.25 ? 217 HOH A O   1 
HETATM 1349 O O   . HOH B 2 .   ? -12.972 -14.034 8.647   1.00 37.49 ? 218 HOH A O   1 
HETATM 1350 O O   . HOH B 2 .   ? 11.402  -6.392  -4.497  1.00 28.08 ? 219 HOH A O   1 
HETATM 1351 O O   . HOH B 2 .   ? -7.308  -7.396  -3.762  1.00 17.29 ? 220 HOH A O   1 
HETATM 1352 O O   . HOH B 2 .   ? 10.758  7.655   -7.732  1.00 27.82 ? 221 HOH A O   1 
HETATM 1353 O O   . HOH B 2 .   ? -4.221  -11.210 -3.117  1.00 21.41 ? 222 HOH A O   1 
HETATM 1354 O O   . HOH B 2 .   ? 0.410   7.305   15.373  1.00 30.19 ? 223 HOH A O   1 
HETATM 1355 O O   . HOH B 2 .   ? -9.336  -9.622  2.766   1.00 22.14 ? 224 HOH A O   1 
HETATM 1356 O O   . HOH B 2 .   ? -6.066  -18.713 1.801   1.00 28.56 ? 225 HOH A O   1 
HETATM 1357 O O   . HOH B 2 .   ? 3.555   6.780   -7.522  1.00 23.07 ? 226 HOH A O   1 
HETATM 1358 O O   . HOH B 2 .   ? 13.301  -0.445  -1.688  1.00 32.11 ? 227 HOH A O   1 
HETATM 1359 O O   . HOH B 2 .   ? -8.793  -4.509  -15.324 1.00 42.90 ? 228 HOH A O   1 
HETATM 1360 O O   . HOH B 2 .   ? -11.330 -0.542  7.047   1.00 28.20 ? 229 HOH A O   1 
HETATM 1361 O O   . HOH B 2 .   ? 3.440   27.717  -0.542  1.00 43.75 ? 230 HOH A O   1 
HETATM 1362 O O   . HOH B 2 .   ? 0.702   -7.125  -1.873  1.00 23.33 ? 231 HOH A O   1 
HETATM 1363 O O   . HOH B 2 .   ? -7.221  -11.500 3.876   1.00 21.85 ? 232 HOH A O   1 
HETATM 1364 O O   . HOH B 2 .   ? 9.957   -14.436 -2.053  1.00 43.01 ? 233 HOH A O   1 
HETATM 1365 O O   . HOH B 2 .   ? 2.405   6.516   15.998  1.00 40.39 ? 234 HOH A O   1 
HETATM 1366 O O   . HOH B 2 .   ? 14.306  -13.030 1.327   1.00 35.16 ? 235 HOH A O   1 
HETATM 1367 O O   . HOH B 2 .   ? -0.737  -2.350  -9.397  1.00 18.68 ? 236 HOH A O   1 
HETATM 1368 O O   . HOH B 2 .   ? 4.795   15.501  11.701  1.00 37.13 ? 237 HOH A O   1 
HETATM 1369 O O   . HOH B 2 .   ? 15.221  -3.427  4.221   1.00 37.18 ? 238 HOH A O   1 
HETATM 1370 O O   . HOH B 2 .   ? -1.699  -15.619 -9.943  1.00 26.96 ? 239 HOH A O   1 
HETATM 1371 O O   . HOH B 2 .   ? 2.224   -16.284 13.509  1.00 39.31 ? 240 HOH A O   1 
HETATM 1372 O O   . HOH B 2 .   ? 15.007  0.119   -0.679  1.00 38.75 ? 241 HOH A O   1 
HETATM 1373 O O   . HOH B 2 .   ? -2.504  12.256  -9.316  1.00 36.62 ? 242 HOH A O   1 
HETATM 1374 O O   . HOH B 2 .   ? 15.247  -0.101  -3.146  1.00 42.86 ? 243 HOH A O   1 
HETATM 1375 O O   . HOH B 2 .   ? -2.794  -15.168 -12.514 1.00 42.76 ? 244 HOH A O   1 
HETATM 1376 O O   . HOH B 2 .   ? 7.972   -15.108 -11.623 1.00 46.02 ? 245 HOH A O   1 
HETATM 1377 O O   . HOH B 2 .   ? -4.723  -1.802  15.962  1.00 37.39 ? 246 HOH A O   1 
HETATM 1378 O O   . HOH B 2 .   ? 1.639   11.368  -14.180 1.00 41.27 ? 247 HOH A O   1 
# 
loop_
_pdbx_poly_seq_scheme.asym_id 
_pdbx_poly_seq_scheme.entity_id 
_pdbx_poly_seq_scheme.seq_id 
_pdbx_poly_seq_scheme.mon_id 
_pdbx_poly_seq_scheme.ndb_seq_num 
_pdbx_poly_seq_scheme.pdb_seq_num 
_pdbx_poly_seq_scheme.auth_seq_num 
_pdbx_poly_seq_scheme.pdb_mon_id 
_pdbx_poly_seq_scheme.auth_mon_id 
_pdbx_poly_seq_scheme.pdb_strand_id 
_pdbx_poly_seq_scheme.pdb_ins_code 
_pdbx_poly_seq_scheme.hetero 
A 1 1   GLY 1   -1  ?   ?   ?   A . n 
A 1 2   SER 2   0   ?   ?   ?   A . n 
A 1 3   MET 3   1   1   MET MET A . n 
A 1 4   LEU 4   2   2   LEU LEU A . n 
A 1 5   LYS 5   3   3   LYS LYS A . n 
A 1 6   ARG 6   4   4   ARG ARG A . n 
A 1 7   PRO 7   5   5   PRO PRO A . n 
A 1 8   LYS 8   6   6   LYS LYS A . n 
A 1 9   THR 9   7   7   THR THR A . n 
A 1 10  PHE 10  8   8   PHE PHE A . n 
A 1 11  PHE 11  9   9   PHE PHE A . n 
A 1 12  ASP 12  10  10  ASP ASP A . n 
A 1 13  ILE 13  11  11  ILE ILE A . n 
A 1 14  SER 14  12  12  SER SER A . n 
A 1 15  ILE 15  13  13  ILE ILE A . n 
A 1 16  ARG 16  14  14  ARG ARG A . n 
A 1 17  GLY 17  15  15  GLY GLY A . n 
A 1 18  ASP 18  16  16  ASP ASP A . n 
A 1 19  LYS 19  17  17  LYS LYS A . n 
A 1 20  VAL 20  18  18  VAL VAL A . n 
A 1 21  GLY 21  19  19  GLY GLY A . n 
A 1 22  LYS 22  20  20  LYS LYS A . n 
A 1 23  ILE 23  21  21  ILE ILE A . n 
A 1 24  VAL 24  22  22  VAL VAL A . n 
A 1 25  PHE 25  23  23  PHE PHE A . n 
A 1 26  GLU 26  24  24  GLU GLU A . n 
A 1 27  LEU 27  25  25  LEU LEU A . n 
A 1 28  PHE 28  26  26  PHE PHE A . n 
A 1 29  ASN 29  27  27  ASN ASN A . n 
A 1 30  ASP 30  28  28  ASP ASP A . n 
A 1 31  ILE 31  29  29  ILE ILE A . n 
A 1 32  VAL 32  30  30  VAL VAL A . n 
A 1 33  PRO 33  31  31  PRO PRO A . n 
A 1 34  LYS 34  32  32  LYS LYS A . n 
A 1 35  THR 35  33  33  THR THR A . n 
A 1 36  ALA 36  34  34  ALA ALA A . n 
A 1 37  GLU 37  35  35  GLU GLU A . n 
A 1 38  ASN 38  36  36  ASN ASN A . n 
A 1 39  PHE 39  37  37  PHE PHE A . n 
A 1 40  ARG 40  38  38  ARG ARG A . n 
A 1 41  ALA 41  39  39  ALA ALA A . n 
A 1 42  LEU 42  40  40  LEU LEU A . n 
A 1 43  CYS 43  41  41  CYS CYS A . n 
A 1 44  THR 44  42  42  THR THR A . n 
A 1 45  GLY 45  43  43  GLY GLY A . n 
A 1 46  GLU 46  44  44  GLU GLU A . n 
A 1 47  LYS 47  45  45  LYS LYS A . n 
A 1 48  GLY 48  46  46  GLY GLY A . n 
A 1 49  ILE 49  47  47  ILE ILE A . n 
A 1 50  GLY 50  48  48  GLY GLY A . n 
A 1 51  LYS 51  49  49  LYS LYS A . n 
A 1 52  SER 52  50  50  SER SER A . n 
A 1 53  GLY 53  51  51  GLY GLY A . n 
A 1 54  MET 54  52  52  MET MET A . n 
A 1 55  PRO 55  53  53  PRO PRO A . n 
A 1 56  LEU 56  54  54  LEU LEU A . n 
A 1 57  SER 57  55  55  SER SER A . n 
A 1 58  TYR 58  56  56  TYR TYR A . n 
A 1 59  LYS 59  57  57  LYS LYS A . n 
A 1 60  GLY 60  58  58  GLY GLY A . n 
A 1 61  THR 61  59  59  THR THR A . n 
A 1 62  MET 62  60  60  MET MET A . n 
A 1 63  PHE 63  61  61  PHE PHE A . n 
A 1 64  HIS 64  62  62  HIS HIS A . n 
A 1 65  ARG 65  63  63  ARG ARG A . n 
A 1 66  ILE 66  64  64  ILE ILE A . n 
A 1 67  ILE 67  65  65  ILE ILE A . n 
A 1 68  PRO 68  66  66  PRO PRO A . n 
A 1 69  GLN 69  67  67  GLN GLN A . n 
A 1 70  PHE 70  68  68  PHE PHE A . n 
A 1 71  MET 71  69  69  MET MET A . n 
A 1 72  ILE 72  70  70  ILE ILE A . n 
A 1 73  GLN 73  71  71  GLN GLN A . n 
A 1 74  GLY 74  72  72  GLY GLY A . n 
A 1 75  GLY 75  73  73  GLY GLY A . n 
A 1 76  ASP 76  74  74  ASP ASP A . n 
A 1 77  PHE 77  75  75  PHE PHE A . n 
A 1 78  THR 78  76  76  THR THR A . n 
A 1 79  ARG 79  77  77  ARG ARG A . n 
A 1 80  PHE 80  78  78  PHE PHE A . n 
A 1 81  ASN 81  79  79  ASN ASN A . n 
A 1 82  GLY 82  80  80  GLY GLY A . n 
A 1 83  THR 83  81  81  THR THR A . n 
A 1 84  GLY 84  82  82  GLY GLY A . n 
A 1 85  GLY 85  83  83  GLY GLY A . n 
A 1 86  GLU 86  84  84  GLU GLU A . n 
A 1 87  SER 87  85  85  SER SER A . n 
A 1 88  ILE 88  86  86  ILE ILE A . n 
A 1 89  TYR 89  87  87  TYR TYR A . n 
A 1 90  GLY 90  88  88  GLY GLY A . n 
A 1 91  MET 91  89  89  MET MET A . n 
A 1 92  LYS 92  90  90  LYS LYS A . n 
A 1 93  PHE 93  91  91  PHE PHE A . n 
A 1 94  ASP 94  92  92  ASP ASP A . n 
A 1 95  ASP 95  93  93  ASP ASP A . n 
A 1 96  GLU 96  94  94  GLU GLU A . n 
A 1 97  ASN 97  95  95  ASN ASN A . n 
A 1 98  PHE 98  96  96  PHE PHE A . n 
A 1 99  LYS 99  97  97  LYS LYS A . n 
A 1 100 VAL 100 98  98  VAL VAL A . n 
A 1 101 LYS 101 99  99  LYS LYS A . n 
A 1 102 HIS 102 100 100 HIS HIS A . n 
A 1 103 ASP 103 101 101 ASP ASP A . n 
A 1 104 LYS 104 102 102 LYS LYS A . n 
A 1 105 PRO 105 103 103 PRO PRO A . n 
A 1 106 GLY 106 104 104 GLY GLY A . n 
A 1 107 LEU 107 105 105 LEU LEU A . n 
A 1 108 LEU 108 106 106 LEU LEU A . n 
A 1 109 SER 109 107 107 SER SER A . n 
A 1 110 MET 110 108 108 MET MET A . n 
A 1 111 ALA 111 109 109 ALA ALA A . n 
A 1 112 ASN 112 110 110 ASN ASN A . n 
A 1 113 ALA 113 111 111 ALA ALA A . n 
A 1 114 GLY 114 112 112 GLY GLY A . n 
A 1 115 PRO 115 113 113 PRO PRO A . n 
A 1 116 ASN 116 114 114 ASN ASN A . n 
A 1 117 THR 117 115 115 THR THR A . n 
A 1 118 ASN 118 116 116 ASN ASN A . n 
A 1 119 GLY 119 117 117 GLY GLY A . n 
A 1 120 SER 120 118 118 SER SER A . n 
A 1 121 GLN 121 119 119 GLN GLN A . n 
A 1 122 PHE 122 120 120 PHE PHE A . n 
A 1 123 PHE 123 121 121 PHE PHE A . n 
A 1 124 ILE 124 122 122 ILE ILE A . n 
A 1 125 THR 125 123 123 THR THR A . n 
A 1 126 THR 126 124 124 THR THR A . n 
A 1 127 VAL 127 125 125 VAL VAL A . n 
A 1 128 GLU 128 126 126 GLU GLU A . n 
A 1 129 THR 129 127 127 THR THR A . n 
A 1 130 PRO 130 128 128 PRO PRO A . n 
A 1 131 TRP 131 129 129 TRP TRP A . n 
A 1 132 LEU 132 130 130 LEU LEU A . n 
A 1 133 ASP 133 131 131 ASP ASP A . n 
A 1 134 GLY 134 132 132 GLY GLY A . n 
A 1 135 HIS 135 133 133 HIS HIS A . n 
A 1 136 HIS 136 134 134 HIS HIS A . n 
A 1 137 CYS 137 135 135 CYS CYS A . n 
A 1 138 VAL 138 136 136 VAL VAL A . n 
A 1 139 PHE 139 137 137 PHE PHE A . n 
A 1 140 GLY 140 138 138 GLY GLY A . n 
A 1 141 GLN 141 139 139 GLN GLN A . n 
A 1 142 VAL 142 140 140 VAL VAL A . n 
A 1 143 ILE 143 141 141 ILE ILE A . n 
A 1 144 GLU 144 142 142 GLU GLU A . n 
A 1 145 GLY 145 143 143 GLY GLY A . n 
A 1 146 MET 146 144 144 MET MET A . n 
A 1 147 ASP 147 145 145 ASP ASP A . n 
A 1 148 ILE 148 146 146 ILE ILE A . n 
A 1 149 VAL 149 147 147 VAL VAL A . n 
A 1 150 LYS 150 148 148 LYS LYS A . n 
A 1 151 GLN 151 149 149 GLN GLN A . n 
A 1 152 ILE 152 150 150 ILE ILE A . n 
A 1 153 GLU 153 151 151 GLU GLU A . n 
A 1 154 SER 154 152 152 SER SER A . n 
A 1 155 CYS 155 153 153 CYS CYS A . n 
A 1 156 GLY 156 154 154 GLY GLY A . n 
A 1 157 THR 157 155 155 THR THR A . n 
A 1 158 GLU 158 156 156 GLU GLU A . n 
A 1 159 SER 159 157 157 SER SER A . n 
A 1 160 GLY 160 158 158 GLY GLY A . n 
A 1 161 ARG 161 159 159 ARG ARG A . n 
A 1 162 PRO 162 160 160 PRO PRO A . n 
A 1 163 ARG 163 161 161 ARG ARG A . n 
A 1 164 ALA 164 162 162 ALA ALA A . n 
A 1 165 MET 165 163 163 MET MET A . n 
A 1 166 CYS 166 164 164 CYS CYS A . n 
A 1 167 MET 167 165 165 MET MET A . n 
A 1 168 VAL 168 166 166 VAL VAL A . n 
A 1 169 THR 169 167 167 THR THR A . n 
A 1 170 ASP 170 168 168 ASP ASP A . n 
A 1 171 CYS 171 169 169 CYS CYS A . n 
A 1 172 GLY 172 170 170 GLY GLY A . n 
A 1 173 GLU 173 171 171 GLU GLU A . n 
A 1 174 MET 174 172 172 MET MET A . n 
A 1 175 LYS 175 173 ?   ?   ?   A . n 
# 
loop_
_pdbx_nonpoly_scheme.asym_id 
_pdbx_nonpoly_scheme.entity_id 
_pdbx_nonpoly_scheme.mon_id 
_pdbx_nonpoly_scheme.ndb_seq_num 
_pdbx_nonpoly_scheme.pdb_seq_num 
_pdbx_nonpoly_scheme.auth_seq_num 
_pdbx_nonpoly_scheme.pdb_mon_id 
_pdbx_nonpoly_scheme.auth_mon_id 
_pdbx_nonpoly_scheme.pdb_strand_id 
_pdbx_nonpoly_scheme.pdb_ins_code 
B 2 HOH 1  201 22 HOH HOH A . 
B 2 HOH 2  202 10 HOH HOH A . 
B 2 HOH 3  203 26 HOH HOH A . 
B 2 HOH 4  204 31 HOH HOH A . 
B 2 HOH 5  205 1  HOH HOH A . 
B 2 HOH 6  206 4  HOH HOH A . 
B 2 HOH 7  207 40 HOH HOH A . 
B 2 HOH 8  208 35 HOH HOH A . 
B 2 HOH 9  209 16 HOH HOH A . 
B 2 HOH 10 210 29 HOH HOH A . 
B 2 HOH 11 211 8  HOH HOH A . 
B 2 HOH 12 212 19 HOH HOH A . 
B 2 HOH 13 213 47 HOH HOH A . 
B 2 HOH 14 214 15 HOH HOH A . 
B 2 HOH 15 215 21 HOH HOH A . 
B 2 HOH 16 216 39 HOH HOH A . 
B 2 HOH 17 217 7  HOH HOH A . 
B 2 HOH 18 218 23 HOH HOH A . 
B 2 HOH 19 219 32 HOH HOH A . 
B 2 HOH 20 220 3  HOH HOH A . 
B 2 HOH 21 221 12 HOH HOH A . 
B 2 HOH 22 222 5  HOH HOH A . 
B 2 HOH 23 223 17 HOH HOH A . 
B 2 HOH 24 224 9  HOH HOH A . 
B 2 HOH 25 225 18 HOH HOH A . 
B 2 HOH 26 226 6  HOH HOH A . 
B 2 HOH 27 227 30 HOH HOH A . 
B 2 HOH 28 228 27 HOH HOH A . 
B 2 HOH 29 229 37 HOH HOH A . 
B 2 HOH 30 230 41 HOH HOH A . 
B 2 HOH 31 231 13 HOH HOH A . 
B 2 HOH 32 232 24 HOH HOH A . 
B 2 HOH 33 233 46 HOH HOH A . 
B 2 HOH 34 234 36 HOH HOH A . 
B 2 HOH 35 235 14 HOH HOH A . 
B 2 HOH 36 236 2  HOH HOH A . 
B 2 HOH 37 237 20 HOH HOH A . 
B 2 HOH 38 238 45 HOH HOH A . 
B 2 HOH 39 239 11 HOH HOH A . 
B 2 HOH 40 240 33 HOH HOH A . 
B 2 HOH 41 241 25 HOH HOH A . 
B 2 HOH 42 242 44 HOH HOH A . 
B 2 HOH 43 243 38 HOH HOH A . 
B 2 HOH 44 244 28 HOH HOH A . 
B 2 HOH 45 245 43 HOH HOH A . 
B 2 HOH 46 246 34 HOH HOH A . 
B 2 HOH 47 247 42 HOH HOH A . 
# 
_pdbx_struct_assembly.id                   1 
_pdbx_struct_assembly.details              author_defined_assembly 
_pdbx_struct_assembly.method_details       ? 
_pdbx_struct_assembly.oligomeric_details   dimeric 
_pdbx_struct_assembly.oligomeric_count     2 
# 
loop_
_pdbx_struct_assembly_gen.assembly_id 
_pdbx_struct_assembly_gen.oper_expression 
_pdbx_struct_assembly_gen.asym_id_list 
1 1 A,B 
1 2 A,B 
# 
loop_
_pdbx_struct_oper_list.id 
_pdbx_struct_oper_list.type 
_pdbx_struct_oper_list.name 
_pdbx_struct_oper_list.symmetry_operation 
_pdbx_struct_oper_list.matrix[1][1] 
_pdbx_struct_oper_list.matrix[1][2] 
_pdbx_struct_oper_list.matrix[1][3] 
_pdbx_struct_oper_list.vector[1] 
_pdbx_struct_oper_list.matrix[2][1] 
_pdbx_struct_oper_list.matrix[2][2] 
_pdbx_struct_oper_list.matrix[2][3] 
_pdbx_struct_oper_list.vector[2] 
_pdbx_struct_oper_list.matrix[3][1] 
_pdbx_struct_oper_list.matrix[3][2] 
_pdbx_struct_oper_list.matrix[3][3] 
_pdbx_struct_oper_list.vector[3] 
1 'identity operation'         1_555  x,y,z          1.0000000000  0.0000000000 0.0000000000 0.0000000000 0.0000000000 1.0000000000  0.0000000000 0.0000000000  0.0000000000 0.0000000000 1.0000000000 0.0000000000   
2 'crystal symmetry operation' 12_545 x,x-y-1,-z+1/6 -0.1009731190 0.2401562397 0.9654684924 9.6429550756 0.2401562397 -0.9358472804 0.2579047274 25.6585962325 0.9654684924 0.2579047274 0.0368203994 -15.3618144232 
# 
loop_
_pdbx_audit_revision_history.ordinal 
_pdbx_audit_revision_history.data_content_type 
_pdbx_audit_revision_history.major_revision 
_pdbx_audit_revision_history.minor_revision 
_pdbx_audit_revision_history.revision_date 
1 'Structure model' 1 0 2018-07-18 
2 'Structure model' 1 1 2018-08-01 
3 'Structure model' 1 2 2023-11-22 
# 
_pdbx_audit_revision_details.ordinal             1 
_pdbx_audit_revision_details.revision_ordinal    1 
_pdbx_audit_revision_details.data_content_type   'Structure model' 
_pdbx_audit_revision_details.provider            repository 
_pdbx_audit_revision_details.type                'Initial release' 
_pdbx_audit_revision_details.description         ? 
_pdbx_audit_revision_details.details             ? 
# 
loop_
_pdbx_audit_revision_group.ordinal 
_pdbx_audit_revision_group.revision_ordinal 
_pdbx_audit_revision_group.data_content_type 
_pdbx_audit_revision_group.group 
1 2 'Structure model' 'Data collection'        
2 2 'Structure model' 'Database references'    
3 2 'Structure model' 'Derived calculations'   
4 3 'Structure model' 'Data collection'        
5 3 'Structure model' 'Database references'    
6 3 'Structure model' 'Refinement description' 
# 
loop_
_pdbx_audit_revision_category.ordinal 
_pdbx_audit_revision_category.revision_ordinal 
_pdbx_audit_revision_category.data_content_type 
_pdbx_audit_revision_category.category 
1 2 'Structure model' citation_author               
2 2 'Structure model' pdbx_struct_oper_list         
3 3 'Structure model' chem_comp_atom                
4 3 'Structure model' chem_comp_bond                
5 3 'Structure model' database_2                    
6 3 'Structure model' pdbx_initial_refinement_model 
# 
loop_
_pdbx_audit_revision_item.ordinal 
_pdbx_audit_revision_item.revision_ordinal 
_pdbx_audit_revision_item.data_content_type 
_pdbx_audit_revision_item.item 
1  2 'Structure model' '_citation_author.identifier_ORCID'         
2  2 'Structure model' '_pdbx_struct_oper_list.matrix[1][1]'       
3  2 'Structure model' '_pdbx_struct_oper_list.matrix[1][2]'       
4  2 'Structure model' '_pdbx_struct_oper_list.matrix[2][1]'       
5  2 'Structure model' '_pdbx_struct_oper_list.matrix[2][2]'       
6  2 'Structure model' '_pdbx_struct_oper_list.name'               
7  2 'Structure model' '_pdbx_struct_oper_list.symmetry_operation' 
8  2 'Structure model' '_pdbx_struct_oper_list.vector[3]'          
9  3 'Structure model' '_database_2.pdbx_DOI'                      
10 3 'Structure model' '_database_2.pdbx_database_accession'       
# 
loop_
_software.citation_id 
_software.classification 
_software.compiler_name 
_software.compiler_version 
_software.contact_author 
_software.contact_author_email 
_software.date 
_software.description 
_software.dependencies 
_software.hardware 
_software.language 
_software.location 
_software.mods 
_software.name 
_software.os 
_software.os_version 
_software.type 
_software.version 
_software.pdbx_ordinal 
? refinement       ? ? ? ? ? ? ? ? ? ? ? PHENIX   ? ? ? 1.10.1_2155 1 
? 'data reduction' ? ? ? ? ? ? ? ? ? ? ? HKL-2000 ? ? ? .           2 
? 'data scaling'   ? ? ? ? ? ? ? ? ? ? ? HKL-2000 ? ? ? .           3 
? phasing          ? ? ? ? ? ? ? ? ? ? ? PHASER   ? ? ? .           4 
# 
loop_
_pdbx_validate_close_contact.id 
_pdbx_validate_close_contact.PDB_model_num 
_pdbx_validate_close_contact.auth_atom_id_1 
_pdbx_validate_close_contact.auth_asym_id_1 
_pdbx_validate_close_contact.auth_comp_id_1 
_pdbx_validate_close_contact.auth_seq_id_1 
_pdbx_validate_close_contact.PDB_ins_code_1 
_pdbx_validate_close_contact.label_alt_id_1 
_pdbx_validate_close_contact.auth_atom_id_2 
_pdbx_validate_close_contact.auth_asym_id_2 
_pdbx_validate_close_contact.auth_comp_id_2 
_pdbx_validate_close_contact.auth_seq_id_2 
_pdbx_validate_close_contact.PDB_ins_code_2 
_pdbx_validate_close_contact.label_alt_id_2 
_pdbx_validate_close_contact.dist 
1 1 NH1 A ARG 161 ? ? O A HOH 201 ? ? 2.02 
2 1 O   A HOH 227 ? ? O A HOH 241 ? ? 2.06 
3 1 OE1 A GLU 171 ? ? O A HOH 202 ? ? 2.13 
4 1 NE2 A GLN 149 ? ? O A HOH 203 ? ? 2.13 
5 1 NZ  A LYS 49  ? ? O A HOH 204 ? ? 2.16 
# 
_pdbx_validate_symm_contact.id                1 
_pdbx_validate_symm_contact.PDB_model_num     1 
_pdbx_validate_symm_contact.auth_atom_id_1    O 
_pdbx_validate_symm_contact.auth_asym_id_1    A 
_pdbx_validate_symm_contact.auth_comp_id_1    HOH 
_pdbx_validate_symm_contact.auth_seq_id_1     230 
_pdbx_validate_symm_contact.PDB_ins_code_1    ? 
_pdbx_validate_symm_contact.label_alt_id_1    ? 
_pdbx_validate_symm_contact.site_symmetry_1   1_555 
_pdbx_validate_symm_contact.auth_atom_id_2    O 
_pdbx_validate_symm_contact.auth_asym_id_2    A 
_pdbx_validate_symm_contact.auth_comp_id_2    HOH 
_pdbx_validate_symm_contact.auth_seq_id_2     243 
_pdbx_validate_symm_contact.PDB_ins_code_2    ? 
_pdbx_validate_symm_contact.label_alt_id_2    ? 
_pdbx_validate_symm_contact.site_symmetry_2   12_545 
_pdbx_validate_symm_contact.dist              1.85 
# 
loop_
_pdbx_validate_torsion.id 
_pdbx_validate_torsion.PDB_model_num 
_pdbx_validate_torsion.auth_comp_id 
_pdbx_validate_torsion.auth_asym_id 
_pdbx_validate_torsion.auth_seq_id 
_pdbx_validate_torsion.PDB_ins_code 
_pdbx_validate_torsion.label_alt_id 
_pdbx_validate_torsion.phi 
_pdbx_validate_torsion.psi 
1 1 PHE A 68  ? ? -158.87 -89.50 
2 1 ALA A 111 ? ? -101.90 51.16  
# 
loop_
_pdbx_unobs_or_zero_occ_residues.id 
_pdbx_unobs_or_zero_occ_residues.PDB_model_num 
_pdbx_unobs_or_zero_occ_residues.polymer_flag 
_pdbx_unobs_or_zero_occ_residues.occupancy_flag 
_pdbx_unobs_or_zero_occ_residues.auth_asym_id 
_pdbx_unobs_or_zero_occ_residues.auth_comp_id 
_pdbx_unobs_or_zero_occ_residues.auth_seq_id 
_pdbx_unobs_or_zero_occ_residues.PDB_ins_code 
_pdbx_unobs_or_zero_occ_residues.label_asym_id 
_pdbx_unobs_or_zero_occ_residues.label_comp_id 
_pdbx_unobs_or_zero_occ_residues.label_seq_id 
1 1 Y 1 A GLY -1  ? A GLY 1   
2 1 Y 1 A SER 0   ? A SER 2   
3 1 Y 1 A LYS 173 ? A LYS 175 
# 
loop_
_chem_comp_atom.comp_id 
_chem_comp_atom.atom_id 
_chem_comp_atom.type_symbol 
_chem_comp_atom.pdbx_aromatic_flag 
_chem_comp_atom.pdbx_stereo_config 
_chem_comp_atom.pdbx_ordinal 
ALA N    N N N 1   
ALA CA   C N S 2   
ALA C    C N N 3   
ALA O    O N N 4   
ALA CB   C N N 5   
ALA OXT  O N N 6   
ALA H    H N N 7   
ALA H2   H N N 8   
ALA HA   H N N 9   
ALA HB1  H N N 10  
ALA HB2  H N N 11  
ALA HB3  H N N 12  
ALA HXT  H N N 13  
ARG N    N N N 14  
ARG CA   C N S 15  
ARG C    C N N 16  
ARG O    O N N 17  
ARG CB   C N N 18  
ARG CG   C N N 19  
ARG CD   C N N 20  
ARG NE   N N N 21  
ARG CZ   C N N 22  
ARG NH1  N N N 23  
ARG NH2  N N N 24  
ARG OXT  O N N 25  
ARG H    H N N 26  
ARG H2   H N N 27  
ARG HA   H N N 28  
ARG HB2  H N N 29  
ARG HB3  H N N 30  
ARG HG2  H N N 31  
ARG HG3  H N N 32  
ARG HD2  H N N 33  
ARG HD3  H N N 34  
ARG HE   H N N 35  
ARG HH11 H N N 36  
ARG HH12 H N N 37  
ARG HH21 H N N 38  
ARG HH22 H N N 39  
ARG HXT  H N N 40  
ASN N    N N N 41  
ASN CA   C N S 42  
ASN C    C N N 43  
ASN O    O N N 44  
ASN CB   C N N 45  
ASN CG   C N N 46  
ASN OD1  O N N 47  
ASN ND2  N N N 48  
ASN OXT  O N N 49  
ASN H    H N N 50  
ASN H2   H N N 51  
ASN HA   H N N 52  
ASN HB2  H N N 53  
ASN HB3  H N N 54  
ASN HD21 H N N 55  
ASN HD22 H N N 56  
ASN HXT  H N N 57  
ASP N    N N N 58  
ASP CA   C N S 59  
ASP C    C N N 60  
ASP O    O N N 61  
ASP CB   C N N 62  
ASP CG   C N N 63  
ASP OD1  O N N 64  
ASP OD2  O N N 65  
ASP OXT  O N N 66  
ASP H    H N N 67  
ASP H2   H N N 68  
ASP HA   H N N 69  
ASP HB2  H N N 70  
ASP HB3  H N N 71  
ASP HD2  H N N 72  
ASP HXT  H N N 73  
CYS N    N N N 74  
CYS CA   C N R 75  
CYS C    C N N 76  
CYS O    O N N 77  
CYS CB   C N N 78  
CYS SG   S N N 79  
CYS OXT  O N N 80  
CYS H    H N N 81  
CYS H2   H N N 82  
CYS HA   H N N 83  
CYS HB2  H N N 84  
CYS HB3  H N N 85  
CYS HG   H N N 86  
CYS HXT  H N N 87  
GLN N    N N N 88  
GLN CA   C N S 89  
GLN C    C N N 90  
GLN O    O N N 91  
GLN CB   C N N 92  
GLN CG   C N N 93  
GLN CD   C N N 94  
GLN OE1  O N N 95  
GLN NE2  N N N 96  
GLN OXT  O N N 97  
GLN H    H N N 98  
GLN H2   H N N 99  
GLN HA   H N N 100 
GLN HB2  H N N 101 
GLN HB3  H N N 102 
GLN HG2  H N N 103 
GLN HG3  H N N 104 
GLN HE21 H N N 105 
GLN HE22 H N N 106 
GLN HXT  H N N 107 
GLU N    N N N 108 
GLU CA   C N S 109 
GLU C    C N N 110 
GLU O    O N N 111 
GLU CB   C N N 112 
GLU CG   C N N 113 
GLU CD   C N N 114 
GLU OE1  O N N 115 
GLU OE2  O N N 116 
GLU OXT  O N N 117 
GLU H    H N N 118 
GLU H2   H N N 119 
GLU HA   H N N 120 
GLU HB2  H N N 121 
GLU HB3  H N N 122 
GLU HG2  H N N 123 
GLU HG3  H N N 124 
GLU HE2  H N N 125 
GLU HXT  H N N 126 
GLY N    N N N 127 
GLY CA   C N N 128 
GLY C    C N N 129 
GLY O    O N N 130 
GLY OXT  O N N 131 
GLY H    H N N 132 
GLY H2   H N N 133 
GLY HA2  H N N 134 
GLY HA3  H N N 135 
GLY HXT  H N N 136 
HIS N    N N N 137 
HIS CA   C N S 138 
HIS C    C N N 139 
HIS O    O N N 140 
HIS CB   C N N 141 
HIS CG   C Y N 142 
HIS ND1  N Y N 143 
HIS CD2  C Y N 144 
HIS CE1  C Y N 145 
HIS NE2  N Y N 146 
HIS OXT  O N N 147 
HIS H    H N N 148 
HIS H2   H N N 149 
HIS HA   H N N 150 
HIS HB2  H N N 151 
HIS HB3  H N N 152 
HIS HD1  H N N 153 
HIS HD2  H N N 154 
HIS HE1  H N N 155 
HIS HE2  H N N 156 
HIS HXT  H N N 157 
HOH O    O N N 158 
HOH H1   H N N 159 
HOH H2   H N N 160 
ILE N    N N N 161 
ILE CA   C N S 162 
ILE C    C N N 163 
ILE O    O N N 164 
ILE CB   C N S 165 
ILE CG1  C N N 166 
ILE CG2  C N N 167 
ILE CD1  C N N 168 
ILE OXT  O N N 169 
ILE H    H N N 170 
ILE H2   H N N 171 
ILE HA   H N N 172 
ILE HB   H N N 173 
ILE HG12 H N N 174 
ILE HG13 H N N 175 
ILE HG21 H N N 176 
ILE HG22 H N N 177 
ILE HG23 H N N 178 
ILE HD11 H N N 179 
ILE HD12 H N N 180 
ILE HD13 H N N 181 
ILE HXT  H N N 182 
LEU N    N N N 183 
LEU CA   C N S 184 
LEU C    C N N 185 
LEU O    O N N 186 
LEU CB   C N N 187 
LEU CG   C N N 188 
LEU CD1  C N N 189 
LEU CD2  C N N 190 
LEU OXT  O N N 191 
LEU H    H N N 192 
LEU H2   H N N 193 
LEU HA   H N N 194 
LEU HB2  H N N 195 
LEU HB3  H N N 196 
LEU HG   H N N 197 
LEU HD11 H N N 198 
LEU HD12 H N N 199 
LEU HD13 H N N 200 
LEU HD21 H N N 201 
LEU HD22 H N N 202 
LEU HD23 H N N 203 
LEU HXT  H N N 204 
LYS N    N N N 205 
LYS CA   C N S 206 
LYS C    C N N 207 
LYS O    O N N 208 
LYS CB   C N N 209 
LYS CG   C N N 210 
LYS CD   C N N 211 
LYS CE   C N N 212 
LYS NZ   N N N 213 
LYS OXT  O N N 214 
LYS H    H N N 215 
LYS H2   H N N 216 
LYS HA   H N N 217 
LYS HB2  H N N 218 
LYS HB3  H N N 219 
LYS HG2  H N N 220 
LYS HG3  H N N 221 
LYS HD2  H N N 222 
LYS HD3  H N N 223 
LYS HE2  H N N 224 
LYS HE3  H N N 225 
LYS HZ1  H N N 226 
LYS HZ2  H N N 227 
LYS HZ3  H N N 228 
LYS HXT  H N N 229 
MET N    N N N 230 
MET CA   C N S 231 
MET C    C N N 232 
MET O    O N N 233 
MET CB   C N N 234 
MET CG   C N N 235 
MET SD   S N N 236 
MET CE   C N N 237 
MET OXT  O N N 238 
MET H    H N N 239 
MET H2   H N N 240 
MET HA   H N N 241 
MET HB2  H N N 242 
MET HB3  H N N 243 
MET HG2  H N N 244 
MET HG3  H N N 245 
MET HE1  H N N 246 
MET HE2  H N N 247 
MET HE3  H N N 248 
MET HXT  H N N 249 
PHE N    N N N 250 
PHE CA   C N S 251 
PHE C    C N N 252 
PHE O    O N N 253 
PHE CB   C N N 254 
PHE CG   C Y N 255 
PHE CD1  C Y N 256 
PHE CD2  C Y N 257 
PHE CE1  C Y N 258 
PHE CE2  C Y N 259 
PHE CZ   C Y N 260 
PHE OXT  O N N 261 
PHE H    H N N 262 
PHE H2   H N N 263 
PHE HA   H N N 264 
PHE HB2  H N N 265 
PHE HB3  H N N 266 
PHE HD1  H N N 267 
PHE HD2  H N N 268 
PHE HE1  H N N 269 
PHE HE2  H N N 270 
PHE HZ   H N N 271 
PHE HXT  H N N 272 
PRO N    N N N 273 
PRO CA   C N S 274 
PRO C    C N N 275 
PRO O    O N N 276 
PRO CB   C N N 277 
PRO CG   C N N 278 
PRO CD   C N N 279 
PRO OXT  O N N 280 
PRO H    H N N 281 
PRO HA   H N N 282 
PRO HB2  H N N 283 
PRO HB3  H N N 284 
PRO HG2  H N N 285 
PRO HG3  H N N 286 
PRO HD2  H N N 287 
PRO HD3  H N N 288 
PRO HXT  H N N 289 
SER N    N N N 290 
SER CA   C N S 291 
SER C    C N N 292 
SER O    O N N 293 
SER CB   C N N 294 
SER OG   O N N 295 
SER OXT  O N N 296 
SER H    H N N 297 
SER H2   H N N 298 
SER HA   H N N 299 
SER HB2  H N N 300 
SER HB3  H N N 301 
SER HG   H N N 302 
SER HXT  H N N 303 
THR N    N N N 304 
THR CA   C N S 305 
THR C    C N N 306 
THR O    O N N 307 
THR CB   C N R 308 
THR OG1  O N N 309 
THR CG2  C N N 310 
THR OXT  O N N 311 
THR H    H N N 312 
THR H2   H N N 313 
THR HA   H N N 314 
THR HB   H N N 315 
THR HG1  H N N 316 
THR HG21 H N N 317 
THR HG22 H N N 318 
THR HG23 H N N 319 
THR HXT  H N N 320 
TRP N    N N N 321 
TRP CA   C N S 322 
TRP C    C N N 323 
TRP O    O N N 324 
TRP CB   C N N 325 
TRP CG   C Y N 326 
TRP CD1  C Y N 327 
TRP CD2  C Y N 328 
TRP NE1  N Y N 329 
TRP CE2  C Y N 330 
TRP CE3  C Y N 331 
TRP CZ2  C Y N 332 
TRP CZ3  C Y N 333 
TRP CH2  C Y N 334 
TRP OXT  O N N 335 
TRP H    H N N 336 
TRP H2   H N N 337 
TRP HA   H N N 338 
TRP HB2  H N N 339 
TRP HB3  H N N 340 
TRP HD1  H N N 341 
TRP HE1  H N N 342 
TRP HE3  H N N 343 
TRP HZ2  H N N 344 
TRP HZ3  H N N 345 
TRP HH2  H N N 346 
TRP HXT  H N N 347 
TYR N    N N N 348 
TYR CA   C N S 349 
TYR C    C N N 350 
TYR O    O N N 351 
TYR CB   C N N 352 
TYR CG   C Y N 353 
TYR CD1  C Y N 354 
TYR CD2  C Y N 355 
TYR CE1  C Y N 356 
TYR CE2  C Y N 357 
TYR CZ   C Y N 358 
TYR OH   O N N 359 
TYR OXT  O N N 360 
TYR H    H N N 361 
TYR H2   H N N 362 
TYR HA   H N N 363 
TYR HB2  H N N 364 
TYR HB3  H N N 365 
TYR HD1  H N N 366 
TYR HD2  H N N 367 
TYR HE1  H N N 368 
TYR HE2  H N N 369 
TYR HH   H N N 370 
TYR HXT  H N N 371 
VAL N    N N N 372 
VAL CA   C N S 373 
VAL C    C N N 374 
VAL O    O N N 375 
VAL CB   C N N 376 
VAL CG1  C N N 377 
VAL CG2  C N N 378 
VAL OXT  O N N 379 
VAL H    H N N 380 
VAL H2   H N N 381 
VAL HA   H N N 382 
VAL HB   H N N 383 
VAL HG11 H N N 384 
VAL HG12 H N N 385 
VAL HG13 H N N 386 
VAL HG21 H N N 387 
VAL HG22 H N N 388 
VAL HG23 H N N 389 
VAL HXT  H N N 390 
# 
loop_
_chem_comp_bond.comp_id 
_chem_comp_bond.atom_id_1 
_chem_comp_bond.atom_id_2 
_chem_comp_bond.value_order 
_chem_comp_bond.pdbx_aromatic_flag 
_chem_comp_bond.pdbx_stereo_config 
_chem_comp_bond.pdbx_ordinal 
ALA N   CA   sing N N 1   
ALA N   H    sing N N 2   
ALA N   H2   sing N N 3   
ALA CA  C    sing N N 4   
ALA CA  CB   sing N N 5   
ALA CA  HA   sing N N 6   
ALA C   O    doub N N 7   
ALA C   OXT  sing N N 8   
ALA CB  HB1  sing N N 9   
ALA CB  HB2  sing N N 10  
ALA CB  HB3  sing N N 11  
ALA OXT HXT  sing N N 12  
ARG N   CA   sing N N 13  
ARG N   H    sing N N 14  
ARG N   H2   sing N N 15  
ARG CA  C    sing N N 16  
ARG CA  CB   sing N N 17  
ARG CA  HA   sing N N 18  
ARG C   O    doub N N 19  
ARG C   OXT  sing N N 20  
ARG CB  CG   sing N N 21  
ARG CB  HB2  sing N N 22  
ARG CB  HB3  sing N N 23  
ARG CG  CD   sing N N 24  
ARG CG  HG2  sing N N 25  
ARG CG  HG3  sing N N 26  
ARG CD  NE   sing N N 27  
ARG CD  HD2  sing N N 28  
ARG CD  HD3  sing N N 29  
ARG NE  CZ   sing N N 30  
ARG NE  HE   sing N N 31  
ARG CZ  NH1  sing N N 32  
ARG CZ  NH2  doub N N 33  
ARG NH1 HH11 sing N N 34  
ARG NH1 HH12 sing N N 35  
ARG NH2 HH21 sing N N 36  
ARG NH2 HH22 sing N N 37  
ARG OXT HXT  sing N N 38  
ASN N   CA   sing N N 39  
ASN N   H    sing N N 40  
ASN N   H2   sing N N 41  
ASN CA  C    sing N N 42  
ASN CA  CB   sing N N 43  
ASN CA  HA   sing N N 44  
ASN C   O    doub N N 45  
ASN C   OXT  sing N N 46  
ASN CB  CG   sing N N 47  
ASN CB  HB2  sing N N 48  
ASN CB  HB3  sing N N 49  
ASN CG  OD1  doub N N 50  
ASN CG  ND2  sing N N 51  
ASN ND2 HD21 sing N N 52  
ASN ND2 HD22 sing N N 53  
ASN OXT HXT  sing N N 54  
ASP N   CA   sing N N 55  
ASP N   H    sing N N 56  
ASP N   H2   sing N N 57  
ASP CA  C    sing N N 58  
ASP CA  CB   sing N N 59  
ASP CA  HA   sing N N 60  
ASP C   O    doub N N 61  
ASP C   OXT  sing N N 62  
ASP CB  CG   sing N N 63  
ASP CB  HB2  sing N N 64  
ASP CB  HB3  sing N N 65  
ASP CG  OD1  doub N N 66  
ASP CG  OD2  sing N N 67  
ASP OD2 HD2  sing N N 68  
ASP OXT HXT  sing N N 69  
CYS N   CA   sing N N 70  
CYS N   H    sing N N 71  
CYS N   H2   sing N N 72  
CYS CA  C    sing N N 73  
CYS CA  CB   sing N N 74  
CYS CA  HA   sing N N 75  
CYS C   O    doub N N 76  
CYS C   OXT  sing N N 77  
CYS CB  SG   sing N N 78  
CYS CB  HB2  sing N N 79  
CYS CB  HB3  sing N N 80  
CYS SG  HG   sing N N 81  
CYS OXT HXT  sing N N 82  
GLN N   CA   sing N N 83  
GLN N   H    sing N N 84  
GLN N   H2   sing N N 85  
GLN CA  C    sing N N 86  
GLN CA  CB   sing N N 87  
GLN CA  HA   sing N N 88  
GLN C   O    doub N N 89  
GLN C   OXT  sing N N 90  
GLN CB  CG   sing N N 91  
GLN CB  HB2  sing N N 92  
GLN CB  HB3  sing N N 93  
GLN CG  CD   sing N N 94  
GLN CG  HG2  sing N N 95  
GLN CG  HG3  sing N N 96  
GLN CD  OE1  doub N N 97  
GLN CD  NE2  sing N N 98  
GLN NE2 HE21 sing N N 99  
GLN NE2 HE22 sing N N 100 
GLN OXT HXT  sing N N 101 
GLU N   CA   sing N N 102 
GLU N   H    sing N N 103 
GLU N   H2   sing N N 104 
GLU CA  C    sing N N 105 
GLU CA  CB   sing N N 106 
GLU CA  HA   sing N N 107 
GLU C   O    doub N N 108 
GLU C   OXT  sing N N 109 
GLU CB  CG   sing N N 110 
GLU CB  HB2  sing N N 111 
GLU CB  HB3  sing N N 112 
GLU CG  CD   sing N N 113 
GLU CG  HG2  sing N N 114 
GLU CG  HG3  sing N N 115 
GLU CD  OE1  doub N N 116 
GLU CD  OE2  sing N N 117 
GLU OE2 HE2  sing N N 118 
GLU OXT HXT  sing N N 119 
GLY N   CA   sing N N 120 
GLY N   H    sing N N 121 
GLY N   H2   sing N N 122 
GLY CA  C    sing N N 123 
GLY CA  HA2  sing N N 124 
GLY CA  HA3  sing N N 125 
GLY C   O    doub N N 126 
GLY C   OXT  sing N N 127 
GLY OXT HXT  sing N N 128 
HIS N   CA   sing N N 129 
HIS N   H    sing N N 130 
HIS N   H2   sing N N 131 
HIS CA  C    sing N N 132 
HIS CA  CB   sing N N 133 
HIS CA  HA   sing N N 134 
HIS C   O    doub N N 135 
HIS C   OXT  sing N N 136 
HIS CB  CG   sing N N 137 
HIS CB  HB2  sing N N 138 
HIS CB  HB3  sing N N 139 
HIS CG  ND1  sing Y N 140 
HIS CG  CD2  doub Y N 141 
HIS ND1 CE1  doub Y N 142 
HIS ND1 HD1  sing N N 143 
HIS CD2 NE2  sing Y N 144 
HIS CD2 HD2  sing N N 145 
HIS CE1 NE2  sing Y N 146 
HIS CE1 HE1  sing N N 147 
HIS NE2 HE2  sing N N 148 
HIS OXT HXT  sing N N 149 
HOH O   H1   sing N N 150 
HOH O   H2   sing N N 151 
ILE N   CA   sing N N 152 
ILE N   H    sing N N 153 
ILE N   H2   sing N N 154 
ILE CA  C    sing N N 155 
ILE CA  CB   sing N N 156 
ILE CA  HA   sing N N 157 
ILE C   O    doub N N 158 
ILE C   OXT  sing N N 159 
ILE CB  CG1  sing N N 160 
ILE CB  CG2  sing N N 161 
ILE CB  HB   sing N N 162 
ILE CG1 CD1  sing N N 163 
ILE CG1 HG12 sing N N 164 
ILE CG1 HG13 sing N N 165 
ILE CG2 HG21 sing N N 166 
ILE CG2 HG22 sing N N 167 
ILE CG2 HG23 sing N N 168 
ILE CD1 HD11 sing N N 169 
ILE CD1 HD12 sing N N 170 
ILE CD1 HD13 sing N N 171 
ILE OXT HXT  sing N N 172 
LEU N   CA   sing N N 173 
LEU N   H    sing N N 174 
LEU N   H2   sing N N 175 
LEU CA  C    sing N N 176 
LEU CA  CB   sing N N 177 
LEU CA  HA   sing N N 178 
LEU C   O    doub N N 179 
LEU C   OXT  sing N N 180 
LEU CB  CG   sing N N 181 
LEU CB  HB2  sing N N 182 
LEU CB  HB3  sing N N 183 
LEU CG  CD1  sing N N 184 
LEU CG  CD2  sing N N 185 
LEU CG  HG   sing N N 186 
LEU CD1 HD11 sing N N 187 
LEU CD1 HD12 sing N N 188 
LEU CD1 HD13 sing N N 189 
LEU CD2 HD21 sing N N 190 
LEU CD2 HD22 sing N N 191 
LEU CD2 HD23 sing N N 192 
LEU OXT HXT  sing N N 193 
LYS N   CA   sing N N 194 
LYS N   H    sing N N 195 
LYS N   H2   sing N N 196 
LYS CA  C    sing N N 197 
LYS CA  CB   sing N N 198 
LYS CA  HA   sing N N 199 
LYS C   O    doub N N 200 
LYS C   OXT  sing N N 201 
LYS CB  CG   sing N N 202 
LYS CB  HB2  sing N N 203 
LYS CB  HB3  sing N N 204 
LYS CG  CD   sing N N 205 
LYS CG  HG2  sing N N 206 
LYS CG  HG3  sing N N 207 
LYS CD  CE   sing N N 208 
LYS CD  HD2  sing N N 209 
LYS CD  HD3  sing N N 210 
LYS CE  NZ   sing N N 211 
LYS CE  HE2  sing N N 212 
LYS CE  HE3  sing N N 213 
LYS NZ  HZ1  sing N N 214 
LYS NZ  HZ2  sing N N 215 
LYS NZ  HZ3  sing N N 216 
LYS OXT HXT  sing N N 217 
MET N   CA   sing N N 218 
MET N   H    sing N N 219 
MET N   H2   sing N N 220 
MET CA  C    sing N N 221 
MET CA  CB   sing N N 222 
MET CA  HA   sing N N 223 
MET C   O    doub N N 224 
MET C   OXT  sing N N 225 
MET CB  CG   sing N N 226 
MET CB  HB2  sing N N 227 
MET CB  HB3  sing N N 228 
MET CG  SD   sing N N 229 
MET CG  HG2  sing N N 230 
MET CG  HG3  sing N N 231 
MET SD  CE   sing N N 232 
MET CE  HE1  sing N N 233 
MET CE  HE2  sing N N 234 
MET CE  HE3  sing N N 235 
MET OXT HXT  sing N N 236 
PHE N   CA   sing N N 237 
PHE N   H    sing N N 238 
PHE N   H2   sing N N 239 
PHE CA  C    sing N N 240 
PHE CA  CB   sing N N 241 
PHE CA  HA   sing N N 242 
PHE C   O    doub N N 243 
PHE C   OXT  sing N N 244 
PHE CB  CG   sing N N 245 
PHE CB  HB2  sing N N 246 
PHE CB  HB3  sing N N 247 
PHE CG  CD1  doub Y N 248 
PHE CG  CD2  sing Y N 249 
PHE CD1 CE1  sing Y N 250 
PHE CD1 HD1  sing N N 251 
PHE CD2 CE2  doub Y N 252 
PHE CD2 HD2  sing N N 253 
PHE CE1 CZ   doub Y N 254 
PHE CE1 HE1  sing N N 255 
PHE CE2 CZ   sing Y N 256 
PHE CE2 HE2  sing N N 257 
PHE CZ  HZ   sing N N 258 
PHE OXT HXT  sing N N 259 
PRO N   CA   sing N N 260 
PRO N   CD   sing N N 261 
PRO N   H    sing N N 262 
PRO CA  C    sing N N 263 
PRO CA  CB   sing N N 264 
PRO CA  HA   sing N N 265 
PRO C   O    doub N N 266 
PRO C   OXT  sing N N 267 
PRO CB  CG   sing N N 268 
PRO CB  HB2  sing N N 269 
PRO CB  HB3  sing N N 270 
PRO CG  CD   sing N N 271 
PRO CG  HG2  sing N N 272 
PRO CG  HG3  sing N N 273 
PRO CD  HD2  sing N N 274 
PRO CD  HD3  sing N N 275 
PRO OXT HXT  sing N N 276 
SER N   CA   sing N N 277 
SER N   H    sing N N 278 
SER N   H2   sing N N 279 
SER CA  C    sing N N 280 
SER CA  CB   sing N N 281 
SER CA  HA   sing N N 282 
SER C   O    doub N N 283 
SER C   OXT  sing N N 284 
SER CB  OG   sing N N 285 
SER CB  HB2  sing N N 286 
SER CB  HB3  sing N N 287 
SER OG  HG   sing N N 288 
SER OXT HXT  sing N N 289 
THR N   CA   sing N N 290 
THR N   H    sing N N 291 
THR N   H2   sing N N 292 
THR CA  C    sing N N 293 
THR CA  CB   sing N N 294 
THR CA  HA   sing N N 295 
THR C   O    doub N N 296 
THR C   OXT  sing N N 297 
THR CB  OG1  sing N N 298 
THR CB  CG2  sing N N 299 
THR CB  HB   sing N N 300 
THR OG1 HG1  sing N N 301 
THR CG2 HG21 sing N N 302 
THR CG2 HG22 sing N N 303 
THR CG2 HG23 sing N N 304 
THR OXT HXT  sing N N 305 
TRP N   CA   sing N N 306 
TRP N   H    sing N N 307 
TRP N   H2   sing N N 308 
TRP CA  C    sing N N 309 
TRP CA  CB   sing N N 310 
TRP CA  HA   sing N N 311 
TRP C   O    doub N N 312 
TRP C   OXT  sing N N 313 
TRP CB  CG   sing N N 314 
TRP CB  HB2  sing N N 315 
TRP CB  HB3  sing N N 316 
TRP CG  CD1  doub Y N 317 
TRP CG  CD2  sing Y N 318 
TRP CD1 NE1  sing Y N 319 
TRP CD1 HD1  sing N N 320 
TRP CD2 CE2  doub Y N 321 
TRP CD2 CE3  sing Y N 322 
TRP NE1 CE2  sing Y N 323 
TRP NE1 HE1  sing N N 324 
TRP CE2 CZ2  sing Y N 325 
TRP CE3 CZ3  doub Y N 326 
TRP CE3 HE3  sing N N 327 
TRP CZ2 CH2  doub Y N 328 
TRP CZ2 HZ2  sing N N 329 
TRP CZ3 CH2  sing Y N 330 
TRP CZ3 HZ3  sing N N 331 
TRP CH2 HH2  sing N N 332 
TRP OXT HXT  sing N N 333 
TYR N   CA   sing N N 334 
TYR N   H    sing N N 335 
TYR N   H2   sing N N 336 
TYR CA  C    sing N N 337 
TYR CA  CB   sing N N 338 
TYR CA  HA   sing N N 339 
TYR C   O    doub N N 340 
TYR C   OXT  sing N N 341 
TYR CB  CG   sing N N 342 
TYR CB  HB2  sing N N 343 
TYR CB  HB3  sing N N 344 
TYR CG  CD1  doub Y N 345 
TYR CG  CD2  sing Y N 346 
TYR CD1 CE1  sing Y N 347 
TYR CD1 HD1  sing N N 348 
TYR CD2 CE2  doub Y N 349 
TYR CD2 HD2  sing N N 350 
TYR CE1 CZ   doub Y N 351 
TYR CE1 HE1  sing N N 352 
TYR CE2 CZ   sing Y N 353 
TYR CE2 HE2  sing N N 354 
TYR CZ  OH   sing N N 355 
TYR OH  HH   sing N N 356 
TYR OXT HXT  sing N N 357 
VAL N   CA   sing N N 358 
VAL N   H    sing N N 359 
VAL N   H2   sing N N 360 
VAL CA  C    sing N N 361 
VAL CA  CB   sing N N 362 
VAL CA  HA   sing N N 363 
VAL C   O    doub N N 364 
VAL C   OXT  sing N N 365 
VAL CB  CG1  sing N N 366 
VAL CB  CG2  sing N N 367 
VAL CB  HB   sing N N 368 
VAL CG1 HG11 sing N N 369 
VAL CG1 HG12 sing N N 370 
VAL CG1 HG13 sing N N 371 
VAL CG2 HG21 sing N N 372 
VAL CG2 HG22 sing N N 373 
VAL CG2 HG23 sing N N 374 
VAL OXT HXT  sing N N 375 
# 
_pdbx_entity_nonpoly.entity_id   2 
_pdbx_entity_nonpoly.name        water 
_pdbx_entity_nonpoly.comp_id     HOH 
# 
_pdbx_initial_refinement_model.id               1 
_pdbx_initial_refinement_model.entity_id_list   ? 
_pdbx_initial_refinement_model.type             'experimental model' 
_pdbx_initial_refinement_model.source_name      PDB 
_pdbx_initial_refinement_model.accession_code   1DYW 
_pdbx_initial_refinement_model.details          ? 
# 
loop_
_pdbx_struct_assembly_auth_evidence.id 
_pdbx_struct_assembly_auth_evidence.assembly_id 
_pdbx_struct_assembly_auth_evidence.experimental_support 
_pdbx_struct_assembly_auth_evidence.details 
1 1 'light scattering'           'Size-exclusion chromatography with multi-angle light scattering' 
2 1 'equilibrium centrifugation' 
'Analytical ultra centrifugation- sedimentation velocity experiments also confirm dimeric nature of TvCyP1' 
# 
